data_8P8A
#
_entry.id   8P8A
#
loop_
_entity.id
_entity.type
_entity.pdbx_description
1 polymer '5D3(Fab) light chain variable domain'
2 polymer '5D3(Fab) heavy chain variable domain'
3 polymer Nanobody
4 polymer 'ATP-binding cassette sub-family G member 2'
5 branched 2-acetamido-2-deoxy-beta-D-glucopyranose-(1-4)-2-acetamido-2-deoxy-beta-D-glucopyranose
#
loop_
_entity_poly.entity_id
_entity_poly.type
_entity_poly.pdbx_seq_one_letter_code
_entity_poly.pdbx_strand_id
1 'polypeptide(L)'
;DIVLTQSPSSFSVSLGDRVTISCKASGYILNRLAWYQQKPGNAPRLLISGATSLETGFPSRFSGTGSGKDYTLSISSLQT
EDVGTYYCQQYWSTPWTFGGGTKLEIRRADAAPTVSIFPPSSEQLTSGGASVVCFLNNFYPKDINVKWKIDGSERQNGVL
NSWTDQDSKDSTYSMSSTLTLTKDEYERHNSYTCEATHKTSTSPIVKSFNRNEC
;
C,E
2 'polypeptide(L)'
;QVQLQESGPGLVKPSQSLSLTCTVTGFSITSDYAWNWIRQFPGKKLEWMGYINFDGGTTYNPSLRGRISITRDTSKNQFF
LQLRSVTPEDTATYYCATFYGAKGTLDYWGQGTSVTVSSAKTTPPSVYPLAPVCGDTSGSSVTLGCLVKGYFPEPVTLTW
;
D,F
3 'polypeptide(L)'
;QVQLQESGGGLVQAGGSLRLSCTASGRTFGSYAMGWFRQAPGKDREFVAAISTTGRSTDNAGSVKGRFTISRDNAKNTVY
LQMNSLKPEDTAVYYCAARAQLMDRSRYSYDYWGQGTQVTVSS
;
Z
4 'polypeptide(L)'
;MSSSNVEVFIPVSQGNTNGFPATASNDLKAFTEGAVLSFHNICYRVKLKSGFLPCRKPVEKEILSNINGIMKPGLNAILG
PTGGGKSSLLDVLAARKDPSGLSGDVLINGAPRPANFKCNSGYVVQDDVVMGTLTVRENLQFSAALRLATTMTNHEKNER
INRVIQELGLDKVADSKVGTQFIRGVSGGERKRTSIGMELITDPSILFLDEPTTGLDSSTANAVLLLLKRMSKQGRTIIF
SIHQPRYSIFKLFDSLTLLASGRLMFHGPAQEALGYFESAGYHCEAYNNPADFFLDIINGDSTAVALNREEDFKATEIIE
PSKQDKPLIEKLAEIYVNSSFYKETKAELHQLSGGEKKKKITVFKEISYTTSFCHQLRWVSKRSFKNLLGNPQASIAQII
VTVVLGLVIGAIYFGLKNDSTGIQNRAGVLFFLTTNQCFSSVSAVELFVVEKKLFIHEYISGYYRVSSYFLGKLLSDLLP
MRMLPSIIFTCIVYFMLGLKPKADAFFVMMFTLMMVAYSASSMALAIAAGQSVVSVATLLMTICFVFMMIFSGLLVNLTT
IASWLSWLQYFSIPRYGFTALQHNEFLGQNFCPGLNATGNNPCNYATCTGEEYLVKQGIDLSPWGLWKNHVALACMIVIF
LTIAYLKLLFLKKYS
;
A,B
#
loop_
_chem_comp.id
_chem_comp.type
_chem_comp.name
_chem_comp.formula
NAG D-saccharide, beta linking 2-acetamido-2-deoxy-beta-D-glucopyranose 'C8 H15 N O6'
#
# COMPACT_ATOMS: atom_id res chain seq x y z
N ASP A 1 -15.17 26.77 29.09
CA ASP A 1 -15.15 28.05 28.40
C ASP A 1 -14.04 28.94 28.95
N ILE A 2 -14.19 30.25 28.80
CA ILE A 2 -13.23 31.22 29.30
C ILE A 2 -13.93 32.00 30.42
N VAL A 3 -13.55 31.72 31.65
CA VAL A 3 -14.08 32.45 32.79
C VAL A 3 -13.24 33.69 33.02
N LEU A 4 -13.89 34.75 33.47
CA LEU A 4 -13.26 36.06 33.64
C LEU A 4 -13.35 36.44 35.10
N THR A 5 -12.21 36.70 35.71
CA THR A 5 -12.12 36.90 37.16
C THR A 5 -11.77 38.35 37.46
N GLN A 6 -12.69 39.06 38.08
CA GLN A 6 -12.44 40.40 38.60
C GLN A 6 -12.20 40.28 40.09
N SER A 7 -10.92 40.29 40.47
CA SER A 7 -10.52 40.15 41.87
C SER A 7 -10.90 41.32 42.79
N PRO A 8 -10.81 42.62 42.38
CA PRO A 8 -11.35 43.66 43.28
C PRO A 8 -12.86 43.76 43.18
N SER A 9 -13.58 42.96 43.97
CA SER A 9 -15.03 42.94 43.93
C SER A 9 -15.67 44.24 44.42
N SER A 10 -14.95 45.04 45.21
CA SER A 10 -15.48 46.30 45.69
C SER A 10 -14.31 47.21 46.03
N PHE A 11 -14.41 48.47 45.62
CA PHE A 11 -13.41 49.48 45.94
C PHE A 11 -13.94 50.44 46.98
N SER A 12 -13.06 51.34 47.42
CA SER A 12 -13.41 52.38 48.38
C SER A 12 -12.54 53.58 48.07
N VAL A 13 -13.06 54.51 47.28
CA VAL A 13 -12.28 55.63 46.79
C VAL A 13 -12.93 56.94 47.21
N SER A 14 -12.11 57.99 47.27
CA SER A 14 -12.57 59.36 47.45
C SER A 14 -12.49 60.09 46.12
N LEU A 15 -12.73 61.40 46.16
CA LEU A 15 -12.63 62.20 44.94
C LEU A 15 -11.18 62.37 44.53
N GLY A 16 -10.98 62.65 43.24
CA GLY A 16 -9.70 63.12 42.74
C GLY A 16 -8.63 62.08 42.50
N ASP A 17 -8.69 60.92 43.15
CA ASP A 17 -7.60 59.97 43.03
C ASP A 17 -7.75 59.12 41.77
N ARG A 18 -6.81 58.20 41.58
CA ARG A 18 -6.74 57.36 40.40
C ARG A 18 -6.92 55.91 40.82
N VAL A 19 -7.89 55.24 40.21
CA VAL A 19 -8.23 53.86 40.54
C VAL A 19 -8.03 52.98 39.31
N THR A 20 -7.54 51.76 39.54
CA THR A 20 -7.34 50.77 38.48
C THR A 20 -8.15 49.53 38.81
N ILE A 21 -9.08 49.18 37.92
CA ILE A 21 -9.84 47.94 38.02
C ILE A 21 -9.18 46.91 37.11
N SER A 22 -9.00 45.69 37.62
CA SER A 22 -8.24 44.67 36.93
C SER A 22 -9.15 43.49 36.58
N CYS A 23 -9.02 43.01 35.35
CA CYS A 23 -9.74 41.84 34.88
C CYS A 23 -8.72 40.77 34.48
N LYS A 24 -9.10 39.51 34.64
CA LYS A 24 -8.19 38.39 34.44
C LYS A 24 -8.92 37.28 33.72
N ALA A 25 -8.32 36.75 32.67
CA ALA A 25 -8.96 35.74 31.83
C ALA A 25 -8.35 34.37 32.05
N SER A 26 -9.13 33.34 31.76
CA SER A 26 -8.65 31.97 31.86
C SER A 26 -7.71 31.64 30.71
N GLY A 27 -8.15 31.83 29.47
CA GLY A 27 -7.34 31.61 28.30
C GLY A 27 -6.85 32.90 27.70
N TYR A 28 -6.44 32.82 26.44
CA TYR A 28 -5.95 33.98 25.73
C TYR A 28 -7.10 34.67 25.00
N ILE A 29 -7.17 35.99 25.13
CA ILE A 29 -8.24 36.77 24.54
C ILE A 29 -7.77 37.59 23.36
N LEU A 30 -6.53 38.07 23.36
CA LEU A 30 -5.90 38.85 22.30
C LEU A 30 -6.67 40.13 22.02
N ASN A 31 -6.79 40.96 23.07
CA ASN A 31 -7.40 42.28 23.06
C ASN A 31 -8.86 42.27 22.63
N ARG A 32 -9.55 41.16 22.81
CA ARG A 32 -10.98 41.08 22.53
C ARG A 32 -11.78 41.27 23.81
N LEU A 33 -11.57 42.39 24.49
CA LEU A 33 -12.18 42.62 25.80
C LEU A 33 -12.86 43.98 25.82
N ALA A 34 -14.04 44.03 26.44
CA ALA A 34 -14.84 45.24 26.50
C ALA A 34 -15.18 45.57 27.95
N TRP A 35 -15.34 46.86 28.23
CA TRP A 35 -15.66 47.35 29.57
C TRP A 35 -17.01 48.05 29.55
N TYR A 36 -17.84 47.77 30.54
CA TYR A 36 -19.17 48.35 30.65
C TYR A 36 -19.29 49.12 31.95
N GLN A 37 -20.37 49.88 32.07
CA GLN A 37 -20.64 50.70 33.26
C GLN A 37 -22.13 50.71 33.50
N GLN A 38 -22.56 50.30 34.69
CA GLN A 38 -23.97 50.17 35.02
C GLN A 38 -24.31 51.04 36.22
N LYS A 39 -24.91 52.20 35.95
CA LYS A 39 -25.50 53.00 37.00
C LYS A 39 -26.74 52.30 37.54
N PRO A 40 -27.11 52.53 38.80
CA PRO A 40 -28.25 51.82 39.37
C PRO A 40 -29.57 52.26 38.74
N GLY A 41 -30.35 51.28 38.27
CA GLY A 41 -31.63 51.54 37.65
C GLY A 41 -31.60 51.64 36.14
N ASN A 42 -30.46 51.40 35.51
CA ASN A 42 -30.31 51.52 34.06
C ASN A 42 -29.80 50.21 33.48
N ALA A 43 -29.52 50.23 32.20
CA ALA A 43 -28.87 49.16 31.46
C ALA A 43 -27.37 49.41 31.40
N PRO A 44 -26.56 48.37 31.20
CA PRO A 44 -25.12 48.59 31.03
C PRO A 44 -24.81 49.38 29.78
N ARG A 45 -23.73 50.15 29.84
CA ARG A 45 -23.36 51.05 28.77
C ARG A 45 -21.91 50.79 28.37
N LEU A 46 -21.67 50.65 27.07
CA LEU A 46 -20.33 50.31 26.60
C LEU A 46 -19.38 51.48 26.81
N LEU A 47 -18.19 51.19 27.31
CA LEU A 47 -17.21 52.19 27.68
C LEU A 47 -15.93 52.10 26.87
N ILE A 48 -15.32 50.92 26.80
CA ILE A 48 -14.06 50.72 26.08
C ILE A 48 -14.20 49.44 25.26
N SER A 49 -13.89 49.52 23.98
CA SER A 49 -13.93 48.37 23.08
C SER A 49 -12.52 48.00 22.65
N GLY A 50 -12.29 46.70 22.48
CA GLY A 50 -10.98 46.25 22.05
C GLY A 50 -9.87 46.43 23.05
N ALA A 51 -10.22 46.60 24.33
CA ALA A 51 -9.35 46.64 25.52
C ALA A 51 -8.48 47.88 25.62
N THR A 52 -8.43 48.71 24.58
CA THR A 52 -7.69 49.98 24.61
C THR A 52 -8.46 51.15 24.02
N SER A 53 -9.44 50.92 23.16
CA SER A 53 -10.04 51.98 22.36
C SER A 53 -11.27 52.54 23.07
N LEU A 54 -11.09 53.68 23.73
CA LEU A 54 -12.21 54.37 24.36
C LEU A 54 -13.09 55.00 23.29
N GLU A 55 -14.39 54.81 23.40
CA GLU A 55 -15.33 55.29 22.39
C GLU A 55 -15.92 56.63 22.79
N THR A 56 -16.60 57.24 21.83
CA THR A 56 -17.10 58.61 21.99
C THR A 56 -18.33 58.62 22.92
N GLY A 57 -18.57 59.77 23.52
CA GLY A 57 -19.60 59.89 24.53
C GLY A 57 -19.08 59.68 25.93
N PHE A 58 -17.77 59.71 26.13
CA PHE A 58 -17.15 59.52 27.42
C PHE A 58 -15.93 60.44 27.51
N PRO A 59 -15.67 61.00 28.68
CA PRO A 59 -14.48 61.86 28.84
C PRO A 59 -13.20 61.03 28.78
N SER A 60 -12.11 61.72 28.46
CA SER A 60 -10.82 61.05 28.25
C SER A 60 -10.03 60.93 29.55
N ARG A 61 -10.70 60.45 30.60
CA ARG A 61 -10.05 60.03 31.82
C ARG A 61 -10.01 58.51 31.94
N PHE A 62 -10.70 57.81 31.07
CA PHE A 62 -10.73 56.35 31.04
C PHE A 62 -9.70 55.84 30.04
N SER A 63 -9.04 54.75 30.40
CA SER A 63 -8.03 54.16 29.52
C SER A 63 -7.94 52.67 29.83
N GLY A 64 -7.68 51.88 28.79
CA GLY A 64 -7.49 50.46 28.97
C GLY A 64 -6.14 50.00 28.46
N THR A 65 -5.45 49.17 29.22
CA THR A 65 -4.17 48.61 28.84
C THR A 65 -4.23 47.09 28.98
N GLY A 66 -3.09 46.46 28.85
CA GLY A 66 -2.99 45.03 29.11
C GLY A 66 -2.89 44.21 27.83
N SER A 67 -2.32 43.03 27.96
CA SER A 67 -2.17 42.11 26.84
C SER A 67 -2.09 40.69 27.37
N GLY A 68 -2.47 39.74 26.52
CA GLY A 68 -2.45 38.33 26.91
C GLY A 68 -3.66 37.94 27.73
N LYS A 69 -3.46 37.75 29.02
CA LYS A 69 -4.57 37.50 29.95
C LYS A 69 -4.77 38.62 30.95
N ASP A 70 -3.79 39.51 31.11
CA ASP A 70 -3.87 40.61 32.08
C ASP A 70 -4.49 41.82 31.41
N TYR A 71 -5.51 42.40 32.05
CA TYR A 71 -6.15 43.59 31.52
C TYR A 71 -6.51 44.51 32.68
N THR A 72 -6.52 45.81 32.39
CA THR A 72 -6.79 46.79 33.43
C THR A 72 -7.50 47.99 32.86
N LEU A 73 -8.46 48.51 33.61
CA LEU A 73 -9.14 49.76 33.30
C LEU A 73 -8.71 50.80 34.33
N SER A 74 -8.25 51.95 33.86
CA SER A 74 -7.76 53.00 34.74
C SER A 74 -8.63 54.25 34.60
N ILE A 75 -9.09 54.76 35.73
CA ILE A 75 -9.81 56.03 35.80
C ILE A 75 -8.93 57.01 36.54
N SER A 76 -8.23 57.87 35.80
CA SER A 76 -7.35 58.86 36.40
C SER A 76 -8.16 60.11 36.74
N SER A 77 -8.08 60.53 38.01
CA SER A 77 -8.80 61.68 38.57
C SER A 77 -10.32 61.52 38.40
N LEU A 78 -10.85 60.56 39.14
CA LEU A 78 -12.25 60.18 39.00
C LEU A 78 -13.18 61.30 39.48
N GLN A 79 -14.25 61.51 38.72
CA GLN A 79 -15.17 62.60 39.00
C GLN A 79 -16.37 62.00 39.73
N THR A 80 -17.43 62.79 39.93
CA THR A 80 -18.51 62.35 40.80
C THR A 80 -19.54 61.47 40.11
N GLU A 81 -19.45 61.27 38.80
CA GLU A 81 -20.37 60.42 38.07
C GLU A 81 -19.86 58.99 37.98
N ASP A 82 -18.66 58.73 38.47
CA ASP A 82 -18.00 57.45 38.27
C ASP A 82 -18.36 56.43 39.34
N VAL A 83 -19.42 56.66 40.09
CA VAL A 83 -19.96 55.65 40.98
C VAL A 83 -20.81 54.70 40.17
N GLY A 84 -20.46 53.42 40.18
CA GLY A 84 -21.21 52.44 39.44
C GLY A 84 -20.49 51.11 39.45
N THR A 85 -21.03 50.15 38.71
CA THR A 85 -20.47 48.83 38.60
C THR A 85 -19.83 48.68 37.24
N TYR A 86 -18.64 48.09 37.19
CA TYR A 86 -17.88 47.95 35.96
C TYR A 86 -17.64 46.48 35.67
N TYR A 87 -18.04 46.05 34.48
CA TYR A 87 -17.91 44.66 34.06
C TYR A 87 -16.92 44.55 32.91
N CYS A 88 -16.27 43.40 32.81
CA CYS A 88 -15.40 43.09 31.68
C CYS A 88 -15.95 41.86 30.95
N GLN A 89 -15.97 41.94 29.63
CA GLN A 89 -16.52 40.88 28.78
C GLN A 89 -15.50 40.50 27.74
N GLN A 90 -15.30 39.20 27.53
CA GLN A 90 -14.57 38.74 26.37
C GLN A 90 -15.55 38.48 25.22
N TYR A 91 -15.08 38.68 24.00
CA TYR A 91 -15.85 38.28 22.84
C TYR A 91 -14.96 37.52 21.88
N TRP A 92 -14.04 36.73 22.42
CA TRP A 92 -13.19 35.88 21.62
C TRP A 92 -13.90 34.59 21.25
N SER A 93 -14.26 33.79 22.24
CA SER A 93 -14.99 32.55 22.01
C SER A 93 -16.45 32.74 22.29
N THR A 94 -17.29 32.10 21.46
CA THR A 94 -18.71 32.41 21.28
C THR A 94 -19.61 32.32 22.51
N PRO A 95 -19.39 31.41 23.50
CA PRO A 95 -20.12 31.61 24.78
C PRO A 95 -19.52 32.77 25.57
N TRP A 96 -19.97 33.99 25.26
CA TRP A 96 -19.37 35.20 25.82
C TRP A 96 -19.65 35.31 27.31
N THR A 97 -18.60 35.57 28.08
CA THR A 97 -18.68 35.59 29.53
C THR A 97 -18.37 36.97 30.07
N PHE A 98 -19.09 37.36 31.11
CA PHE A 98 -18.91 38.65 31.77
C PHE A 98 -18.12 38.46 33.05
N GLY A 99 -17.53 39.55 33.51
CA GLY A 99 -16.85 39.53 34.80
C GLY A 99 -17.82 39.57 35.95
N GLY A 100 -17.28 39.45 37.16
CA GLY A 100 -18.12 39.44 38.34
C GLY A 100 -18.68 40.78 38.74
N GLY A 101 -18.12 41.86 38.21
CA GLY A 101 -18.58 43.19 38.57
C GLY A 101 -17.77 43.79 39.69
N THR A 102 -17.34 45.04 39.52
CA THR A 102 -16.60 45.77 40.53
C THR A 102 -17.40 47.00 40.92
N LYS A 103 -17.81 47.06 42.18
CA LYS A 103 -18.65 48.14 42.67
C LYS A 103 -17.79 49.23 43.29
N LEU A 104 -17.80 50.41 42.69
CA LEU A 104 -17.13 51.57 43.24
C LEU A 104 -18.08 52.32 44.16
N GLU A 105 -17.55 52.76 45.29
CA GLU A 105 -18.36 53.55 46.22
C GLU A 105 -17.52 54.73 46.71
N ILE A 106 -18.19 55.84 46.97
CA ILE A 106 -17.52 57.10 47.29
C ILE A 106 -17.49 57.25 48.81
N ARG A 107 -16.46 57.94 49.30
CA ARG A 107 -16.31 58.17 50.72
C ARG A 107 -16.69 59.60 51.09
N VAL B 2 -31.33 50.00 16.85
CA VAL B 2 -30.98 51.30 17.39
C VAL B 2 -31.82 51.64 18.63
N GLN B 3 -33.12 51.41 18.53
CA GLN B 3 -34.02 51.63 19.67
C GLN B 3 -34.76 50.32 19.92
N LEU B 4 -34.67 49.81 21.16
CA LEU B 4 -35.17 48.50 21.50
C LEU B 4 -36.03 48.62 22.75
N GLN B 5 -37.12 47.86 22.82
CA GLN B 5 -37.92 47.80 24.04
C GLN B 5 -38.35 46.36 24.28
N GLU B 6 -38.24 45.91 25.54
CA GLU B 6 -38.74 44.60 25.95
C GLU B 6 -40.14 44.73 26.51
N SER B 7 -40.94 43.69 26.30
CA SER B 7 -42.27 43.62 26.87
C SER B 7 -42.65 42.16 27.07
N GLY B 8 -43.63 41.93 27.93
CA GLY B 8 -44.09 40.59 28.21
C GLY B 8 -44.53 40.37 29.64
N PRO B 9 -44.83 39.12 29.99
CA PRO B 9 -45.28 38.82 31.36
C PRO B 9 -44.13 38.89 32.35
N GLY B 10 -44.46 39.29 33.58
CA GLY B 10 -43.45 39.45 34.61
C GLY B 10 -43.71 38.59 35.83
N LEU B 11 -44.66 37.66 35.71
CA LEU B 11 -45.03 36.79 36.83
C LEU B 11 -45.51 35.46 36.22
N VAL B 12 -44.59 34.51 36.11
CA VAL B 12 -44.90 33.23 35.48
C VAL B 12 -44.74 32.11 36.50
N LYS B 13 -45.50 31.05 36.30
CA LYS B 13 -45.49 29.90 37.18
C LYS B 13 -44.26 29.03 36.92
N PRO B 14 -43.78 28.28 37.92
CA PRO B 14 -42.60 27.44 37.71
C PRO B 14 -42.93 26.24 36.84
N SER B 15 -41.93 25.84 36.03
CA SER B 15 -42.02 24.73 35.08
C SER B 15 -43.15 24.90 34.08
N GLN B 16 -43.34 26.13 33.60
CA GLN B 16 -44.41 26.43 32.65
C GLN B 16 -43.88 26.84 31.28
N SER B 17 -43.28 28.04 31.18
CA SER B 17 -42.84 28.67 29.94
C SER B 17 -42.25 30.04 30.21
N LEU B 18 -41.70 30.68 29.19
CA LEU B 18 -41.34 32.10 29.23
C LEU B 18 -41.43 32.64 27.81
N SER B 19 -41.92 33.87 27.65
CA SER B 19 -42.10 34.43 26.32
C SER B 19 -41.89 35.94 26.37
N LEU B 20 -40.78 36.39 25.80
CA LEU B 20 -40.46 37.80 25.75
C LEU B 20 -40.57 38.31 24.31
N THR B 21 -40.49 39.62 24.15
CA THR B 21 -40.60 40.24 22.84
C THR B 21 -39.82 41.54 22.84
N CYS B 22 -38.88 41.66 21.91
CA CYS B 22 -38.10 42.89 21.73
C CYS B 22 -38.45 43.49 20.39
N THR B 23 -38.94 44.73 20.40
CA THR B 23 -39.43 45.42 19.20
C THR B 23 -38.43 46.47 18.77
N VAL B 24 -37.79 46.25 17.64
CA VAL B 24 -36.74 47.13 17.16
C VAL B 24 -37.35 48.21 16.28
N THR B 25 -37.02 49.47 16.57
CA THR B 25 -37.40 50.59 15.72
C THR B 25 -36.16 51.35 15.32
N GLY B 26 -36.20 51.95 14.14
CA GLY B 26 -35.06 52.67 13.61
C GLY B 26 -34.08 51.84 12.81
N PHE B 27 -34.34 50.55 12.66
CA PHE B 27 -33.45 49.63 11.97
C PHE B 27 -34.26 48.39 11.61
N SER B 28 -33.87 47.75 10.52
CA SER B 28 -34.52 46.51 10.07
C SER B 28 -33.67 45.32 10.49
N ILE B 29 -34.30 44.33 11.12
CA ILE B 29 -33.56 43.23 11.71
C ILE B 29 -33.09 42.20 10.70
N THR B 30 -33.43 42.38 9.42
CA THR B 30 -32.92 41.51 8.37
C THR B 30 -31.65 42.08 7.75
N SER B 31 -31.22 43.26 8.17
CA SER B 31 -30.25 44.03 7.38
C SER B 31 -28.80 43.78 7.76
N ASP B 32 -28.42 44.04 9.01
CA ASP B 32 -26.98 44.09 9.26
C ASP B 32 -26.48 43.47 10.56
N TYR B 33 -27.25 43.34 11.63
CA TYR B 33 -26.65 43.05 12.93
C TYR B 33 -27.01 41.65 13.41
N ALA B 34 -26.59 41.34 14.65
CA ALA B 34 -27.04 40.16 15.38
C ALA B 34 -27.74 40.62 16.64
N TRP B 35 -28.78 39.88 17.05
CA TRP B 35 -29.73 40.34 18.05
C TRP B 35 -29.85 39.30 19.15
N ASN B 36 -29.44 39.68 20.37
CA ASN B 36 -29.27 38.71 21.44
C ASN B 36 -29.93 39.15 22.74
N TRP B 37 -29.95 38.22 23.69
CA TRP B 37 -30.59 38.37 24.97
C TRP B 37 -29.57 38.18 26.08
N ILE B 38 -29.57 39.08 27.05
CA ILE B 38 -28.68 39.04 28.20
C ILE B 38 -29.53 39.18 29.45
N ARG B 39 -29.34 38.31 30.43
CA ARG B 39 -30.06 38.38 31.69
C ARG B 39 -29.12 38.69 32.84
N GLN B 40 -29.67 39.34 33.87
CA GLN B 40 -28.88 39.79 35.01
C GLN B 40 -29.57 39.34 36.28
N PHE B 41 -28.86 38.58 37.11
CA PHE B 41 -29.43 38.01 38.31
C PHE B 41 -29.46 39.03 39.45
N PRO B 42 -30.27 38.80 40.47
CA PRO B 42 -30.11 39.57 41.72
C PRO B 42 -28.78 39.27 42.37
N GLY B 43 -28.14 40.30 42.90
CA GLY B 43 -26.72 40.18 43.18
C GLY B 43 -26.00 40.19 41.85
N LYS B 44 -25.98 41.38 41.23
CA LYS B 44 -25.85 41.62 39.79
C LYS B 44 -24.70 40.88 39.14
N LYS B 45 -25.04 39.98 38.21
CA LYS B 45 -24.05 39.12 37.56
C LYS B 45 -24.63 38.72 36.22
N LEU B 46 -24.07 39.28 35.14
CA LEU B 46 -24.66 39.15 33.82
C LEU B 46 -24.38 37.78 33.22
N GLU B 47 -25.24 37.38 32.28
CA GLU B 47 -25.07 36.14 31.56
C GLU B 47 -25.64 36.29 30.16
N TRP B 48 -24.88 35.84 29.16
CA TRP B 48 -25.31 35.91 27.76
C TRP B 48 -26.04 34.63 27.39
N MET B 49 -27.21 34.76 26.78
CA MET B 49 -28.09 33.63 26.51
C MET B 49 -27.98 33.11 25.08
N GLY B 50 -28.09 33.98 24.09
CA GLY B 50 -27.94 33.57 22.71
C GLY B 50 -28.45 34.61 21.76
N TYR B 51 -28.03 34.49 20.49
CA TYR B 51 -28.42 35.46 19.47
C TYR B 51 -29.15 34.80 18.31
N ILE B 52 -29.73 35.65 17.47
CA ILE B 52 -30.23 35.27 16.16
C ILE B 52 -29.60 36.23 15.14
N ASN B 53 -29.03 35.67 14.08
CA ASN B 53 -28.28 36.45 13.13
C ASN B 53 -29.23 37.26 12.24
N PHE B 54 -28.65 38.09 11.37
CA PHE B 54 -29.46 38.83 10.40
C PHE B 54 -30.06 37.92 9.36
N ASP B 55 -29.36 36.86 8.96
CA ASP B 55 -29.87 35.96 7.94
C ASP B 55 -30.76 34.87 8.49
N GLY B 56 -30.73 34.61 9.80
CA GLY B 56 -31.68 33.69 10.38
C GLY B 56 -31.10 32.62 11.27
N GLY B 57 -29.77 32.53 11.32
CA GLY B 57 -29.14 31.51 12.14
C GLY B 57 -29.05 31.92 13.61
N THR B 58 -29.13 30.93 14.48
CA THR B 58 -29.06 31.15 15.91
C THR B 58 -27.87 30.42 16.52
N THR B 59 -27.44 30.90 17.68
CA THR B 59 -26.38 30.29 18.47
C THR B 59 -26.70 30.52 19.93
N TYR B 60 -26.67 29.47 20.74
CA TYR B 60 -27.12 29.55 22.12
C TYR B 60 -25.97 29.25 23.09
N ASN B 61 -26.22 29.60 24.35
CA ASN B 61 -25.30 29.26 25.42
C ASN B 61 -25.40 27.77 25.71
N PRO B 62 -24.28 27.05 25.85
CA PRO B 62 -24.36 25.62 26.18
C PRO B 62 -24.88 25.35 27.59
N SER B 63 -24.96 26.34 28.47
CA SER B 63 -25.55 26.14 29.79
C SER B 63 -27.06 26.23 29.79
N LEU B 64 -27.68 26.45 28.62
CA LEU B 64 -29.13 26.38 28.44
C LEU B 64 -29.36 25.28 27.42
N ARG B 65 -29.46 24.04 27.91
CA ARG B 65 -29.41 22.86 27.06
C ARG B 65 -30.79 22.54 26.52
N GLY B 66 -31.15 23.14 25.39
CA GLY B 66 -32.44 22.91 24.78
C GLY B 66 -33.59 23.67 25.38
N ARG B 67 -33.37 24.41 26.48
CA ARG B 67 -34.46 25.18 27.07
C ARG B 67 -34.73 26.47 26.31
N ILE B 68 -33.75 27.00 25.60
CA ILE B 68 -33.86 28.29 24.95
C ILE B 68 -34.11 28.09 23.47
N SER B 69 -34.94 28.95 22.88
CA SER B 69 -35.17 28.98 21.44
C SER B 69 -35.54 30.39 21.06
N ILE B 70 -34.83 30.95 20.07
CA ILE B 70 -35.00 32.34 19.67
C ILE B 70 -35.48 32.37 18.22
N THR B 71 -36.59 33.05 17.99
CA THR B 71 -37.18 33.22 16.67
C THR B 71 -37.32 34.70 16.37
N ARG B 72 -37.94 35.03 15.23
CA ARG B 72 -38.12 36.41 14.86
C ARG B 72 -39.37 36.57 14.01
N ASP B 73 -39.72 37.83 13.74
CA ASP B 73 -40.89 38.19 12.94
C ASP B 73 -40.47 39.37 12.07
N THR B 74 -40.02 39.06 10.85
CA THR B 74 -39.39 40.06 9.98
C THR B 74 -40.37 41.11 9.47
N SER B 75 -41.67 40.81 9.44
CA SER B 75 -42.63 41.75 8.90
C SER B 75 -42.96 42.88 9.86
N LYS B 76 -42.53 42.78 11.13
CA LYS B 76 -42.82 43.85 12.08
C LYS B 76 -41.64 44.19 12.98
N ASN B 77 -40.43 43.72 12.64
CA ASN B 77 -39.17 44.00 13.34
C ASN B 77 -39.23 43.56 14.80
N GLN B 78 -39.38 42.26 15.00
CA GLN B 78 -39.44 41.70 16.34
C GLN B 78 -38.64 40.40 16.37
N PHE B 79 -38.07 40.10 17.53
CA PHE B 79 -37.49 38.80 17.79
C PHE B 79 -37.86 38.37 19.20
N PHE B 80 -38.08 37.08 19.38
CA PHE B 80 -38.69 36.56 20.60
C PHE B 80 -37.75 35.62 21.33
N LEU B 81 -37.98 35.49 22.64
CA LEU B 81 -37.27 34.56 23.50
C LEU B 81 -38.27 33.56 24.06
N GLN B 82 -37.95 32.27 23.94
CA GLN B 82 -38.82 31.22 24.46
C GLN B 82 -37.96 30.31 25.34
N LEU B 83 -38.11 30.46 26.65
CA LEU B 83 -37.37 29.68 27.64
C LEU B 83 -38.35 28.73 28.31
N ARG B 84 -38.15 27.43 28.10
CA ARG B 84 -39.07 26.42 28.61
C ARG B 84 -38.49 25.74 29.84
N SER B 85 -39.38 25.10 30.61
CA SER B 85 -39.10 24.45 31.89
C SER B 85 -38.44 25.44 32.87
N VAL B 86 -39.22 26.44 33.25
CA VAL B 86 -38.70 27.53 34.08
C VAL B 86 -38.63 27.08 35.54
N THR B 87 -37.41 26.93 36.02
CA THR B 87 -37.02 26.70 37.40
C THR B 87 -37.28 27.98 38.21
N PRO B 88 -37.42 27.90 39.53
CA PRO B 88 -37.39 29.15 40.31
C PRO B 88 -36.02 29.77 40.52
N GLU B 89 -35.02 29.39 39.74
CA GLU B 89 -33.68 29.95 39.86
C GLU B 89 -33.49 31.24 39.06
N ASP B 90 -34.14 31.38 37.91
CA ASP B 90 -33.88 32.48 37.00
C ASP B 90 -34.90 33.60 37.21
N THR B 91 -34.74 34.31 38.32
CA THR B 91 -35.54 35.50 38.63
C THR B 91 -34.75 36.74 38.19
N ALA B 92 -34.46 36.81 36.90
CA ALA B 92 -33.48 37.74 36.39
C ALA B 92 -34.16 38.96 35.77
N THR B 93 -33.35 39.84 35.21
CA THR B 93 -33.78 41.01 34.46
C THR B 93 -33.27 40.87 33.04
N TYR B 94 -34.16 40.82 32.07
CA TYR B 94 -33.83 40.39 30.72
C TYR B 94 -33.68 41.60 29.80
N TYR B 95 -32.52 41.71 29.16
CA TYR B 95 -32.22 42.77 28.20
C TYR B 95 -32.12 42.19 26.80
N CYS B 96 -32.51 42.98 25.80
CA CYS B 96 -32.22 42.66 24.41
C CYS B 96 -31.18 43.67 23.91
N ALA B 97 -30.18 43.19 23.20
CA ALA B 97 -29.07 44.02 22.74
C ALA B 97 -28.75 43.72 21.29
N THR B 98 -27.84 44.51 20.72
CA THR B 98 -27.34 44.32 19.37
C THR B 98 -25.87 43.99 19.44
N PHE B 99 -25.30 43.57 18.32
CA PHE B 99 -23.91 43.15 18.26
C PHE B 99 -23.43 43.35 16.83
N TYR B 100 -22.44 44.23 16.63
CA TYR B 100 -22.04 44.57 15.28
C TYR B 100 -21.20 43.48 14.65
N GLY B 101 -20.15 43.03 15.32
CA GLY B 101 -19.29 42.03 14.73
C GLY B 101 -18.10 42.60 14.02
N ALA B 102 -18.30 43.68 13.27
CA ALA B 102 -17.15 44.45 12.81
C ALA B 102 -16.46 45.13 13.98
N LYS B 103 -17.23 45.72 14.89
CA LYS B 103 -16.64 46.21 16.13
C LYS B 103 -16.51 45.09 17.16
N GLY B 104 -17.58 44.32 17.36
CA GLY B 104 -17.55 43.13 18.19
C GLY B 104 -18.24 43.27 19.53
N THR B 105 -18.72 44.45 19.89
CA THR B 105 -19.22 44.71 21.23
C THR B 105 -20.73 44.95 21.20
N LEU B 106 -21.34 44.83 22.37
CA LEU B 106 -22.80 45.02 22.51
C LEU B 106 -23.09 46.50 22.62
N ASP B 107 -23.41 47.13 21.48
CA ASP B 107 -23.48 48.58 21.40
C ASP B 107 -24.76 49.13 22.04
N TYR B 108 -25.92 48.76 21.51
CA TYR B 108 -27.19 49.28 21.97
C TYR B 108 -27.92 48.24 22.81
N TRP B 109 -28.58 48.71 23.87
CA TRP B 109 -29.28 47.83 24.80
C TRP B 109 -30.74 48.27 24.91
N GLY B 110 -31.56 47.36 25.42
CA GLY B 110 -32.90 47.74 25.82
C GLY B 110 -32.90 48.19 27.26
N GLN B 111 -34.01 48.80 27.68
CA GLN B 111 -34.01 49.34 29.04
C GLN B 111 -34.24 48.25 30.08
N GLY B 112 -34.97 47.19 29.73
CA GLY B 112 -35.00 45.99 30.55
C GLY B 112 -36.27 45.72 31.33
N THR B 113 -36.72 44.46 31.29
CA THR B 113 -37.88 44.03 32.05
C THR B 113 -37.47 42.93 33.03
N SER B 114 -38.23 42.79 34.11
CA SER B 114 -37.93 41.84 35.17
C SER B 114 -38.96 40.73 35.15
N VAL B 115 -38.48 39.50 35.27
CA VAL B 115 -39.33 38.31 35.25
C VAL B 115 -39.25 37.67 36.62
N THR B 116 -40.33 37.75 37.39
CA THR B 116 -40.37 37.21 38.75
C THR B 116 -41.18 35.93 38.70
N VAL B 117 -40.50 34.79 38.59
CA VAL B 117 -41.15 33.50 38.60
C VAL B 117 -41.32 33.04 40.04
N SER B 118 -42.54 32.67 40.40
CA SER B 118 -42.94 32.35 41.78
C SER B 118 -44.29 31.65 41.70
N SER B 119 -44.97 31.53 42.83
CA SER B 119 -46.33 31.00 42.84
C SER B 119 -47.15 31.61 43.98
N ASP C 1 -2.42 38.99 -14.58
CA ASP C 1 -3.05 39.75 -13.51
C ASP C 1 -4.50 40.06 -13.83
N ILE C 2 -5.04 41.11 -13.23
CA ILE C 2 -6.41 41.55 -13.48
C ILE C 2 -6.33 42.89 -14.18
N VAL C 3 -6.63 42.90 -15.47
CA VAL C 3 -6.65 44.14 -16.23
C VAL C 3 -8.04 44.75 -16.10
N LEU C 4 -8.09 46.08 -16.10
CA LEU C 4 -9.32 46.82 -15.87
C LEU C 4 -9.59 47.68 -17.09
N THR C 5 -10.75 47.50 -17.71
CA THR C 5 -11.05 48.10 -18.99
C THR C 5 -12.14 49.16 -18.82
N GLN C 6 -11.79 50.41 -19.06
CA GLN C 6 -12.75 51.51 -19.10
C GLN C 6 -13.04 51.80 -20.57
N SER C 7 -14.16 51.28 -21.06
CA SER C 7 -14.56 51.44 -22.46
C SER C 7 -14.94 52.86 -22.88
N PRO C 8 -15.65 53.69 -22.07
CA PRO C 8 -15.81 55.09 -22.49
C PRO C 8 -14.58 55.93 -22.20
N SER C 9 -13.63 55.94 -23.15
CA SER C 9 -12.38 56.67 -22.96
C SER C 9 -12.57 58.19 -22.91
N SER C 10 -13.66 58.71 -23.44
CA SER C 10 -13.93 60.13 -23.41
C SER C 10 -15.43 60.37 -23.55
N PHE C 11 -15.96 61.26 -22.72
CA PHE C 11 -17.36 61.63 -22.78
C PHE C 11 -17.50 63.02 -23.37
N SER C 12 -18.77 63.42 -23.56
CA SER C 12 -19.10 64.74 -24.08
C SER C 12 -20.45 65.12 -23.46
N VAL C 13 -20.40 65.85 -22.35
CA VAL C 13 -21.62 66.15 -21.60
C VAL C 13 -21.78 67.66 -21.47
N SER C 14 -23.02 68.08 -21.25
CA SER C 14 -23.36 69.44 -20.92
C SER C 14 -23.69 69.52 -19.42
N LEU C 15 -24.18 70.68 -18.98
CA LEU C 15 -24.56 70.83 -17.59
C LEU C 15 -25.85 70.07 -17.30
N GLY C 16 -26.04 69.74 -16.02
CA GLY C 16 -27.31 69.28 -15.52
C GLY C 16 -27.66 67.82 -15.77
N ASP C 17 -27.06 67.18 -16.77
CA ASP C 17 -27.49 65.82 -17.09
C ASP C 17 -26.79 64.80 -16.19
N ARG C 18 -27.09 63.53 -16.43
CA ARG C 18 -26.60 62.42 -15.62
C ARG C 18 -25.73 61.53 -16.49
N VAL C 19 -24.50 61.29 -16.05
CA VAL C 19 -23.52 60.51 -16.79
C VAL C 19 -23.12 59.30 -15.96
N THR C 20 -22.92 58.16 -16.63
CA THR C 20 -22.48 56.92 -16.01
C THR C 20 -21.17 56.49 -16.65
N ILE C 21 -20.12 56.38 -15.84
CA ILE C 21 -18.83 55.85 -16.29
C ILE C 21 -18.77 54.39 -15.85
N SER C 22 -18.33 53.52 -16.76
CA SER C 22 -18.37 52.09 -16.55
C SER C 22 -16.96 51.51 -16.52
N CYS C 23 -16.70 50.65 -15.55
CA CYS C 23 -15.44 49.94 -15.44
C CYS C 23 -15.70 48.45 -15.53
N LYS C 24 -14.73 47.71 -16.07
CA LYS C 24 -14.91 46.30 -16.35
C LYS C 24 -13.64 45.56 -15.99
N ALA C 25 -13.77 44.46 -15.25
CA ALA C 25 -12.63 43.72 -14.75
C ALA C 25 -12.46 42.40 -15.48
N SER C 26 -11.22 41.91 -15.48
CA SER C 26 -10.93 40.62 -16.09
C SER C 26 -11.45 39.47 -15.23
N GLY C 27 -11.05 39.44 -13.97
CA GLY C 27 -11.51 38.44 -13.04
C GLY C 27 -12.54 38.98 -12.08
N TYR C 28 -12.74 38.28 -10.97
CA TYR C 28 -13.68 38.69 -9.95
C TYR C 28 -13.00 39.57 -8.94
N ILE C 29 -13.64 40.69 -8.60
CA ILE C 29 -13.08 41.66 -7.67
C ILE C 29 -13.80 41.63 -6.32
N LEU C 30 -15.10 41.37 -6.30
CA LEU C 30 -15.95 41.29 -5.11
C LEU C 30 -15.93 42.60 -4.32
N ASN C 31 -16.35 43.66 -5.01
CA ASN C 31 -16.54 45.01 -4.49
C ASN C 31 -15.25 45.62 -3.94
N ARG C 32 -14.10 45.16 -4.41
CA ARG C 32 -12.82 45.76 -4.02
C ARG C 32 -12.36 46.76 -5.07
N LEU C 33 -13.18 47.76 -5.36
CA LEU C 33 -12.91 48.70 -6.43
C LEU C 33 -13.06 50.13 -5.93
N ALA C 34 -12.14 50.99 -6.34
CA ALA C 34 -12.09 52.38 -5.91
C ALA C 34 -12.11 53.30 -7.12
N TRP C 35 -12.68 54.50 -6.93
CA TRP C 35 -12.79 55.51 -7.98
C TRP C 35 -12.02 56.75 -7.58
N TYR C 36 -11.26 57.30 -8.51
CA TYR C 36 -10.44 58.48 -8.28
C TYR C 36 -10.87 59.60 -9.21
N GLN C 37 -10.35 60.80 -8.96
CA GLN C 37 -10.66 61.98 -9.75
C GLN C 37 -9.42 62.85 -9.82
N GLN C 38 -8.97 63.16 -11.03
CA GLN C 38 -7.73 63.90 -11.22
C GLN C 38 -8.00 65.18 -12.01
N LYS C 39 -8.09 66.30 -11.30
CA LYS C 39 -8.11 67.59 -11.96
C LYS C 39 -6.73 67.87 -12.57
N PRO C 40 -6.66 68.68 -13.63
CA PRO C 40 -5.37 68.92 -14.28
C PRO C 40 -4.43 69.73 -13.40
N GLY C 41 -3.21 69.21 -13.22
CA GLY C 41 -2.21 69.86 -12.41
C GLY C 41 -2.13 69.41 -10.97
N ASN C 42 -2.92 68.41 -10.58
CA ASN C 42 -2.97 67.93 -9.21
C ASN C 42 -2.65 66.44 -9.16
N ALA C 43 -2.79 65.86 -7.99
CA ALA C 43 -2.72 64.44 -7.72
C ALA C 43 -4.11 63.84 -7.75
N PRO C 44 -4.24 62.53 -8.00
CA PRO C 44 -5.55 61.90 -7.93
C PRO C 44 -6.10 61.91 -6.51
N ARG C 45 -7.42 61.98 -6.42
CA ARG C 45 -8.12 62.13 -5.15
C ARG C 45 -9.16 61.03 -5.02
N LEU C 46 -9.18 60.36 -3.89
CA LEU C 46 -10.09 59.24 -3.70
C LEU C 46 -11.53 59.73 -3.60
N LEU C 47 -12.44 59.04 -4.29
CA LEU C 47 -13.83 59.45 -4.39
C LEU C 47 -14.79 58.43 -3.81
N ILE C 48 -14.68 57.18 -4.20
CA ILE C 48 -15.56 56.10 -3.74
C ILE C 48 -14.71 54.90 -3.40
N SER C 49 -14.89 54.37 -2.19
CA SER C 49 -14.17 53.18 -1.75
C SER C 49 -15.14 52.01 -1.62
N GLY C 50 -14.65 50.82 -1.94
CA GLY C 50 -15.47 49.62 -1.81
C GLY C 50 -16.61 49.53 -2.81
N ALA C 51 -16.52 50.29 -3.91
CA ALA C 51 -17.38 50.27 -5.09
C ALA C 51 -18.78 50.83 -4.86
N THR C 52 -19.16 51.09 -3.61
CA THR C 52 -20.45 51.72 -3.29
C THR C 52 -20.35 52.83 -2.26
N SER C 53 -19.31 52.87 -1.43
CA SER C 53 -19.29 53.73 -0.25
C SER C 53 -18.61 55.05 -0.59
N LEU C 54 -19.41 56.08 -0.85
CA LEU C 54 -18.88 57.41 -1.07
C LEU C 54 -18.37 58.01 0.23
N GLU C 55 -17.17 58.56 0.20
CA GLU C 55 -16.53 59.07 1.40
C GLU C 55 -16.77 60.57 1.55
N THR C 56 -16.43 61.08 2.73
CA THR C 56 -16.72 62.46 3.10
C THR C 56 -15.78 63.41 2.37
N GLY C 57 -16.22 64.66 2.23
CA GLY C 57 -15.51 65.62 1.42
C GLY C 57 -15.97 65.68 -0.02
N PHE C 58 -17.12 65.09 -0.32
CA PHE C 58 -17.68 65.06 -1.66
C PHE C 58 -19.19 65.18 -1.56
N PRO C 59 -19.82 65.89 -2.49
CA PRO C 59 -21.29 65.99 -2.47
C PRO C 59 -21.94 64.66 -2.83
N SER C 60 -23.19 64.51 -2.41
CA SER C 60 -23.91 63.26 -2.59
C SER C 60 -24.64 63.20 -3.93
N ARG C 61 -23.92 63.53 -4.99
CA ARG C 61 -24.37 63.28 -6.35
C ARG C 61 -23.63 62.12 -6.99
N PHE C 62 -22.59 61.62 -6.33
CA PHE C 62 -21.81 60.49 -6.80
C PHE C 62 -22.32 59.22 -6.15
N SER C 63 -22.35 58.13 -6.92
CA SER C 63 -22.80 56.85 -6.41
C SER C 63 -22.14 55.75 -7.21
N GLY C 64 -21.84 54.63 -6.54
CA GLY C 64 -21.28 53.49 -7.22
C GLY C 64 -22.13 52.26 -7.03
N THR C 65 -22.37 51.51 -8.11
CA THR C 65 -23.12 50.27 -8.06
C THR C 65 -22.29 49.17 -8.71
N GLY C 66 -22.92 48.02 -8.93
CA GLY C 66 -22.28 46.96 -9.66
C GLY C 66 -21.82 45.83 -8.76
N SER C 67 -21.70 44.64 -9.34
CA SER C 67 -21.23 43.45 -8.63
C SER C 67 -20.61 42.48 -9.62
N GLY C 68 -19.71 41.64 -9.11
CA GLY C 68 -19.03 40.67 -9.95
C GLY C 68 -17.88 41.28 -10.72
N LYS C 69 -18.07 41.48 -12.02
CA LYS C 69 -17.10 42.17 -12.85
C LYS C 69 -17.60 43.50 -13.39
N ASP C 70 -18.91 43.75 -13.33
CA ASP C 70 -19.50 44.97 -13.86
C ASP C 70 -19.55 46.01 -12.76
N TYR C 71 -19.05 47.22 -13.05
CA TYR C 71 -19.07 48.30 -12.08
C TYR C 71 -19.36 49.60 -12.80
N THR C 72 -19.99 50.53 -12.10
CA THR C 72 -20.38 51.79 -12.71
C THR C 72 -20.35 52.91 -11.68
N LEU C 73 -19.88 54.07 -12.10
CA LEU C 73 -19.93 55.30 -11.33
C LEU C 73 -20.93 56.24 -11.97
N SER C 74 -21.88 56.74 -11.19
CA SER C 74 -22.93 57.60 -11.71
C SER C 74 -22.83 58.97 -11.07
N ILE C 75 -22.81 60.01 -11.90
CA ILE C 75 -22.87 61.40 -11.46
C ILE C 75 -24.20 61.96 -11.90
N SER C 76 -25.16 62.03 -10.99
CA SER C 76 -26.49 62.55 -11.30
C SER C 76 -26.48 64.06 -11.12
N SER C 77 -26.89 64.78 -12.17
CA SER C 77 -26.94 66.25 -12.22
C SER C 77 -25.55 66.85 -11.95
N LEU C 78 -24.66 66.63 -12.92
CA LEU C 78 -23.26 67.02 -12.77
C LEU C 78 -23.11 68.53 -12.74
N GLN C 79 -22.25 69.00 -11.85
CA GLN C 79 -22.05 70.42 -11.63
C GLN C 79 -20.80 70.83 -12.39
N THR C 80 -20.33 72.06 -12.21
CA THR C 80 -19.26 72.59 -13.05
C THR C 80 -17.86 72.19 -12.61
N GLU C 81 -17.72 71.53 -11.46
CA GLU C 81 -16.42 71.10 -10.97
C GLU C 81 -16.10 69.69 -11.41
N ASP C 82 -17.03 69.03 -12.09
CA ASP C 82 -16.90 67.62 -12.42
C ASP C 82 -16.16 67.38 -13.72
N VAL C 83 -15.46 68.37 -14.23
CA VAL C 83 -14.56 68.16 -15.35
C VAL C 83 -13.25 67.58 -14.83
N GLY C 84 -12.89 66.40 -15.31
CA GLY C 84 -11.66 65.77 -14.87
C GLY C 84 -11.58 64.36 -15.41
N THR C 85 -10.56 63.64 -14.99
CA THR C 85 -10.34 62.27 -15.41
C THR C 85 -10.67 61.35 -14.25
N TYR C 86 -11.36 60.26 -14.53
CA TYR C 86 -11.83 59.33 -13.51
C TYR C 86 -11.23 57.96 -13.76
N TYR C 87 -10.56 57.41 -12.75
CA TYR C 87 -9.90 56.12 -12.84
C TYR C 87 -10.59 55.12 -11.92
N CYS C 88 -10.51 53.84 -12.28
CA CYS C 88 -10.98 52.77 -11.43
C CYS C 88 -9.82 51.85 -11.11
N GLN C 89 -9.71 51.45 -9.84
CA GLN C 89 -8.61 50.63 -9.36
C GLN C 89 -9.18 49.43 -8.61
N GLN C 90 -8.65 48.24 -8.88
CA GLN C 90 -8.91 47.10 -8.03
C GLN C 90 -7.85 47.02 -6.95
N TYR C 91 -8.23 46.51 -5.79
CA TYR C 91 -7.26 46.20 -4.76
C TYR C 91 -7.53 44.80 -4.21
N TRP C 92 -7.96 43.90 -5.09
CA TRP C 92 -8.15 42.51 -4.71
C TRP C 92 -6.83 41.75 -4.73
N SER C 93 -6.20 41.67 -5.90
CA SER C 93 -4.93 40.98 -6.03
C SER C 93 -3.80 41.99 -6.07
N THR C 94 -2.69 41.65 -5.42
CA THR C 94 -1.62 42.56 -5.00
C THR C 94 -0.93 43.38 -6.09
N PRO C 95 -0.73 42.90 -7.34
CA PRO C 95 -0.35 43.86 -8.39
C PRO C 95 -1.53 44.74 -8.79
N TRP C 96 -1.75 45.83 -8.05
CA TRP C 96 -2.95 46.64 -8.22
C TRP C 96 -2.91 47.39 -9.55
N THR C 97 -4.00 47.31 -10.29
CA THR C 97 -4.09 47.86 -11.63
C THR C 97 -5.12 48.97 -11.68
N PHE C 98 -4.82 50.01 -12.45
CA PHE C 98 -5.70 51.15 -12.65
C PHE C 98 -6.40 51.02 -14.00
N GLY C 99 -7.52 51.73 -14.12
CA GLY C 99 -8.20 51.81 -15.39
C GLY C 99 -7.50 52.74 -16.35
N GLY C 100 -8.02 52.78 -17.59
CA GLY C 100 -7.40 53.61 -18.60
C GLY C 100 -7.67 55.09 -18.46
N GLY C 101 -8.66 55.47 -17.65
CA GLY C 101 -9.00 56.86 -17.49
C GLY C 101 -10.11 57.31 -18.41
N THR C 102 -11.10 57.99 -17.87
CA THR C 102 -12.21 58.52 -18.65
C THR C 102 -12.21 60.04 -18.51
N LYS C 103 -12.02 60.73 -19.63
CA LYS C 103 -11.90 62.18 -19.63
C LYS C 103 -13.26 62.80 -19.93
N LEU C 104 -13.80 63.53 -18.97
CA LEU C 104 -15.04 64.27 -19.15
C LEU C 104 -14.72 65.66 -19.65
N GLU C 105 -15.50 66.14 -20.62
CA GLU C 105 -15.32 67.49 -21.13
C GLU C 105 -16.69 68.14 -21.27
N ILE C 106 -16.72 69.45 -21.06
CA ILE C 106 -17.97 70.19 -21.01
C ILE C 106 -18.23 70.82 -22.38
N ARG C 107 -19.50 70.98 -22.71
CA ARG C 107 -19.90 71.58 -23.98
C ARG C 107 -20.35 73.03 -23.79
N VAL D 2 0.45 61.33 6.33
CA VAL D 2 -0.58 62.35 6.25
C VAL D 2 -0.17 63.47 5.30
N GLN D 3 1.06 63.96 5.44
CA GLN D 3 1.60 64.98 4.55
C GLN D 3 2.87 64.43 3.93
N LEU D 4 2.94 64.42 2.60
CA LEU D 4 4.02 63.78 1.87
C LEU D 4 4.55 64.75 0.83
N GLN D 5 5.87 64.75 0.62
CA GLN D 5 6.45 65.55 -0.46
C GLN D 5 7.54 64.74 -1.15
N GLU D 6 7.56 64.78 -2.47
CA GLU D 6 8.61 64.15 -3.25
C GLU D 6 9.68 65.17 -3.60
N SER D 7 10.93 64.71 -3.70
CA SER D 7 12.03 65.55 -4.10
C SER D 7 13.09 64.67 -4.75
N GLY D 8 13.95 65.31 -5.54
CA GLY D 8 15.02 64.60 -6.21
C GLY D 8 15.36 65.16 -7.58
N PRO D 9 16.23 64.46 -8.31
CA PRO D 9 16.62 64.93 -9.64
C PRO D 9 15.50 64.74 -10.65
N GLY D 10 15.47 65.64 -11.63
CA GLY D 10 14.43 65.60 -12.64
C GLY D 10 14.97 65.49 -14.04
N LEU D 11 16.26 65.22 -14.17
CA LEU D 11 16.93 65.13 -15.47
C LEU D 11 18.09 64.13 -15.32
N VAL D 12 17.82 62.87 -15.64
CA VAL D 12 18.80 61.81 -15.46
C VAL D 12 19.15 61.21 -16.82
N LYS D 13 20.37 60.71 -16.92
CA LYS D 13 20.87 60.12 -18.14
C LYS D 13 20.31 58.70 -18.33
N PRO D 14 20.19 58.23 -19.57
CA PRO D 14 19.66 56.88 -19.79
C PRO D 14 20.65 55.82 -19.36
N SER D 15 20.09 54.70 -18.85
CA SER D 15 20.84 53.55 -18.34
C SER D 15 21.81 53.92 -17.23
N GLN D 16 21.39 54.82 -16.34
CA GLN D 16 22.23 55.27 -15.23
C GLN D 16 21.69 54.85 -13.87
N SER D 17 20.57 55.43 -13.43
CA SER D 17 20.00 55.26 -12.09
C SER D 17 18.76 56.12 -11.94
N LEU D 18 18.06 55.97 -10.81
CA LEU D 18 17.02 56.90 -10.39
C LEU D 18 16.95 56.88 -8.87
N SER D 19 16.74 58.04 -8.25
CA SER D 19 16.74 58.10 -6.80
C SER D 19 15.77 59.19 -6.35
N LEU D 20 14.65 58.77 -5.76
CA LEU D 20 13.65 59.68 -5.26
C LEU D 20 13.62 59.62 -3.73
N THR D 21 12.88 60.55 -3.14
CA THR D 21 12.79 60.64 -1.69
C THR D 21 11.44 61.25 -1.32
N CYS D 22 10.68 60.53 -0.50
CA CYS D 22 9.40 61.02 0.01
C CYS D 22 9.52 61.20 1.51
N THR D 23 9.29 62.42 1.98
CA THR D 23 9.47 62.79 3.38
C THR D 23 8.10 62.94 4.05
N VAL D 24 7.80 62.05 4.95
CA VAL D 24 6.49 62.02 5.61
C VAL D 24 6.54 62.88 6.86
N THR D 25 5.58 63.79 6.99
CA THR D 25 5.40 64.56 8.22
C THR D 25 3.98 64.37 8.72
N GLY D 26 3.83 64.43 10.04
CA GLY D 26 2.54 64.23 10.66
C GLY D 26 2.23 62.79 11.01
N PHE D 27 3.13 61.86 10.73
CA PHE D 27 2.93 60.44 10.97
C PHE D 27 4.29 59.78 10.95
N SER D 28 4.41 58.69 11.71
CA SER D 28 5.65 57.91 11.77
C SER D 28 5.51 56.70 10.88
N ILE D 29 6.50 56.46 10.01
CA ILE D 29 6.38 55.43 9.00
C ILE D 29 6.62 54.03 9.54
N THR D 30 6.95 53.90 10.82
CA THR D 30 7.08 52.59 11.44
C THR D 30 5.77 52.15 12.10
N SER D 31 4.75 53.00 12.07
CA SER D 31 3.61 52.83 12.98
C SER D 31 2.48 51.99 12.39
N ASP D 32 1.88 52.44 11.28
CA ASP D 32 0.62 51.82 10.90
C ASP D 32 0.39 51.52 9.43
N TYR D 33 1.01 52.20 8.47
CA TYR D 33 0.51 52.11 7.09
C TYR D 33 1.49 51.38 6.19
N ALA D 34 1.18 51.34 4.90
CA ALA D 34 2.09 50.91 3.85
C ALA D 34 2.33 52.07 2.90
N TRP D 35 3.55 52.18 2.37
CA TRP D 35 4.02 53.38 1.70
C TRP D 35 4.54 53.02 0.33
N ASN D 36 3.88 53.52 -0.72
CA ASN D 36 4.12 53.06 -2.08
C ASN D 36 4.33 54.19 -3.06
N TRP D 37 4.73 53.80 -4.27
CA TRP D 37 5.07 54.71 -5.35
C TRP D 37 4.19 54.41 -6.56
N ILE D 38 3.62 55.46 -7.15
CA ILE D 38 2.77 55.35 -8.33
C ILE D 38 3.29 56.35 -9.35
N ARG D 39 3.49 55.89 -10.59
CA ARG D 39 3.93 56.77 -11.66
C ARG D 39 2.86 56.92 -12.72
N GLN D 40 2.87 58.06 -13.40
CA GLN D 40 1.87 58.41 -14.40
C GLN D 40 2.55 58.86 -15.67
N PHE D 41 2.26 58.19 -16.77
CA PHE D 41 2.93 58.46 -18.03
C PHE D 41 2.30 59.65 -18.73
N PRO D 42 3.00 60.26 -19.69
CA PRO D 42 2.33 61.22 -20.59
C PRO D 42 1.30 60.51 -21.45
N GLY D 43 0.17 61.16 -21.65
CA GLY D 43 -1.00 60.43 -22.09
C GLY D 43 -1.48 59.60 -20.92
N LYS D 44 -2.05 60.30 -19.93
CA LYS D 44 -2.14 59.92 -18.52
C LYS D 44 -2.67 58.50 -18.29
N LYS D 45 -1.82 57.66 -17.71
CA LYS D 45 -2.13 56.26 -17.51
C LYS D 45 -1.30 55.79 -16.32
N LEU D 46 -1.95 55.55 -15.19
CA LEU D 46 -1.26 55.30 -13.94
C LEU D 46 -0.72 53.87 -13.88
N GLU D 47 0.31 53.68 -13.06
CA GLU D 47 0.90 52.37 -12.84
C GLU D 47 1.44 52.31 -11.42
N TRP D 48 1.13 51.21 -10.72
CA TRP D 48 1.59 51.01 -9.35
C TRP D 48 2.92 50.26 -9.38
N MET D 49 3.91 50.77 -8.63
CA MET D 49 5.26 50.24 -8.69
C MET D 49 5.59 49.28 -7.54
N GLY D 50 5.33 49.67 -6.31
CA GLY D 50 5.57 48.79 -5.19
C GLY D 50 5.54 49.53 -3.88
N TYR D 51 5.38 48.79 -2.79
CA TYR D 51 5.31 49.39 -1.46
C TYR D 51 6.38 48.86 -0.53
N ILE D 52 6.52 49.53 0.61
CA ILE D 52 7.27 49.04 1.75
C ILE D 52 6.35 49.10 2.97
N ASN D 53 6.25 48.00 3.69
CA ASN D 53 5.31 47.90 4.79
C ASN D 53 5.79 48.70 5.99
N PHE D 54 4.95 48.74 7.03
CA PHE D 54 5.33 49.41 8.27
C PHE D 54 6.44 48.64 8.98
N ASP D 55 6.43 47.32 8.92
CA ASP D 55 7.44 46.53 9.61
C ASP D 55 8.71 46.34 8.81
N GLY D 56 8.68 46.57 7.50
CA GLY D 56 9.91 46.56 6.73
C GLY D 56 9.89 45.72 5.48
N GLY D 57 8.81 44.97 5.25
CA GLY D 57 8.72 44.14 4.08
C GLY D 57 8.28 44.92 2.85
N THR D 58 8.77 44.49 1.69
CA THR D 58 8.45 45.13 0.42
C THR D 58 7.77 44.16 -0.51
N THR D 59 7.03 44.71 -1.48
CA THR D 59 6.38 43.94 -2.52
C THR D 59 6.38 44.80 -3.78
N TYR D 60 6.83 44.25 -4.91
CA TYR D 60 7.02 45.02 -6.12
C TYR D 60 6.10 44.54 -7.24
N ASN D 61 6.00 45.37 -8.26
CA ASN D 61 5.29 45.01 -9.48
C ASN D 61 6.13 44.00 -10.26
N PRO D 62 5.54 42.89 -10.74
CA PRO D 62 6.32 41.94 -11.56
C PRO D 62 6.76 42.49 -12.91
N SER D 63 6.22 43.60 -13.37
CA SER D 63 6.69 44.22 -14.62
C SER D 63 7.93 45.08 -14.42
N LEU D 64 8.46 45.17 -13.20
CA LEU D 64 9.73 45.80 -12.91
C LEU D 64 10.62 44.71 -12.31
N ARG D 65 11.29 43.97 -13.18
CA ARG D 65 11.95 42.72 -12.81
C ARG D 65 13.34 43.02 -12.27
N GLY D 66 13.44 43.28 -10.97
CA GLY D 66 14.72 43.56 -10.36
C GLY D 66 15.23 44.96 -10.54
N ARG D 67 14.55 45.80 -11.32
CA ARG D 67 15.01 47.17 -11.49
C ARG D 67 14.64 48.05 -10.32
N ILE D 68 13.60 47.71 -9.57
CA ILE D 68 13.09 48.55 -8.49
C ILE D 68 13.57 48.01 -7.15
N SER D 69 13.88 48.91 -6.23
CA SER D 69 14.21 48.54 -4.86
C SER D 69 13.82 49.70 -3.96
N ILE D 70 13.03 49.43 -2.93
CA ILE D 70 12.49 50.45 -2.04
C ILE D 70 13.01 50.22 -0.65
N THR D 71 13.63 51.25 -0.07
CA THR D 71 14.18 51.23 1.27
C THR D 71 13.55 52.36 2.09
N ARG D 72 14.03 52.54 3.31
CA ARG D 72 13.49 53.58 4.17
C ARG D 72 14.56 54.06 5.14
N ASP D 73 14.22 55.13 5.87
CA ASP D 73 15.10 55.75 6.86
C ASP D 73 14.21 56.14 8.03
N THR D 74 14.13 55.25 9.02
CA THR D 74 13.16 55.40 10.10
C THR D 74 13.50 56.54 11.05
N SER D 75 14.75 56.97 11.10
CA SER D 75 15.13 58.03 12.04
C SER D 75 14.71 59.42 11.57
N LYS D 76 14.27 59.55 10.31
CA LYS D 76 13.88 60.87 9.82
C LYS D 76 12.60 60.84 8.99
N ASN D 77 11.86 59.71 9.02
CA ASN D 77 10.58 59.51 8.33
C ASN D 77 10.71 59.72 6.81
N GLN D 78 11.48 58.85 6.20
CA GLN D 78 11.70 58.91 4.76
C GLN D 78 11.70 57.50 4.20
N PHE D 79 11.24 57.37 2.95
CA PHE D 79 11.41 56.14 2.20
C PHE D 79 11.81 56.50 0.77
N PHE D 80 12.65 55.67 0.17
CA PHE D 80 13.32 55.99 -1.07
C PHE D 80 12.94 55.03 -2.19
N LEU D 81 13.06 55.50 -3.42
CA LEU D 81 12.86 54.70 -4.62
C LEU D 81 14.17 54.64 -5.38
N GLN D 82 14.59 53.44 -5.76
CA GLN D 82 15.83 53.24 -6.51
C GLN D 82 15.48 52.40 -7.74
N LEU D 83 15.39 53.05 -8.90
CA LEU D 83 15.08 52.40 -10.16
C LEU D 83 16.34 52.40 -11.02
N ARG D 84 16.86 51.21 -11.29
CA ARG D 84 18.11 51.08 -12.03
C ARG D 84 17.85 50.67 -13.47
N SER D 85 18.87 50.91 -14.30
CA SER D 85 18.83 50.70 -15.76
C SER D 85 17.67 51.47 -16.40
N VAL D 86 17.76 52.79 -16.34
CA VAL D 86 16.67 53.66 -16.78
C VAL D 86 16.70 53.77 -18.29
N THR D 87 15.70 53.19 -18.92
CA THR D 87 15.35 53.28 -20.34
C THR D 87 14.81 54.69 -20.61
N PRO D 88 14.84 55.17 -21.86
CA PRO D 88 14.09 56.40 -22.16
C PRO D 88 12.58 56.24 -22.27
N GLU D 89 12.00 55.14 -21.78
CA GLU D 89 10.57 54.94 -21.84
C GLU D 89 9.82 55.56 -20.66
N ASP D 90 10.42 55.61 -19.48
CA ASP D 90 9.70 56.01 -18.26
C ASP D 90 9.96 57.49 -17.97
N THR D 91 9.35 58.35 -18.78
CA THR D 91 9.37 59.79 -18.57
C THR D 91 8.11 60.20 -17.82
N ALA D 92 7.95 59.66 -16.62
CA ALA D 92 6.69 59.70 -15.92
C ALA D 92 6.69 60.79 -14.85
N THR D 93 5.59 60.84 -14.10
CA THR D 93 5.43 61.72 -12.95
C THR D 93 5.21 60.84 -11.73
N TYR D 94 6.10 60.94 -10.75
CA TYR D 94 6.17 59.97 -9.66
C TYR D 94 5.51 60.51 -8.41
N TYR D 95 4.53 59.77 -7.89
CA TYR D 95 3.83 60.11 -6.66
C TYR D 95 4.19 59.11 -5.58
N CYS D 96 4.21 59.58 -4.33
CA CYS D 96 4.25 58.70 -3.17
C CYS D 96 2.91 58.77 -2.47
N ALA D 97 2.38 57.62 -2.06
CA ALA D 97 1.06 57.54 -1.47
C ALA D 97 1.09 56.62 -0.25
N THR D 98 -0.04 56.57 0.46
CA THR D 98 -0.22 55.70 1.60
C THR D 98 -1.31 54.70 1.26
N PHE D 99 -1.45 53.68 2.11
CA PHE D 99 -2.41 52.61 1.88
C PHE D 99 -2.77 52.02 3.23
N TYR D 100 -4.04 52.12 3.61
CA TYR D 100 -4.43 51.71 4.96
C TYR D 100 -4.51 50.19 5.07
N GLY D 101 -5.23 49.53 4.19
CA GLY D 101 -5.37 48.10 4.30
C GLY D 101 -6.61 47.68 5.04
N ALA D 102 -6.93 48.37 6.14
CA ALA D 102 -8.25 48.20 6.72
C ALA D 102 -9.31 48.78 5.79
N LYS D 103 -9.06 49.95 5.22
CA LYS D 103 -9.94 50.47 4.18
C LYS D 103 -9.56 49.88 2.82
N GLY D 104 -8.29 49.90 2.48
CA GLY D 104 -7.78 49.25 1.28
C GLY D 104 -7.40 50.19 0.16
N THR D 105 -7.64 51.48 0.28
CA THR D 105 -7.48 52.41 -0.83
C THR D 105 -6.34 53.37 -0.57
N LEU D 106 -5.87 54.02 -1.63
CA LEU D 106 -4.75 54.96 -1.56
C LEU D 106 -5.29 56.31 -1.11
N ASP D 107 -5.22 56.56 0.20
CA ASP D 107 -5.92 57.71 0.79
C ASP D 107 -5.19 59.02 0.51
N TYR D 108 -3.96 59.16 1.00
CA TYR D 108 -3.20 60.39 0.89
C TYR D 108 -2.14 60.25 -0.19
N TRP D 109 -1.91 61.33 -0.93
CA TRP D 109 -0.97 61.33 -2.04
C TRP D 109 0.03 62.47 -1.85
N GLY D 110 1.16 62.37 -2.55
CA GLY D 110 2.04 63.50 -2.66
C GLY D 110 1.67 64.37 -3.84
N GLN D 111 2.24 65.55 -3.91
CA GLN D 111 1.83 66.45 -4.98
C GLN D 111 2.49 66.08 -6.30
N GLY D 112 3.70 65.52 -6.28
CA GLY D 112 4.26 64.88 -7.45
C GLY D 112 5.40 65.60 -8.15
N THR D 113 6.44 64.85 -8.50
CA THR D 113 7.57 65.39 -9.24
C THR D 113 7.70 64.65 -10.57
N SER D 114 8.31 65.31 -11.55
CA SER D 114 8.44 64.78 -12.90
C SER D 114 9.89 64.44 -13.17
N VAL D 115 10.12 63.28 -13.75
CA VAL D 115 11.46 62.80 -14.06
C VAL D 115 11.59 62.73 -15.57
N THR D 116 12.38 63.61 -16.15
CA THR D 116 12.56 63.70 -17.59
C THR D 116 13.92 63.10 -17.91
N VAL D 117 13.95 61.82 -18.27
CA VAL D 117 15.18 61.15 -18.66
C VAL D 117 15.41 61.39 -20.15
N SER D 118 16.60 61.86 -20.49
CA SER D 118 16.97 62.30 -21.83
C SER D 118 18.49 62.42 -21.86
N SER D 119 19.02 63.09 -22.90
CA SER D 119 20.44 63.38 -22.96
C SER D 119 20.71 64.69 -23.72
N GLN E 1 2.36 -58.70 -8.25
CA GLN E 1 1.71 -58.40 -9.55
C GLN E 1 2.46 -59.13 -10.67
N VAL E 2 1.90 -59.12 -11.88
CA VAL E 2 2.50 -59.77 -13.09
C VAL E 2 2.73 -61.26 -12.83
N GLN E 3 1.65 -62.05 -12.80
CA GLN E 3 1.74 -63.51 -12.56
C GLN E 3 1.77 -64.22 -13.92
N LEU E 4 2.66 -65.23 -14.06
CA LEU E 4 2.77 -65.97 -15.31
C LEU E 4 2.09 -67.33 -15.18
N GLN E 5 1.51 -67.79 -16.30
CA GLN E 5 0.93 -69.13 -16.34
C GLN E 5 1.17 -69.72 -17.74
N GLU E 6 1.84 -70.85 -17.78
CA GLU E 6 2.16 -71.49 -19.05
C GLU E 6 0.99 -72.31 -19.56
N SER E 7 1.05 -72.64 -20.85
CA SER E 7 0.06 -73.52 -21.47
C SER E 7 0.76 -74.31 -22.57
N GLY E 8 0.59 -75.64 -22.54
CA GLY E 8 1.17 -76.50 -23.55
C GLY E 8 1.34 -77.93 -23.11
N GLY E 9 2.53 -78.49 -23.32
CA GLY E 9 2.76 -79.89 -23.01
C GLY E 9 2.62 -80.76 -24.25
N GLY E 10 2.22 -82.01 -24.05
CA GLY E 10 1.93 -82.90 -25.15
C GLY E 10 3.05 -83.86 -25.46
N LEU E 11 2.94 -84.49 -26.63
CA LEU E 11 3.87 -85.52 -27.08
C LEU E 11 3.78 -85.64 -28.59
N VAL E 12 4.94 -85.62 -29.25
CA VAL E 12 4.96 -85.84 -30.69
C VAL E 12 6.08 -86.82 -31.05
N GLN E 13 7.05 -86.98 -30.13
CA GLN E 13 8.25 -87.80 -30.27
C GLN E 13 9.05 -87.43 -31.51
N ALA E 14 9.65 -86.24 -31.50
CA ALA E 14 10.49 -85.66 -32.55
C ALA E 14 9.70 -85.48 -33.86
N GLY E 15 8.66 -84.67 -33.81
CA GLY E 15 7.92 -84.29 -35.00
C GLY E 15 7.89 -82.79 -35.18
N GLY E 16 8.36 -82.06 -34.16
CA GLY E 16 8.62 -80.64 -34.20
C GLY E 16 7.48 -79.70 -34.52
N SER E 17 6.42 -79.71 -33.69
CA SER E 17 5.27 -78.85 -33.96
C SER E 17 4.71 -78.25 -32.67
N LEU E 18 5.56 -77.95 -31.69
CA LEU E 18 5.11 -77.48 -30.39
C LEU E 18 5.24 -75.98 -30.26
N ARG E 19 4.35 -75.39 -29.47
CA ARG E 19 4.25 -73.93 -29.35
C ARG E 19 3.58 -73.60 -28.03
N LEU E 20 4.32 -72.97 -27.11
CA LEU E 20 3.79 -72.63 -25.80
C LEU E 20 3.34 -71.18 -25.76
N SER E 21 2.58 -70.84 -24.72
CA SER E 21 2.01 -69.50 -24.56
C SER E 21 2.00 -69.15 -23.07
N CYS E 22 3.04 -68.44 -22.62
CA CYS E 22 3.11 -68.02 -21.22
C CYS E 22 2.40 -66.68 -21.04
N THR E 23 1.18 -66.70 -20.53
CA THR E 23 0.37 -65.51 -20.42
C THR E 23 0.59 -64.83 -19.07
N ALA E 24 0.79 -63.52 -19.11
CA ALA E 24 1.10 -62.72 -17.92
C ALA E 24 -0.17 -62.02 -17.45
N SER E 25 -0.56 -62.27 -16.21
CA SER E 25 -1.71 -61.61 -15.59
C SER E 25 -1.22 -60.35 -14.88
N GLY E 26 -1.45 -59.20 -15.51
CA GLY E 26 -0.99 -57.95 -14.92
C GLY E 26 -1.54 -56.76 -15.66
N ARG E 27 -1.08 -55.58 -15.25
CA ARG E 27 -1.53 -54.33 -15.86
C ARG E 27 -0.61 -53.88 -16.97
N THR E 28 0.66 -53.63 -16.65
CA THR E 28 1.63 -53.18 -17.63
C THR E 28 2.56 -54.35 -17.98
N PHE E 29 2.42 -54.86 -19.19
CA PHE E 29 3.19 -56.01 -19.65
C PHE E 29 4.33 -55.62 -20.58
N GLY E 30 4.22 -54.48 -21.26
CA GLY E 30 5.20 -54.06 -22.23
C GLY E 30 6.51 -53.53 -21.70
N SER E 31 6.77 -53.64 -20.39
CA SER E 31 8.04 -53.22 -19.84
C SER E 31 8.95 -54.37 -19.47
N TYR E 32 8.38 -55.57 -19.30
CA TYR E 32 9.17 -56.75 -18.85
C TYR E 32 9.85 -57.47 -20.02
N ALA E 33 11.17 -57.65 -19.92
CA ALA E 33 11.95 -58.40 -20.89
C ALA E 33 12.18 -59.77 -20.29
N MET E 34 11.54 -60.78 -20.88
CA MET E 34 11.40 -62.07 -20.24
C MET E 34 12.28 -63.12 -20.93
N GLY E 35 12.16 -64.36 -20.45
CA GLY E 35 12.93 -65.45 -20.98
C GLY E 35 12.25 -66.79 -20.82
N TRP E 36 12.99 -67.88 -21.02
CA TRP E 36 12.46 -69.22 -20.91
C TRP E 36 13.54 -70.13 -20.35
N PHE E 37 13.16 -70.99 -19.39
CA PHE E 37 14.10 -71.87 -18.71
C PHE E 37 13.61 -73.31 -18.77
N ARG E 38 14.55 -74.25 -18.72
CA ARG E 38 14.25 -75.67 -18.72
C ARG E 38 14.96 -76.36 -17.55
N GLN E 39 14.41 -77.49 -17.11
CA GLN E 39 15.01 -78.28 -16.03
C GLN E 39 14.50 -79.72 -16.14
N ALA E 40 15.38 -80.63 -16.49
CA ALA E 40 15.06 -82.05 -16.42
C ALA E 40 15.27 -82.55 -15.00
N PRO E 41 14.66 -83.69 -14.63
CA PRO E 41 14.97 -84.28 -13.31
C PRO E 41 16.43 -84.72 -13.20
N GLY E 42 17.16 -84.03 -12.32
CA GLY E 42 18.54 -84.35 -12.05
C GLY E 42 19.55 -83.29 -12.46
N LYS E 43 19.17 -82.36 -13.34
CA LYS E 43 20.08 -81.32 -13.78
C LYS E 43 19.74 -80.01 -13.07
N ASP E 44 20.40 -78.92 -13.48
CA ASP E 44 20.18 -77.59 -12.93
C ASP E 44 19.41 -76.76 -13.96
N ARG E 45 18.91 -75.61 -13.52
CA ARG E 45 18.06 -74.75 -14.34
C ARG E 45 18.83 -74.15 -15.51
N GLU E 46 18.38 -74.42 -16.74
CA GLU E 46 19.10 -74.06 -17.95
C GLU E 46 18.30 -73.06 -18.77
N PHE E 47 18.96 -71.99 -19.19
CA PHE E 47 18.39 -70.95 -20.03
C PHE E 47 18.34 -71.42 -21.47
N VAL E 48 17.22 -71.17 -22.15
CA VAL E 48 17.07 -71.57 -23.55
C VAL E 48 16.87 -70.36 -24.48
N ALA E 49 16.13 -69.33 -24.06
CA ALA E 49 15.78 -68.22 -24.94
C ALA E 49 15.29 -67.05 -24.12
N ALA E 50 15.38 -65.86 -24.71
CA ALA E 50 14.89 -64.64 -24.07
C ALA E 50 14.56 -63.60 -25.13
N ILE E 51 13.43 -62.93 -24.97
CA ILE E 51 13.04 -61.81 -25.81
C ILE E 51 13.07 -60.55 -24.97
N SER E 52 13.22 -59.42 -25.64
CA SER E 52 13.18 -58.13 -24.98
C SER E 52 11.74 -57.66 -24.82
N THR E 53 11.59 -56.47 -24.27
CA THR E 53 10.31 -55.78 -24.30
C THR E 53 10.15 -55.09 -25.64
N THR E 54 8.89 -55.08 -26.14
CA THR E 54 8.46 -54.64 -27.49
C THR E 54 9.47 -55.06 -28.57
N GLY E 55 9.59 -56.38 -28.68
CA GLY E 55 10.76 -57.11 -29.15
C GLY E 55 11.56 -56.62 -30.33
N ARG E 56 12.84 -56.33 -30.06
CA ARG E 56 13.82 -55.94 -31.07
C ARG E 56 15.11 -56.75 -31.00
N SER E 57 15.43 -57.35 -29.86
CA SER E 57 16.60 -58.19 -29.71
C SER E 57 16.17 -59.52 -29.11
N THR E 58 16.97 -60.55 -29.37
CA THR E 58 16.75 -61.86 -28.78
C THR E 58 18.06 -62.39 -28.23
N ASP E 59 17.96 -63.46 -27.45
CA ASP E 59 19.10 -64.17 -26.89
C ASP E 59 18.82 -65.66 -26.96
N ASN E 60 19.83 -66.43 -27.35
CA ASN E 60 19.69 -67.87 -27.54
C ASN E 60 20.80 -68.60 -26.80
N ALA E 61 20.57 -69.89 -26.58
CA ALA E 61 21.50 -70.73 -25.84
C ALA E 61 22.60 -71.27 -26.75
N GLY E 62 23.34 -72.26 -26.27
CA GLY E 62 24.44 -72.83 -27.03
C GLY E 62 24.03 -74.01 -27.89
N SER E 63 23.11 -74.83 -27.39
CA SER E 63 22.63 -76.01 -28.11
C SER E 63 21.59 -75.68 -29.17
N VAL E 64 21.27 -74.40 -29.35
CA VAL E 64 20.24 -73.95 -30.26
C VAL E 64 20.84 -73.02 -31.31
N LYS E 65 20.98 -73.50 -32.55
CA LYS E 65 21.53 -72.66 -33.60
C LYS E 65 20.46 -71.76 -34.22
N GLY E 66 19.35 -72.35 -34.69
CA GLY E 66 18.20 -71.63 -35.19
C GLY E 66 16.97 -72.44 -34.86
N ARG E 67 17.15 -73.38 -33.96
CA ARG E 67 16.15 -74.39 -33.61
C ARG E 67 14.95 -73.82 -32.87
N PHE E 68 15.14 -72.78 -32.06
CA PHE E 68 14.07 -72.21 -31.25
C PHE E 68 13.78 -70.81 -31.77
N THR E 69 12.51 -70.39 -31.67
CA THR E 69 12.12 -69.05 -32.07
C THR E 69 11.16 -68.48 -31.03
N ILE E 70 11.49 -67.31 -30.51
CA ILE E 70 10.70 -66.65 -29.47
C ILE E 70 10.05 -65.42 -30.07
N SER E 71 8.80 -65.17 -29.66
CA SER E 71 8.04 -64.03 -30.15
C SER E 71 7.14 -63.51 -29.05
N ARG E 72 6.58 -62.33 -29.28
CA ARG E 72 5.68 -61.69 -28.32
C ARG E 72 4.85 -60.64 -29.04
N ASP E 73 3.83 -60.14 -28.34
CA ASP E 73 3.00 -59.03 -28.80
C ASP E 73 2.38 -58.37 -27.57
N ASN E 74 2.65 -57.08 -27.38
CA ASN E 74 2.27 -56.41 -26.14
C ASN E 74 0.78 -56.11 -26.06
N ALA E 75 0.07 -56.23 -27.17
CA ALA E 75 -1.38 -56.03 -27.14
C ALA E 75 -2.09 -57.24 -26.56
N LYS E 76 -1.65 -58.44 -26.93
CA LYS E 76 -2.17 -59.69 -26.39
C LYS E 76 -1.07 -60.32 -25.56
N ASN E 77 -1.17 -60.14 -24.24
CA ASN E 77 -0.03 -60.29 -23.33
C ASN E 77 0.41 -61.74 -23.24
N THR E 78 1.32 -62.14 -24.12
CA THR E 78 1.72 -63.53 -24.28
C THR E 78 3.10 -63.53 -24.92
N VAL E 79 3.95 -64.44 -24.45
CA VAL E 79 5.20 -64.78 -25.13
C VAL E 79 5.06 -66.19 -25.67
N TYR E 80 5.58 -66.43 -26.87
CA TYR E 80 5.51 -67.73 -27.52
C TYR E 80 6.91 -68.28 -27.71
N LEU E 81 7.12 -69.53 -27.34
CA LEU E 81 8.38 -70.23 -27.59
C LEU E 81 8.06 -71.35 -28.58
N GLN E 82 8.48 -71.16 -29.82
CA GLN E 82 8.27 -72.15 -30.87
C GLN E 82 9.48 -73.06 -30.95
N MET E 83 9.24 -74.36 -31.13
CA MET E 83 10.29 -75.36 -31.23
C MET E 83 10.05 -76.25 -32.44
N ASN E 84 11.13 -76.85 -32.93
CA ASN E 84 11.08 -77.89 -33.95
C ASN E 84 12.32 -78.76 -33.79
N SER E 85 12.29 -79.93 -34.44
CA SER E 85 13.37 -80.93 -34.45
C SER E 85 13.76 -81.34 -33.03
N LEU E 86 12.77 -81.94 -32.35
CA LEU E 86 12.87 -82.18 -30.91
C LEU E 86 13.74 -83.41 -30.62
N LYS E 87 15.04 -83.13 -30.53
CA LYS E 87 16.02 -84.16 -30.19
C LYS E 87 15.84 -84.58 -28.73
N PRO E 88 16.26 -85.82 -28.33
CA PRO E 88 15.89 -86.34 -27.00
C PRO E 88 16.44 -85.62 -25.76
N GLU E 89 17.23 -84.56 -25.89
CA GLU E 89 17.70 -83.84 -24.70
C GLU E 89 16.76 -82.67 -24.38
N ASP E 90 15.46 -82.98 -24.40
CA ASP E 90 14.43 -81.97 -24.33
C ASP E 90 13.38 -82.42 -23.31
N THR E 91 13.56 -83.64 -22.79
CA THR E 91 12.65 -84.20 -21.80
C THR E 91 12.83 -83.47 -20.47
N ALA E 92 12.06 -82.41 -20.27
CA ALA E 92 12.26 -81.53 -19.13
C ALA E 92 10.94 -80.82 -18.83
N VAL E 93 10.97 -79.91 -17.86
CA VAL E 93 9.86 -79.01 -17.57
C VAL E 93 10.32 -77.59 -17.89
N TYR E 94 9.42 -76.80 -18.47
CA TYR E 94 9.79 -75.53 -19.09
C TYR E 94 9.16 -74.38 -18.32
N TYR E 95 10.01 -73.52 -17.75
CA TYR E 95 9.56 -72.37 -16.97
C TYR E 95 9.74 -71.10 -17.78
N CYS E 96 8.76 -70.21 -17.71
CA CYS E 96 8.92 -68.84 -18.17
C CYS E 96 9.13 -67.94 -16.96
N ALA E 97 10.11 -67.04 -17.06
CA ALA E 97 10.36 -66.03 -16.06
C ALA E 97 10.12 -64.67 -16.70
N ALA E 98 10.31 -63.58 -15.93
CA ALA E 98 10.07 -62.24 -16.48
C ALA E 98 10.88 -61.21 -15.66
N ARG E 99 12.05 -60.83 -16.20
CA ARG E 99 12.88 -59.83 -15.54
C ARG E 99 12.25 -58.45 -15.72
N ALA E 100 12.86 -57.48 -15.01
CA ALA E 100 12.44 -56.07 -14.91
C ALA E 100 12.30 -55.41 -16.28
N GLN E 101 13.40 -55.15 -16.97
CA GLN E 101 13.42 -54.48 -18.27
C GLN E 101 14.45 -55.02 -19.25
N LEU E 102 15.21 -56.05 -18.87
CA LEU E 102 16.41 -56.43 -19.62
C LEU E 102 16.57 -57.95 -19.68
N MET E 103 17.62 -58.38 -20.37
CA MET E 103 17.76 -59.79 -20.77
C MET E 103 18.30 -60.71 -19.69
N ASP E 104 19.58 -60.51 -19.35
CA ASP E 104 20.31 -61.28 -18.34
C ASP E 104 20.30 -62.79 -18.55
N ARG E 105 21.13 -63.31 -19.47
CA ARG E 105 21.20 -64.76 -19.72
C ARG E 105 21.83 -65.49 -18.52
N SER E 106 21.08 -65.53 -17.42
CA SER E 106 21.51 -66.07 -16.14
C SER E 106 20.28 -66.42 -15.31
N ARG E 107 20.46 -66.64 -14.02
CA ARG E 107 19.34 -66.86 -13.10
C ARG E 107 19.57 -65.98 -11.88
N TYR E 108 18.66 -66.12 -10.90
CA TYR E 108 18.70 -65.42 -9.60
C TYR E 108 18.64 -63.90 -9.76
N SER E 109 18.03 -63.46 -10.86
CA SER E 109 17.73 -62.04 -11.03
C SER E 109 16.32 -61.88 -11.58
N TYR E 110 15.80 -62.94 -12.21
CA TYR E 110 14.46 -62.91 -12.75
C TYR E 110 13.43 -62.95 -11.62
N ASP E 111 12.59 -61.93 -11.59
CA ASP E 111 11.46 -61.83 -10.62
C ASP E 111 10.18 -62.29 -11.34
N TYR E 112 9.14 -62.62 -10.58
CA TYR E 112 7.82 -63.07 -11.12
C TYR E 112 7.95 -64.33 -12.00
N TRP E 113 8.13 -65.49 -11.37
CA TRP E 113 8.21 -66.77 -12.06
C TRP E 113 6.82 -67.38 -12.25
N GLY E 114 6.80 -68.53 -12.92
CA GLY E 114 5.58 -69.29 -13.13
C GLY E 114 5.73 -70.74 -12.70
N GLN E 115 4.66 -71.50 -12.89
CA GLN E 115 4.62 -72.87 -12.40
C GLN E 115 5.32 -73.87 -13.32
N GLY E 116 5.49 -73.55 -14.59
CA GLY E 116 6.10 -74.47 -15.53
C GLY E 116 5.13 -75.53 -16.04
N THR E 117 5.49 -76.12 -17.18
CA THR E 117 4.71 -77.22 -17.76
C THR E 117 5.66 -78.21 -18.41
N GLN E 118 5.26 -79.48 -18.44
CA GLN E 118 6.17 -80.56 -18.81
C GLN E 118 5.96 -80.96 -20.26
N VAL E 119 7.06 -81.06 -21.00
CA VAL E 119 7.06 -81.54 -22.38
C VAL E 119 7.64 -82.96 -22.39
N THR E 120 6.96 -83.88 -23.06
CA THR E 120 7.38 -85.27 -23.16
C THR E 120 7.71 -85.54 -24.63
N VAL E 121 8.99 -85.82 -24.90
CA VAL E 121 9.45 -86.02 -26.27
C VAL E 121 9.13 -87.43 -26.74
N GLU F 33 -8.97 -42.38 -36.75
CA GLU F 33 -8.77 -42.77 -35.36
C GLU F 33 -7.37 -42.57 -34.80
N GLY F 34 -6.39 -42.49 -35.69
CA GLY F 34 -5.03 -42.18 -35.28
C GLY F 34 -4.69 -40.74 -35.52
N ALA F 35 -3.68 -40.28 -34.78
CA ALA F 35 -3.26 -38.88 -34.84
C ALA F 35 -1.74 -38.84 -34.61
N VAL F 36 -0.98 -38.94 -35.69
CA VAL F 36 0.48 -38.89 -35.63
C VAL F 36 0.93 -37.45 -35.77
N LEU F 37 1.61 -36.94 -34.75
CA LEU F 37 2.17 -35.59 -34.80
C LEU F 37 3.66 -35.70 -35.11
N SER F 38 3.97 -35.70 -36.40
CA SER F 38 5.36 -35.74 -36.81
C SER F 38 5.98 -34.36 -36.78
N PHE F 39 7.30 -34.32 -36.64
CA PHE F 39 8.03 -33.06 -36.70
C PHE F 39 9.45 -33.34 -37.15
N HIS F 40 10.01 -32.41 -37.92
CA HIS F 40 11.22 -32.68 -38.68
C HIS F 40 12.05 -31.41 -38.78
N ASN F 41 13.30 -31.49 -38.31
CA ASN F 41 14.33 -30.45 -38.44
C ASN F 41 13.88 -29.12 -37.83
N ILE F 42 13.71 -29.12 -36.52
CA ILE F 42 13.19 -27.97 -35.79
C ILE F 42 14.35 -27.26 -35.12
N CYS F 43 14.77 -26.14 -35.67
CA CYS F 43 15.66 -25.23 -34.95
C CYS F 43 14.85 -24.05 -34.43
N TYR F 44 15.42 -23.34 -33.46
CA TYR F 44 14.70 -22.24 -32.83
C TYR F 44 15.66 -21.24 -32.21
N ARG F 45 15.50 -19.96 -32.55
CA ARG F 45 16.03 -18.88 -31.72
C ARG F 45 14.88 -18.02 -31.22
N VAL F 46 15.16 -17.28 -30.15
CA VAL F 46 14.21 -16.35 -29.55
C VAL F 46 13.89 -15.21 -30.53
N LYS F 61 20.65 -16.93 -29.01
CA LYS F 61 20.26 -18.09 -28.22
C LYS F 61 19.57 -19.11 -29.09
N GLU F 62 20.35 -20.08 -29.56
CA GLU F 62 19.85 -21.28 -30.20
C GLU F 62 19.19 -22.16 -29.14
N ILE F 63 17.86 -22.11 -29.06
CA ILE F 63 17.17 -22.81 -27.97
C ILE F 63 17.06 -24.29 -28.25
N LEU F 64 16.59 -24.66 -29.44
CA LEU F 64 16.45 -26.04 -29.85
C LEU F 64 17.33 -26.29 -31.06
N SER F 65 18.18 -27.32 -30.97
CA SER F 65 19.06 -27.71 -32.05
C SER F 65 18.35 -28.74 -32.92
N ASN F 66 19.11 -29.46 -33.74
CA ASN F 66 18.61 -30.45 -34.69
C ASN F 66 17.75 -31.52 -34.01
N ILE F 67 16.44 -31.49 -34.22
CA ILE F 67 15.49 -32.30 -33.49
C ILE F 67 14.54 -32.94 -34.47
N ASN F 68 14.46 -34.27 -34.44
CA ASN F 68 13.53 -35.04 -35.25
C ASN F 68 12.69 -35.93 -34.34
N GLY F 69 11.52 -36.36 -34.84
CA GLY F 69 10.70 -37.23 -34.03
C GLY F 69 9.32 -37.53 -34.56
N ILE F 70 8.76 -38.67 -34.13
CA ILE F 70 7.40 -39.09 -34.48
C ILE F 70 6.66 -39.34 -33.18
N MET F 71 5.44 -38.83 -33.06
CA MET F 71 4.60 -39.04 -31.90
C MET F 71 3.37 -39.86 -32.30
N LYS F 72 3.44 -41.17 -32.07
CA LYS F 72 2.35 -42.07 -32.37
C LYS F 72 1.17 -41.83 -31.41
N PRO F 73 -0.06 -42.26 -31.79
CA PRO F 73 -1.19 -42.15 -30.86
C PRO F 73 -1.12 -43.10 -29.67
N GLY F 74 -0.16 -42.87 -28.78
CA GLY F 74 -0.06 -43.63 -27.55
C GLY F 74 -0.06 -42.73 -26.34
N LEU F 75 1.04 -42.73 -25.59
CA LEU F 75 1.21 -41.86 -24.42
C LEU F 75 2.68 -41.45 -24.41
N ASN F 76 2.97 -40.30 -25.04
CA ASN F 76 4.33 -39.87 -25.30
C ASN F 76 4.87 -39.05 -24.15
N ALA F 77 6.19 -39.01 -24.01
CA ALA F 77 6.81 -38.36 -22.87
C ALA F 77 8.06 -37.61 -23.28
N ILE F 78 8.28 -36.45 -22.68
CA ILE F 78 9.47 -35.65 -22.92
C ILE F 78 10.18 -35.46 -21.59
N LEU F 79 11.43 -35.90 -21.52
CA LEU F 79 12.22 -35.84 -20.29
C LEU F 79 13.42 -34.93 -20.48
N GLY F 80 14.25 -34.84 -19.44
CA GLY F 80 15.44 -34.01 -19.48
C GLY F 80 15.48 -33.05 -18.33
N PRO F 81 16.62 -32.38 -18.14
CA PRO F 81 16.71 -31.36 -17.09
C PRO F 81 15.98 -30.09 -17.51
N THR F 82 15.81 -29.20 -16.54
CA THR F 82 15.05 -27.98 -16.78
C THR F 82 15.81 -26.99 -17.64
N GLY F 83 17.15 -27.08 -17.67
CA GLY F 83 17.93 -26.21 -18.54
C GLY F 83 17.78 -26.58 -20.00
N GLY F 84 17.49 -27.84 -20.29
CA GLY F 84 17.27 -28.28 -21.66
C GLY F 84 15.93 -27.83 -22.19
N GLY F 85 15.70 -28.17 -23.46
CA GLY F 85 14.48 -27.76 -24.14
C GLY F 85 13.31 -28.70 -23.92
N LYS F 86 13.11 -29.14 -22.68
CA LYS F 86 12.01 -30.05 -22.38
C LYS F 86 10.67 -29.33 -22.49
N SER F 87 10.55 -28.14 -21.91
CA SER F 87 9.33 -27.37 -21.97
C SER F 87 9.22 -26.53 -23.23
N SER F 88 10.33 -26.28 -23.91
CA SER F 88 10.30 -25.47 -25.11
C SER F 88 9.80 -26.26 -26.31
N LEU F 89 10.11 -27.55 -26.36
CA LEU F 89 9.62 -28.39 -27.44
C LEU F 89 8.11 -28.59 -27.32
N LEU F 90 7.60 -28.68 -26.10
CA LEU F 90 6.16 -28.80 -25.90
C LEU F 90 5.43 -27.53 -26.32
N ASP F 91 6.04 -26.37 -26.07
CA ASP F 91 5.40 -25.13 -26.49
C ASP F 91 5.52 -24.92 -28.00
N VAL F 92 6.56 -25.49 -28.62
CA VAL F 92 6.68 -25.41 -30.07
C VAL F 92 5.67 -26.33 -30.75
N LEU F 93 5.51 -27.54 -30.24
CA LEU F 93 4.60 -28.50 -30.86
C LEU F 93 3.13 -28.15 -30.63
N ALA F 94 2.82 -27.46 -29.53
CA ALA F 94 1.45 -27.06 -29.25
C ALA F 94 1.07 -25.75 -29.90
N ALA F 95 1.98 -25.13 -30.65
CA ALA F 95 1.79 -23.88 -31.40
C ALA F 95 1.38 -22.72 -30.50
N ARG F 96 1.90 -22.68 -29.27
CA ARG F 96 1.71 -21.52 -28.41
C ARG F 96 3.03 -20.82 -28.09
N LYS F 97 4.04 -21.03 -28.92
CA LYS F 97 5.22 -20.17 -28.96
C LYS F 97 5.20 -19.46 -30.31
N ASP F 98 5.75 -18.25 -30.36
CA ASP F 98 5.51 -17.35 -31.49
C ASP F 98 6.29 -17.84 -32.71
N PRO F 99 5.67 -17.90 -33.90
CA PRO F 99 6.24 -18.67 -35.00
C PRO F 99 7.36 -18.00 -35.79
N SER F 100 8.06 -17.03 -35.19
CA SER F 100 9.18 -16.41 -35.90
C SER F 100 10.38 -17.34 -35.97
N GLY F 101 10.85 -17.82 -34.81
CA GLY F 101 12.06 -18.62 -34.77
C GLY F 101 11.90 -20.06 -35.20
N LEU F 102 10.68 -20.52 -35.45
CA LEU F 102 10.45 -21.91 -35.86
C LEU F 102 10.96 -22.13 -37.27
N SER F 103 11.78 -23.18 -37.45
CA SER F 103 12.47 -23.42 -38.71
C SER F 103 12.28 -24.85 -39.19
N GLY F 104 11.10 -25.42 -38.99
CA GLY F 104 10.83 -26.76 -39.41
C GLY F 104 9.34 -26.99 -39.53
N ASP F 105 8.99 -28.15 -40.07
CA ASP F 105 7.61 -28.47 -40.40
C ASP F 105 7.03 -29.49 -39.42
N VAL F 106 5.95 -29.12 -38.76
CA VAL F 106 5.23 -30.00 -37.85
C VAL F 106 3.97 -30.46 -38.58
N LEU F 107 3.87 -31.74 -38.85
CA LEU F 107 2.81 -32.23 -39.73
C LEU F 107 1.88 -33.12 -38.92
N ILE F 108 0.60 -33.08 -39.27
CA ILE F 108 -0.43 -33.84 -38.59
C ILE F 108 -1.02 -34.79 -39.62
N ASN F 109 -0.72 -36.09 -39.48
CA ASN F 109 -1.25 -37.17 -40.33
C ASN F 109 -0.91 -37.00 -41.81
N GLY F 110 0.27 -36.48 -42.12
CA GLY F 110 0.52 -36.10 -43.50
C GLY F 110 0.52 -34.60 -43.67
N ALA F 111 -0.62 -34.05 -44.14
CA ALA F 111 -0.92 -32.65 -44.41
C ALA F 111 -0.49 -31.74 -43.24
N PRO F 112 -0.02 -30.51 -43.52
CA PRO F 112 0.63 -29.71 -42.46
C PRO F 112 -0.32 -29.17 -41.40
N ARG F 113 0.24 -28.45 -40.44
CA ARG F 113 -0.55 -27.95 -39.33
C ARG F 113 -1.42 -26.79 -39.79
N PRO F 114 -2.72 -26.80 -39.47
CA PRO F 114 -3.60 -25.74 -39.95
C PRO F 114 -3.41 -24.41 -39.24
N ALA F 115 -4.23 -23.42 -39.60
CA ALA F 115 -4.11 -22.11 -38.96
C ALA F 115 -4.68 -22.14 -37.54
N ASN F 116 -5.89 -22.66 -37.38
CA ASN F 116 -6.51 -22.74 -36.07
C ASN F 116 -6.22 -24.06 -35.35
N PHE F 117 -4.94 -24.43 -35.23
CA PHE F 117 -4.59 -25.71 -34.61
C PHE F 117 -4.82 -25.69 -33.11
N LYS F 118 -4.65 -24.53 -32.46
CA LYS F 118 -4.84 -24.44 -31.02
C LYS F 118 -6.31 -24.59 -30.60
N CYS F 119 -7.24 -24.51 -31.55
CA CYS F 119 -8.65 -24.68 -31.23
C CYS F 119 -9.03 -26.15 -31.09
N ASN F 120 -8.55 -27.02 -31.98
CA ASN F 120 -8.87 -28.45 -31.94
C ASN F 120 -7.80 -29.21 -31.16
N SER F 121 -7.50 -28.76 -29.95
CA SER F 121 -6.37 -29.28 -29.20
C SER F 121 -6.62 -29.02 -27.73
N GLY F 122 -5.68 -29.46 -26.89
CA GLY F 122 -5.75 -29.21 -25.48
C GLY F 122 -4.38 -28.85 -24.94
N TYR F 123 -4.37 -27.99 -23.94
CA TYR F 123 -3.15 -27.64 -23.26
C TYR F 123 -3.45 -27.44 -21.79
N VAL F 124 -3.03 -28.40 -20.98
CA VAL F 124 -3.16 -28.31 -19.53
C VAL F 124 -1.94 -27.59 -19.00
N VAL F 125 -2.13 -26.37 -18.52
CA VAL F 125 -1.02 -25.58 -17.99
C VAL F 125 -0.61 -26.16 -16.65
N GLN F 126 0.62 -25.87 -16.23
CA GLN F 126 1.21 -26.54 -15.07
C GLN F 126 0.58 -26.04 -13.78
N ASP F 127 0.60 -24.74 -13.57
CA ASP F 127 -0.19 -24.14 -12.49
C ASP F 127 -1.64 -24.02 -12.95
N ASP F 128 -2.54 -24.44 -12.07
CA ASP F 128 -3.96 -24.54 -12.44
C ASP F 128 -4.60 -23.16 -12.52
N VAL F 129 -5.16 -22.85 -13.69
CA VAL F 129 -5.86 -21.59 -13.90
C VAL F 129 -7.37 -21.75 -13.74
N VAL F 130 -7.83 -22.87 -13.18
CA VAL F 130 -9.23 -23.01 -12.86
C VAL F 130 -9.57 -22.08 -11.70
N MET F 131 -10.81 -21.61 -11.66
CA MET F 131 -11.22 -20.62 -10.67
C MET F 131 -11.81 -21.31 -9.46
N GLY F 132 -11.34 -20.95 -8.27
CA GLY F 132 -11.72 -21.68 -7.07
C GLY F 132 -13.13 -21.38 -6.61
N THR F 133 -13.61 -20.17 -6.86
CA THR F 133 -14.93 -19.76 -6.36
C THR F 133 -16.03 -20.13 -7.34
N LEU F 134 -16.03 -21.38 -7.79
CA LEU F 134 -17.03 -21.93 -8.68
C LEU F 134 -17.07 -23.43 -8.43
N THR F 135 -18.16 -24.06 -8.86
CA THR F 135 -18.18 -25.51 -8.78
C THR F 135 -17.45 -26.10 -10.00
N VAL F 136 -17.34 -27.42 -10.00
CA VAL F 136 -16.75 -28.10 -11.15
C VAL F 136 -17.68 -28.01 -12.36
N ARG F 137 -18.99 -28.21 -12.13
CA ARG F 137 -19.95 -28.20 -13.22
C ARG F 137 -20.13 -26.82 -13.81
N GLU F 138 -19.95 -25.75 -13.01
CA GLU F 138 -20.01 -24.40 -13.57
C GLU F 138 -18.78 -24.07 -14.41
N ASN F 139 -17.61 -24.59 -14.02
CA ASN F 139 -16.41 -24.43 -14.84
C ASN F 139 -16.54 -25.15 -16.17
N LEU F 140 -17.09 -26.36 -16.14
CA LEU F 140 -17.30 -27.08 -17.39
C LEU F 140 -18.42 -26.45 -18.22
N GLN F 141 -19.42 -25.84 -17.59
CA GLN F 141 -20.43 -25.10 -18.33
C GLN F 141 -19.85 -23.88 -19.01
N PHE F 142 -18.93 -23.19 -18.33
CA PHE F 142 -18.29 -22.01 -18.92
C PHE F 142 -17.45 -22.40 -20.13
N SER F 143 -16.66 -23.47 -20.00
CA SER F 143 -15.84 -23.96 -21.10
C SER F 143 -16.71 -24.43 -22.27
N ALA F 144 -17.81 -25.13 -21.98
CA ALA F 144 -18.68 -25.64 -23.04
C ALA F 144 -19.46 -24.52 -23.71
N ALA F 145 -19.80 -23.47 -22.97
CA ALA F 145 -20.57 -22.38 -23.55
C ALA F 145 -19.69 -21.47 -24.40
N LEU F 146 -18.41 -21.31 -24.03
CA LEU F 146 -17.55 -20.45 -24.83
C LEU F 146 -16.72 -21.18 -25.87
N ARG F 147 -16.68 -22.51 -25.86
CA ARG F 147 -15.86 -23.24 -26.81
C ARG F 147 -16.62 -24.09 -27.81
N LEU F 148 -17.80 -24.58 -27.47
CA LEU F 148 -18.57 -25.39 -28.41
C LEU F 148 -19.36 -24.48 -29.34
N ALA F 149 -20.17 -25.06 -30.21
CA ALA F 149 -20.93 -24.29 -31.17
C ALA F 149 -22.13 -23.63 -30.50
N THR F 150 -22.77 -22.72 -31.23
CA THR F 150 -23.99 -22.09 -30.78
C THR F 150 -25.25 -22.84 -31.23
N THR F 151 -25.09 -23.86 -32.08
CA THR F 151 -26.24 -24.58 -32.63
C THR F 151 -26.84 -25.57 -31.63
N MET F 152 -26.00 -26.23 -30.83
CA MET F 152 -26.49 -27.13 -29.81
C MET F 152 -27.00 -26.35 -28.60
N THR F 153 -28.13 -26.80 -28.05
CA THR F 153 -28.76 -26.14 -26.91
C THR F 153 -28.28 -26.77 -25.60
N ASN F 154 -28.88 -26.30 -24.49
CA ASN F 154 -28.46 -26.68 -23.13
C ASN F 154 -28.50 -28.18 -22.86
N HIS F 155 -29.38 -28.92 -23.53
CA HIS F 155 -29.53 -30.34 -23.23
C HIS F 155 -28.31 -31.15 -23.70
N GLU F 156 -27.88 -30.95 -24.94
CA GLU F 156 -26.74 -31.72 -25.46
C GLU F 156 -25.43 -31.28 -24.83
N LYS F 157 -25.29 -29.98 -24.56
CA LYS F 157 -24.09 -29.49 -23.89
C LYS F 157 -24.00 -30.01 -22.46
N ASN F 158 -25.13 -30.02 -21.73
CA ASN F 158 -25.15 -30.65 -20.42
C ASN F 158 -24.89 -32.15 -20.52
N GLU F 159 -25.31 -32.78 -21.61
CA GLU F 159 -25.12 -34.23 -21.73
C GLU F 159 -23.65 -34.54 -21.96
N ARG F 160 -22.99 -33.69 -22.74
CA ARG F 160 -21.54 -33.78 -22.95
C ARG F 160 -20.76 -33.51 -21.67
N ILE F 161 -21.19 -32.53 -20.88
CA ILE F 161 -20.54 -32.25 -19.60
C ILE F 161 -20.73 -33.40 -18.63
N ASN F 162 -21.92 -34.03 -18.66
CA ASN F 162 -22.14 -35.22 -17.85
C ASN F 162 -21.29 -36.39 -18.32
N ARG F 163 -21.07 -36.50 -19.63
CA ARG F 163 -20.21 -37.55 -20.16
C ARG F 163 -18.75 -37.37 -19.74
N VAL F 164 -18.26 -36.12 -19.81
CA VAL F 164 -16.89 -35.83 -19.39
C VAL F 164 -16.73 -36.00 -17.88
N ILE F 165 -17.68 -35.51 -17.09
CA ILE F 165 -17.61 -35.64 -15.64
C ILE F 165 -17.88 -37.08 -15.17
N GLN F 166 -18.42 -37.92 -16.04
CA GLN F 166 -18.61 -39.32 -15.73
C GLN F 166 -17.48 -40.20 -16.25
N GLU F 167 -16.64 -39.66 -17.14
CA GLU F 167 -15.45 -40.39 -17.57
C GLU F 167 -14.27 -40.22 -16.60
N LEU F 168 -14.06 -39.02 -16.07
CA LEU F 168 -12.90 -38.76 -15.23
C LEU F 168 -13.15 -39.07 -13.76
N GLY F 169 -14.37 -39.46 -13.40
CA GLY F 169 -14.68 -39.79 -12.03
C GLY F 169 -14.73 -38.58 -11.12
N LEU F 170 -15.71 -37.71 -11.35
CA LEU F 170 -15.89 -36.53 -10.52
C LEU F 170 -17.32 -36.42 -10.02
N ASP F 171 -17.95 -37.55 -9.72
CA ASP F 171 -19.35 -37.54 -9.27
C ASP F 171 -19.48 -37.05 -7.83
N LYS F 172 -18.51 -37.34 -6.99
CA LYS F 172 -18.58 -36.94 -5.60
C LYS F 172 -18.35 -35.44 -5.41
N VAL F 173 -17.72 -34.78 -6.37
CA VAL F 173 -17.44 -33.35 -6.24
C VAL F 173 -18.00 -32.60 -7.45
N ALA F 174 -19.04 -33.15 -8.07
CA ALA F 174 -19.64 -32.52 -9.24
C ALA F 174 -20.38 -31.24 -8.92
N ASP F 175 -20.72 -31.02 -7.65
CA ASP F 175 -21.50 -29.85 -7.26
C ASP F 175 -20.85 -29.07 -6.13
N SER F 176 -19.63 -29.44 -5.76
CA SER F 176 -18.88 -28.77 -4.72
C SER F 176 -17.95 -27.73 -5.33
N LYS F 177 -17.65 -26.69 -4.55
CA LYS F 177 -16.74 -25.65 -5.01
C LYS F 177 -15.33 -26.22 -5.14
N VAL F 178 -14.61 -25.76 -6.18
CA VAL F 178 -13.26 -26.23 -6.41
C VAL F 178 -12.33 -25.76 -5.29
N GLY F 179 -12.21 -24.45 -5.13
CA GLY F 179 -11.73 -23.89 -3.88
C GLY F 179 -10.25 -23.92 -3.62
N THR F 180 -9.78 -22.91 -2.88
CA THR F 180 -8.42 -22.85 -2.36
C THR F 180 -8.50 -22.99 -0.84
N GLN F 181 -7.43 -22.65 -0.15
CA GLN F 181 -7.50 -22.62 1.32
C GLN F 181 -8.09 -21.29 1.89
N PHE F 182 -8.93 -20.59 1.13
CA PHE F 182 -9.66 -19.42 1.62
C PHE F 182 -11.12 -19.70 1.93
N ILE F 183 -11.70 -20.76 1.35
CA ILE F 183 -13.05 -21.24 1.67
C ILE F 183 -13.03 -22.72 1.28
N ARG F 184 -13.83 -23.54 1.99
CA ARG F 184 -13.99 -24.99 1.83
C ARG F 184 -13.92 -25.50 0.39
N GLY F 185 -12.97 -26.37 0.09
CA GLY F 185 -12.73 -26.78 -1.29
C GLY F 185 -12.22 -28.19 -1.37
N VAL F 186 -12.14 -28.68 -2.61
CA VAL F 186 -11.78 -30.06 -2.89
C VAL F 186 -10.27 -30.25 -2.82
N SER F 187 -9.83 -31.51 -2.83
CA SER F 187 -8.41 -31.83 -2.77
C SER F 187 -7.72 -31.47 -4.09
N GLY F 188 -6.40 -31.41 -4.02
CA GLY F 188 -5.58 -31.06 -5.17
C GLY F 188 -5.39 -32.18 -6.17
N GLY F 189 -5.85 -33.38 -5.86
CA GLY F 189 -5.73 -34.48 -6.78
C GLY F 189 -6.82 -34.51 -7.82
N GLU F 190 -7.96 -33.87 -7.52
CA GLU F 190 -9.04 -33.77 -8.49
C GLU F 190 -9.22 -32.37 -9.04
N ARG F 191 -8.57 -31.36 -8.45
CA ARG F 191 -8.48 -30.06 -9.10
C ARG F 191 -7.72 -30.15 -10.41
N LYS F 192 -6.67 -30.99 -10.45
CA LYS F 192 -5.91 -31.19 -11.68
C LYS F 192 -6.74 -31.89 -12.73
N ARG F 193 -7.54 -32.90 -12.35
CA ARG F 193 -8.38 -33.53 -13.36
C ARG F 193 -9.61 -32.69 -13.70
N THR F 194 -9.99 -31.76 -12.84
CA THR F 194 -10.98 -30.75 -13.21
C THR F 194 -10.42 -29.85 -14.31
N SER F 195 -9.16 -29.45 -14.15
CA SER F 195 -8.50 -28.65 -15.19
C SER F 195 -8.27 -29.46 -16.46
N ILE F 196 -8.07 -30.77 -16.34
CA ILE F 196 -7.93 -31.64 -17.50
C ILE F 196 -9.27 -31.76 -18.23
N GLY F 197 -10.37 -31.84 -17.47
CA GLY F 197 -11.69 -31.93 -18.08
C GLY F 197 -12.19 -30.67 -18.76
N MET F 198 -11.53 -29.54 -18.54
CA MET F 198 -11.97 -28.30 -19.18
C MET F 198 -11.58 -28.25 -20.65
N GLU F 199 -10.59 -29.04 -21.06
CA GLU F 199 -10.18 -29.11 -22.45
C GLU F 199 -10.65 -30.37 -23.15
N LEU F 200 -11.30 -31.28 -22.45
CA LEU F 200 -11.87 -32.46 -23.08
C LEU F 200 -13.29 -32.25 -23.58
N ILE F 201 -13.82 -31.03 -23.46
CA ILE F 201 -15.18 -30.76 -23.94
C ILE F 201 -15.20 -30.71 -25.46
N THR F 202 -14.17 -30.14 -26.08
CA THR F 202 -14.14 -30.00 -27.53
C THR F 202 -13.67 -31.27 -28.23
N ASP F 203 -13.45 -32.36 -27.49
CA ASP F 203 -12.93 -33.65 -27.92
C ASP F 203 -11.66 -33.54 -28.75
N PRO F 204 -10.52 -33.18 -28.17
CA PRO F 204 -9.29 -33.14 -28.95
C PRO F 204 -8.71 -34.53 -29.13
N SER F 205 -8.15 -34.77 -30.32
CA SER F 205 -7.44 -36.02 -30.54
C SER F 205 -6.00 -35.94 -30.05
N ILE F 206 -5.44 -34.74 -29.97
CA ILE F 206 -4.11 -34.50 -29.40
C ILE F 206 -4.30 -33.68 -28.14
N LEU F 207 -3.67 -34.12 -27.06
CA LEU F 207 -3.82 -33.46 -25.75
C LEU F 207 -2.43 -33.21 -25.17
N PHE F 208 -2.08 -31.95 -24.99
CA PHE F 208 -0.79 -31.56 -24.43
C PHE F 208 -0.93 -31.28 -22.95
N LEU F 209 0.08 -31.65 -22.18
CA LEU F 209 0.10 -31.40 -20.74
C LEU F 209 1.49 -30.93 -20.34
N ASP F 210 1.56 -29.89 -19.54
CA ASP F 210 2.83 -29.35 -19.09
C ASP F 210 3.01 -29.78 -17.64
N GLU F 211 3.85 -30.82 -17.45
CA GLU F 211 4.27 -31.36 -16.16
C GLU F 211 3.10 -31.68 -15.24
N PRO F 212 2.36 -32.76 -15.49
CA PRO F 212 1.15 -33.01 -14.69
C PRO F 212 1.42 -33.66 -13.33
N THR F 213 2.67 -33.64 -12.87
CA THR F 213 3.04 -34.20 -11.57
C THR F 213 3.71 -33.19 -10.67
N THR F 214 4.17 -32.06 -11.18
CA THR F 214 4.84 -31.05 -10.37
C THR F 214 3.81 -30.34 -9.52
N GLY F 215 4.04 -30.32 -8.20
CA GLY F 215 3.12 -29.71 -7.27
C GLY F 215 2.13 -30.65 -6.62
N LEU F 216 2.15 -31.94 -6.99
CA LEU F 216 1.24 -32.91 -6.41
C LEU F 216 1.98 -33.84 -5.47
N ASP F 217 1.20 -34.49 -4.60
CA ASP F 217 1.67 -35.58 -3.76
C ASP F 217 1.66 -36.88 -4.59
N SER F 218 2.25 -37.95 -4.01
CA SER F 218 2.67 -39.11 -4.81
C SER F 218 1.50 -39.97 -5.27
N SER F 219 0.58 -40.31 -4.35
CA SER F 219 -0.50 -41.21 -4.70
C SER F 219 -1.47 -40.57 -5.69
N THR F 220 -1.70 -39.25 -5.54
CA THR F 220 -2.51 -38.54 -6.50
C THR F 220 -1.84 -38.47 -7.87
N ALA F 221 -0.51 -38.30 -7.90
CA ALA F 221 0.21 -38.25 -9.16
C ALA F 221 0.15 -39.58 -9.89
N ASN F 222 0.33 -40.69 -9.15
CA ASN F 222 0.12 -42.03 -9.71
C ASN F 222 -1.32 -42.22 -10.18
N ALA F 223 -2.28 -41.61 -9.48
CA ALA F 223 -3.68 -41.75 -9.86
C ALA F 223 -3.99 -41.07 -11.19
N VAL F 224 -3.58 -39.82 -11.37
CA VAL F 224 -3.84 -39.19 -12.67
C VAL F 224 -2.95 -39.75 -13.79
N LEU F 225 -1.80 -40.36 -13.45
CA LEU F 225 -1.04 -41.04 -14.50
C LEU F 225 -1.75 -42.29 -14.97
N LEU F 226 -2.35 -43.04 -14.04
CA LEU F 226 -3.19 -44.17 -14.45
C LEU F 226 -4.42 -43.70 -15.21
N LEU F 227 -4.95 -42.52 -14.85
CA LEU F 227 -6.08 -41.94 -15.58
C LEU F 227 -5.71 -41.61 -17.03
N LEU F 228 -4.55 -41.00 -17.23
CA LEU F 228 -4.09 -40.70 -18.59
C LEU F 228 -3.74 -41.96 -19.36
N LYS F 229 -3.24 -42.98 -18.66
CA LYS F 229 -2.97 -44.26 -19.30
C LYS F 229 -4.24 -44.93 -19.78
N ARG F 230 -5.31 -44.85 -18.99
CA ARG F 230 -6.61 -45.38 -19.43
C ARG F 230 -7.22 -44.53 -20.53
N MET F 231 -7.00 -43.21 -20.49
CA MET F 231 -7.56 -42.31 -21.49
C MET F 231 -6.86 -42.43 -22.83
N SER F 232 -5.60 -42.88 -22.84
CA SER F 232 -4.83 -42.94 -24.08
C SER F 232 -5.34 -44.02 -25.02
N LYS F 233 -5.91 -45.10 -24.50
CA LYS F 233 -6.28 -46.25 -25.34
C LYS F 233 -7.62 -46.10 -26.02
N GLN F 234 -8.22 -44.92 -26.03
CA GLN F 234 -9.38 -44.63 -26.86
C GLN F 234 -8.99 -43.99 -28.19
N GLY F 235 -7.71 -44.04 -28.54
CA GLY F 235 -7.23 -43.44 -29.78
C GLY F 235 -6.90 -41.96 -29.65
N ARG F 236 -6.29 -41.57 -28.54
CA ARG F 236 -6.00 -40.17 -28.26
C ARG F 236 -4.52 -40.00 -27.99
N THR F 237 -3.87 -39.14 -28.78
CA THR F 237 -2.46 -38.85 -28.60
C THR F 237 -2.28 -37.95 -27.38
N ILE F 238 -1.40 -38.34 -26.46
CA ILE F 238 -1.14 -37.59 -25.25
C ILE F 238 0.35 -37.31 -25.19
N ILE F 239 0.72 -36.05 -25.36
CA ILE F 239 2.11 -35.60 -25.33
C ILE F 239 2.30 -34.77 -24.07
N PHE F 240 3.30 -35.10 -23.27
CA PHE F 240 3.51 -34.33 -22.06
C PHE F 240 4.97 -34.34 -21.64
N SER F 241 5.42 -33.22 -21.09
CA SER F 241 6.67 -33.20 -20.36
C SER F 241 6.45 -33.66 -18.94
N ILE F 242 7.53 -34.10 -18.28
CA ILE F 242 7.45 -34.55 -16.90
C ILE F 242 8.81 -34.31 -16.26
N HIS F 243 8.81 -34.20 -14.93
CA HIS F 243 10.00 -33.82 -14.17
C HIS F 243 10.31 -34.90 -13.15
N GLN F 244 11.36 -35.68 -13.43
CA GLN F 244 11.91 -36.75 -12.60
C GLN F 244 10.86 -37.78 -12.18
N PRO F 245 10.40 -38.65 -13.08
CA PRO F 245 9.38 -39.62 -12.71
C PRO F 245 9.99 -40.81 -11.98
N ARG F 246 9.11 -41.54 -11.29
CA ARG F 246 9.47 -42.77 -10.60
C ARG F 246 9.27 -43.94 -11.55
N TYR F 247 9.56 -45.16 -11.07
CA TYR F 247 9.47 -46.32 -11.95
C TYR F 247 8.04 -46.73 -12.22
N SER F 248 7.14 -46.51 -11.26
CA SER F 248 5.74 -46.87 -11.46
C SER F 248 5.06 -45.94 -12.47
N ILE F 249 5.63 -44.76 -12.70
CA ILE F 249 5.17 -43.87 -13.75
C ILE F 249 5.89 -44.15 -15.07
N PHE F 250 7.20 -44.42 -15.00
CA PHE F 250 7.98 -44.69 -16.21
C PHE F 250 7.62 -46.01 -16.87
N LYS F 251 7.07 -46.97 -16.13
CA LYS F 251 6.79 -48.28 -16.69
C LYS F 251 5.52 -48.31 -17.54
N LEU F 252 4.84 -47.18 -17.74
CA LEU F 252 3.63 -47.15 -18.53
C LEU F 252 3.70 -46.16 -19.69
N PHE F 253 4.90 -45.71 -20.05
CA PHE F 253 5.08 -44.87 -21.21
C PHE F 253 5.04 -45.69 -22.49
N ASP F 254 4.97 -44.99 -23.61
CA ASP F 254 5.04 -45.61 -24.92
C ASP F 254 6.12 -45.04 -25.82
N SER F 255 6.57 -43.81 -25.58
CA SER F 255 7.68 -43.25 -26.33
C SER F 255 8.41 -42.27 -25.43
N LEU F 256 9.66 -42.00 -25.77
CA LEU F 256 10.53 -41.20 -24.94
C LEU F 256 11.29 -40.21 -25.79
N THR F 257 11.52 -39.03 -25.23
CA THR F 257 12.27 -37.97 -25.92
C THR F 257 13.14 -37.29 -24.87
N LEU F 258 14.42 -37.59 -24.88
CA LEU F 258 15.37 -36.97 -23.96
C LEU F 258 15.93 -35.72 -24.59
N LEU F 259 16.05 -34.66 -23.80
CA LEU F 259 16.53 -33.37 -24.28
C LEU F 259 17.43 -32.76 -23.22
N ALA F 260 18.65 -32.42 -23.61
CA ALA F 260 19.59 -31.73 -22.73
C ALA F 260 20.29 -30.66 -23.55
N SER F 261 20.23 -29.42 -23.07
CA SER F 261 20.82 -28.24 -23.69
C SER F 261 20.31 -28.01 -25.12
N GLY F 262 19.07 -28.40 -25.39
CA GLY F 262 18.51 -28.22 -26.71
C GLY F 262 18.91 -29.25 -27.73
N ARG F 263 19.66 -30.28 -27.34
CA ARG F 263 20.06 -31.34 -28.24
C ARG F 263 19.24 -32.58 -27.94
N LEU F 264 19.05 -33.42 -28.95
CA LEU F 264 18.29 -34.65 -28.77
C LEU F 264 19.23 -35.76 -28.32
N MET F 265 18.98 -36.32 -27.14
CA MET F 265 19.77 -37.42 -26.61
C MET F 265 19.23 -38.78 -26.99
N PHE F 266 17.91 -38.91 -27.13
CA PHE F 266 17.27 -40.16 -27.47
C PHE F 266 15.87 -39.88 -27.97
N HIS F 267 15.41 -40.69 -28.93
CA HIS F 267 14.00 -40.74 -29.28
C HIS F 267 13.67 -42.12 -29.80
N GLY F 268 12.70 -42.77 -29.17
CA GLY F 268 12.27 -44.08 -29.59
C GLY F 268 11.22 -44.59 -28.63
N PRO F 269 11.12 -45.91 -28.48
CA PRO F 269 10.31 -46.47 -27.40
C PRO F 269 10.98 -46.23 -26.05
N ALA F 270 10.18 -46.35 -24.99
CA ALA F 270 10.64 -45.94 -23.67
C ALA F 270 11.57 -46.97 -23.05
N GLN F 271 11.27 -48.26 -23.20
CA GLN F 271 12.07 -49.31 -22.59
C GLN F 271 13.33 -49.62 -23.37
N GLU F 272 13.34 -49.32 -24.67
CA GLU F 272 14.56 -49.43 -25.45
C GLU F 272 15.59 -48.38 -25.09
N ALA F 273 15.26 -47.38 -24.28
CA ALA F 273 16.27 -46.43 -23.82
C ALA F 273 17.24 -47.10 -22.85
N LEU F 274 16.74 -47.91 -21.93
CA LEU F 274 17.63 -48.71 -21.09
C LEU F 274 18.24 -49.85 -21.88
N GLY F 275 17.57 -50.33 -22.92
CA GLY F 275 18.21 -51.30 -23.80
C GLY F 275 19.32 -50.72 -24.64
N TYR F 276 19.29 -49.41 -24.89
CA TYR F 276 20.20 -48.70 -25.78
C TYR F 276 21.38 -48.09 -25.04
N PHE F 277 21.18 -47.60 -23.83
CA PHE F 277 22.25 -46.90 -23.13
C PHE F 277 23.31 -47.85 -22.59
N GLU F 278 23.05 -49.16 -22.55
CA GLU F 278 24.12 -50.10 -22.22
C GLU F 278 25.04 -50.34 -23.41
N SER F 279 24.51 -50.25 -24.63
CA SER F 279 25.32 -50.45 -25.82
C SER F 279 26.27 -49.28 -26.08
N ALA F 280 26.04 -48.14 -25.46
CA ALA F 280 26.97 -47.02 -25.53
C ALA F 280 28.03 -47.08 -24.44
N GLY F 281 27.96 -48.05 -23.54
CA GLY F 281 28.98 -48.22 -22.52
C GLY F 281 28.64 -47.58 -21.18
N TYR F 282 27.36 -47.62 -20.80
CA TYR F 282 26.94 -47.12 -19.49
C TYR F 282 26.24 -48.28 -18.80
N HIS F 283 26.93 -48.89 -17.85
CA HIS F 283 26.47 -50.17 -17.32
C HIS F 283 25.41 -49.82 -16.28
N CYS F 284 24.22 -50.38 -16.45
CA CYS F 284 23.06 -50.03 -15.64
C CYS F 284 23.10 -50.81 -14.32
N GLU F 285 22.95 -50.08 -13.21
CA GLU F 285 22.91 -50.70 -11.90
C GLU F 285 21.50 -51.13 -11.54
N ALA F 286 21.37 -52.25 -10.84
CA ALA F 286 20.06 -52.71 -10.41
C ALA F 286 19.56 -51.87 -9.25
N TYR F 287 18.24 -51.88 -9.05
CA TYR F 287 17.50 -51.10 -8.01
C TYR F 287 17.65 -49.59 -8.25
N ASN F 288 18.02 -49.18 -9.46
CA ASN F 288 18.13 -47.77 -9.80
C ASN F 288 17.02 -47.45 -10.79
N ASN F 289 16.39 -46.30 -10.59
CA ASN F 289 15.33 -45.87 -11.47
C ASN F 289 15.92 -45.48 -12.83
N PRO F 290 15.36 -45.94 -13.94
CA PRO F 290 15.95 -45.62 -15.26
C PRO F 290 15.87 -44.16 -15.65
N ALA F 291 14.82 -43.45 -15.24
CA ALA F 291 14.74 -42.01 -15.50
C ALA F 291 15.81 -41.25 -14.72
N ASP F 292 15.99 -41.62 -13.44
CA ASP F 292 17.10 -41.09 -12.66
C ASP F 292 18.45 -41.54 -13.22
N PHE F 293 18.50 -42.72 -13.86
CA PHE F 293 19.72 -43.17 -14.50
C PHE F 293 20.07 -42.31 -15.71
N PHE F 294 19.08 -41.94 -16.53
CA PHE F 294 19.34 -41.09 -17.69
C PHE F 294 19.75 -39.70 -17.26
N LEU F 295 19.02 -39.12 -16.30
CA LEU F 295 19.38 -37.79 -15.82
C LEU F 295 20.68 -37.78 -15.04
N ASP F 296 21.13 -38.92 -14.52
CA ASP F 296 22.42 -38.98 -13.84
C ASP F 296 23.56 -39.12 -14.84
N ILE F 297 23.39 -39.93 -15.89
CA ILE F 297 24.45 -40.05 -16.89
C ILE F 297 24.50 -38.85 -17.82
N ILE F 298 23.48 -38.00 -17.82
CA ILE F 298 23.62 -36.73 -18.54
C ILE F 298 24.63 -35.82 -17.84
N ASN F 299 24.64 -35.81 -16.51
CA ASN F 299 25.59 -34.98 -15.76
C ASN F 299 26.87 -35.73 -15.41
N GLY F 300 26.77 -36.76 -14.57
CA GLY F 300 27.93 -37.57 -14.26
C GLY F 300 27.56 -38.80 -13.45
N ASP F 301 28.01 -39.97 -13.91
CA ASP F 301 27.61 -41.24 -13.31
C ASP F 301 28.43 -41.58 -12.08
N PRO F 327 32.33 -31.27 -23.13
CA PRO F 327 31.68 -31.55 -24.42
C PRO F 327 30.94 -32.89 -24.42
N LEU F 328 30.27 -33.20 -23.32
CA LEU F 328 29.56 -34.48 -23.21
C LEU F 328 28.27 -34.47 -24.02
N ILE F 329 27.65 -33.30 -24.16
CA ILE F 329 26.32 -33.23 -24.77
C ILE F 329 26.40 -33.43 -26.28
N GLU F 330 27.37 -32.79 -26.94
CA GLU F 330 27.55 -32.96 -28.39
C GLU F 330 27.95 -34.38 -28.72
N LYS F 331 28.78 -34.97 -27.86
CA LYS F 331 29.28 -36.32 -28.07
C LYS F 331 28.14 -37.32 -27.98
N LEU F 332 27.28 -37.19 -26.95
CA LEU F 332 26.12 -38.06 -26.82
C LEU F 332 25.11 -37.81 -27.93
N ALA F 333 25.04 -36.57 -28.43
CA ALA F 333 24.12 -36.23 -29.52
C ALA F 333 24.48 -37.00 -30.78
N GLU F 334 25.76 -37.01 -31.15
CA GLU F 334 26.14 -37.75 -32.35
C GLU F 334 26.74 -39.14 -32.08
N ILE F 335 26.50 -39.72 -30.90
CA ILE F 335 26.35 -41.18 -30.84
C ILE F 335 24.88 -41.58 -30.91
N TYR F 336 23.97 -40.67 -30.59
CA TYR F 336 22.57 -40.96 -30.91
C TYR F 336 22.33 -40.87 -32.42
N VAL F 337 22.99 -39.92 -33.09
CA VAL F 337 22.66 -39.60 -34.48
C VAL F 337 23.07 -40.72 -35.43
N ASN F 338 24.07 -41.52 -35.07
CA ASN F 338 24.55 -42.60 -35.91
C ASN F 338 24.18 -43.96 -35.31
N SER F 339 22.99 -44.07 -34.75
CA SER F 339 22.52 -45.29 -34.12
C SER F 339 21.42 -45.91 -34.98
N SER F 340 20.91 -47.04 -34.49
CA SER F 340 19.84 -47.75 -35.17
C SER F 340 18.46 -47.30 -34.70
N PHE F 341 18.37 -46.15 -34.05
CA PHE F 341 17.12 -45.49 -33.71
C PHE F 341 16.90 -44.21 -34.50
N TYR F 342 17.97 -43.56 -34.96
CA TYR F 342 17.84 -42.33 -35.72
C TYR F 342 17.42 -42.60 -37.15
N LYS F 343 17.93 -43.67 -37.76
CA LYS F 343 17.71 -43.94 -39.18
C LYS F 343 16.26 -44.26 -39.52
N GLU F 344 15.61 -45.13 -38.75
CA GLU F 344 14.26 -45.53 -39.13
C GLU F 344 13.26 -44.42 -38.84
N THR F 345 13.55 -43.58 -37.84
CA THR F 345 12.77 -42.38 -37.63
C THR F 345 12.96 -41.40 -38.77
N LYS F 346 14.17 -41.31 -39.31
CA LYS F 346 14.40 -40.48 -40.49
C LYS F 346 13.68 -41.03 -41.72
N ALA F 347 13.58 -42.36 -41.85
CA ALA F 347 12.84 -42.95 -42.96
C ALA F 347 11.34 -42.66 -42.84
N GLU F 348 10.82 -42.71 -41.61
CA GLU F 348 9.45 -42.28 -41.32
C GLU F 348 9.22 -40.82 -41.67
N LEU F 349 10.24 -39.98 -41.47
CA LEU F 349 10.09 -38.57 -41.83
C LEU F 349 10.20 -38.34 -43.32
N HIS F 350 11.03 -39.13 -44.01
CA HIS F 350 11.22 -38.92 -45.43
C HIS F 350 10.12 -39.51 -46.29
N GLN F 351 9.32 -40.45 -45.77
CA GLN F 351 8.11 -40.78 -46.52
C GLN F 351 6.95 -39.99 -45.88
N LEU F 352 7.02 -38.66 -46.07
CA LEU F 352 5.98 -37.73 -45.62
C LEU F 352 5.89 -36.52 -46.55
N TYR F 369 -16.19 -15.19 -34.93
CA TYR F 369 -15.52 -16.38 -34.42
C TYR F 369 -16.53 -17.51 -34.28
N THR F 370 -16.31 -18.38 -33.30
CA THR F 370 -17.24 -19.44 -33.00
C THR F 370 -18.54 -18.92 -32.40
N THR F 371 -18.49 -17.78 -31.72
CA THR F 371 -19.64 -17.17 -31.05
C THR F 371 -19.75 -15.71 -31.48
N SER F 372 -20.65 -14.98 -30.82
CA SER F 372 -20.87 -13.56 -31.08
C SER F 372 -20.20 -12.72 -30.00
N PHE F 373 -20.32 -11.39 -30.14
CA PHE F 373 -19.78 -10.49 -29.13
C PHE F 373 -20.64 -10.48 -27.87
N CYS F 374 -21.96 -10.52 -28.05
CA CYS F 374 -22.88 -10.44 -26.92
C CYS F 374 -22.82 -11.70 -26.07
N HIS F 375 -22.60 -12.86 -26.69
CA HIS F 375 -22.55 -14.13 -25.95
C HIS F 375 -21.31 -14.19 -25.06
N GLN F 376 -20.16 -13.81 -25.62
CA GLN F 376 -18.94 -13.75 -24.83
C GLN F 376 -19.02 -12.70 -23.74
N LEU F 377 -19.64 -11.55 -24.04
CA LEU F 377 -19.81 -10.50 -23.04
C LEU F 377 -20.66 -10.97 -21.86
N ARG F 378 -21.77 -11.65 -22.18
CA ARG F 378 -22.66 -12.19 -21.14
C ARG F 378 -21.96 -13.23 -20.29
N TRP F 379 -21.20 -14.13 -20.92
CA TRP F 379 -20.60 -15.22 -20.14
C TRP F 379 -19.39 -14.76 -19.31
N VAL F 380 -18.58 -13.85 -19.84
CA VAL F 380 -17.46 -13.32 -19.07
C VAL F 380 -17.99 -12.47 -17.91
N SER F 381 -19.04 -11.69 -18.14
CA SER F 381 -19.63 -10.88 -17.07
C SER F 381 -20.27 -11.76 -16.00
N LYS F 382 -20.92 -12.86 -16.40
CA LYS F 382 -21.55 -13.76 -15.45
C LYS F 382 -20.53 -14.47 -14.58
N ARG F 383 -19.45 -14.98 -15.19
CA ARG F 383 -18.41 -15.66 -14.43
C ARG F 383 -17.68 -14.69 -13.50
N SER F 384 -17.46 -13.45 -13.96
CA SER F 384 -16.78 -12.46 -13.13
C SER F 384 -17.65 -12.02 -11.96
N PHE F 385 -18.97 -11.93 -12.17
CA PHE F 385 -19.84 -11.55 -11.06
C PHE F 385 -20.00 -12.68 -10.05
N LYS F 386 -20.01 -13.93 -10.52
CA LYS F 386 -20.04 -15.06 -9.59
C LYS F 386 -18.75 -15.14 -8.78
N ASN F 387 -17.62 -14.81 -9.40
CA ASN F 387 -16.38 -14.74 -8.64
C ASN F 387 -16.36 -13.56 -7.68
N LEU F 388 -17.07 -12.47 -8.02
CA LEU F 388 -17.12 -11.33 -7.12
C LEU F 388 -17.95 -11.63 -5.88
N LEU F 389 -19.12 -12.22 -6.05
CA LEU F 389 -19.94 -12.56 -4.89
C LEU F 389 -19.50 -13.87 -4.22
N GLY F 390 -18.56 -14.60 -4.81
CA GLY F 390 -18.09 -15.83 -4.18
C GLY F 390 -16.83 -15.63 -3.36
N ASN F 391 -16.30 -14.41 -3.37
CA ASN F 391 -15.12 -14.03 -2.58
C ASN F 391 -15.55 -13.06 -1.49
N PRO F 392 -15.74 -13.50 -0.24
CA PRO F 392 -16.11 -12.57 0.85
C PRO F 392 -14.90 -11.89 1.50
N GLN F 393 -14.03 -11.34 0.66
CA GLN F 393 -12.98 -10.42 1.10
C GLN F 393 -13.12 -9.04 0.51
N ALA F 394 -13.10 -8.93 -0.82
CA ALA F 394 -13.07 -7.64 -1.48
C ALA F 394 -14.46 -7.07 -1.75
N SER F 395 -15.50 -7.72 -1.24
CA SER F 395 -16.88 -7.31 -1.46
C SER F 395 -17.53 -6.81 -0.18
N ILE F 396 -17.29 -7.48 0.95
CA ILE F 396 -17.94 -7.11 2.19
C ILE F 396 -17.08 -6.18 3.05
N ALA F 397 -15.77 -6.45 3.14
CA ALA F 397 -14.90 -5.70 4.03
C ALA F 397 -14.71 -4.26 3.58
N GLN F 398 -14.77 -4.01 2.26
CA GLN F 398 -14.76 -2.64 1.75
C GLN F 398 -15.99 -1.87 2.22
N ILE F 399 -17.15 -2.52 2.20
CA ILE F 399 -18.38 -1.87 2.65
C ILE F 399 -18.32 -1.62 4.14
N ILE F 400 -17.73 -2.54 4.90
CA ILE F 400 -17.65 -2.38 6.35
C ILE F 400 -16.72 -1.23 6.71
N VAL F 401 -15.55 -1.14 6.05
CA VAL F 401 -14.62 -0.06 6.37
C VAL F 401 -15.15 1.28 5.87
N THR F 402 -15.93 1.28 4.77
CA THR F 402 -16.57 2.50 4.30
C THR F 402 -17.64 2.99 5.27
N VAL F 403 -18.45 2.08 5.81
CA VAL F 403 -19.49 2.46 6.77
C VAL F 403 -18.88 2.98 8.06
N VAL F 404 -17.85 2.30 8.59
CA VAL F 404 -17.29 2.79 9.85
C VAL F 404 -16.50 4.09 9.64
N LEU F 405 -15.88 4.28 8.47
CA LEU F 405 -15.20 5.54 8.19
C LEU F 405 -16.20 6.68 8.02
N GLY F 406 -17.35 6.40 7.41
CA GLY F 406 -18.40 7.40 7.32
C GLY F 406 -18.98 7.78 8.66
N LEU F 407 -19.10 6.80 9.56
CA LEU F 407 -19.61 7.08 10.90
C LEU F 407 -18.60 7.91 11.70
N VAL F 408 -17.31 7.64 11.53
CA VAL F 408 -16.28 8.45 12.19
C VAL F 408 -16.28 9.87 11.66
N ILE F 409 -16.31 10.04 10.34
CA ILE F 409 -16.27 11.39 9.75
C ILE F 409 -17.54 12.17 10.08
N GLY F 410 -18.70 11.49 10.12
CA GLY F 410 -19.90 12.15 10.58
C GLY F 410 -19.92 12.46 12.06
N ALA F 411 -19.13 11.75 12.86
CA ALA F 411 -19.07 12.04 14.27
C ALA F 411 -18.09 13.14 14.63
N ILE F 412 -16.99 13.30 13.87
CA ILE F 412 -16.04 14.37 14.17
C ILE F 412 -16.60 15.72 13.74
N TYR F 413 -17.14 15.78 12.53
CA TYR F 413 -17.63 17.04 11.96
C TYR F 413 -19.11 17.23 12.19
N PHE F 414 -19.62 16.79 13.33
CA PHE F 414 -21.05 16.94 13.61
C PHE F 414 -21.38 18.40 13.85
N GLY F 415 -22.38 18.91 13.11
CA GLY F 415 -22.84 20.26 13.30
C GLY F 415 -21.87 21.32 12.84
N LEU F 416 -21.67 21.43 11.53
CA LEU F 416 -20.85 22.50 10.99
C LEU F 416 -21.54 23.84 11.17
N LYS F 417 -20.88 24.76 11.85
CA LYS F 417 -21.47 26.06 12.11
C LYS F 417 -20.89 27.09 11.16
N ASN F 418 -21.28 28.34 11.35
CA ASN F 418 -20.90 29.40 10.43
C ASN F 418 -20.04 30.46 11.12
N ASP F 419 -19.05 30.02 11.87
CA ASP F 419 -18.07 30.88 12.49
C ASP F 419 -16.86 31.03 11.56
N SER F 420 -15.77 31.59 12.06
CA SER F 420 -14.54 31.64 11.28
C SER F 420 -13.92 30.26 11.10
N THR F 421 -14.26 29.31 11.97
CA THR F 421 -13.83 27.93 11.85
C THR F 421 -14.85 27.08 11.10
N GLY F 422 -15.70 27.69 10.30
CA GLY F 422 -16.65 26.95 9.49
C GLY F 422 -16.12 26.75 8.09
N ILE F 423 -15.19 27.61 7.67
CA ILE F 423 -14.51 27.45 6.39
C ILE F 423 -13.51 26.31 6.46
N GLN F 424 -12.75 26.25 7.55
CA GLN F 424 -11.68 25.27 7.70
C GLN F 424 -12.22 23.86 7.79
N ASN F 425 -13.31 23.66 8.53
CA ASN F 425 -13.91 22.34 8.67
C ASN F 425 -14.50 21.86 7.35
N ARG F 426 -15.15 22.75 6.60
CA ARG F 426 -15.73 22.36 5.32
C ARG F 426 -14.67 22.01 4.30
N ALA F 427 -13.62 22.83 4.20
CA ALA F 427 -12.53 22.53 3.28
C ALA F 427 -11.80 21.25 3.66
N GLY F 428 -11.64 21.01 4.96
CA GLY F 428 -10.98 19.80 5.41
C GLY F 428 -11.78 18.54 5.14
N VAL F 429 -13.10 18.59 5.35
CA VAL F 429 -13.88 17.38 5.14
C VAL F 429 -14.03 17.08 3.66
N LEU F 430 -14.15 18.11 2.81
CA LEU F 430 -14.25 17.85 1.38
C LEU F 430 -12.93 17.38 0.80
N PHE F 431 -11.81 17.89 1.32
CA PHE F 431 -10.51 17.37 0.94
C PHE F 431 -10.34 15.93 1.36
N PHE F 432 -10.87 15.55 2.53
CA PHE F 432 -10.75 14.17 2.98
C PHE F 432 -11.58 13.23 2.12
N LEU F 433 -12.78 13.66 1.69
CA LEU F 433 -13.59 12.80 0.81
C LEU F 433 -12.90 12.59 -0.55
N THR F 434 -12.45 13.66 -1.18
CA THR F 434 -11.83 13.51 -2.50
C THR F 434 -10.44 12.88 -2.45
N THR F 435 -9.78 12.89 -1.30
CA THR F 435 -8.52 12.15 -1.20
C THR F 435 -8.79 10.68 -0.91
N ASN F 436 -9.80 10.40 -0.08
CA ASN F 436 -10.13 9.03 0.28
C ASN F 436 -10.65 8.24 -0.91
N GLN F 437 -11.37 8.87 -1.84
CA GLN F 437 -11.85 8.16 -3.01
C GLN F 437 -10.69 7.72 -3.91
N CYS F 438 -9.75 8.62 -4.18
CA CYS F 438 -8.60 8.29 -5.02
C CYS F 438 -7.68 7.29 -4.36
N PHE F 439 -7.57 7.29 -3.03
CA PHE F 439 -6.67 6.33 -2.40
C PHE F 439 -7.33 4.99 -2.11
N SER F 440 -8.65 4.92 -2.00
CA SER F 440 -9.28 3.61 -1.92
C SER F 440 -9.53 3.00 -3.29
N SER F 441 -9.45 3.79 -4.36
CA SER F 441 -9.52 3.25 -5.71
C SER F 441 -8.16 2.76 -6.22
N VAL F 442 -7.15 2.66 -5.35
CA VAL F 442 -5.85 2.10 -5.70
C VAL F 442 -5.88 0.58 -5.76
N SER F 443 -6.86 -0.06 -5.12
CA SER F 443 -6.94 -1.51 -5.06
C SER F 443 -7.61 -2.13 -6.28
N ALA F 444 -7.66 -1.39 -7.39
CA ALA F 444 -8.04 -1.93 -8.68
C ALA F 444 -6.85 -2.47 -9.45
N VAL F 445 -5.73 -2.70 -8.77
CA VAL F 445 -4.59 -3.37 -9.38
C VAL F 445 -4.98 -4.80 -9.73
N GLU F 446 -5.56 -5.53 -8.78
CA GLU F 446 -5.75 -6.97 -8.88
C GLU F 446 -6.95 -7.37 -9.73
N LEU F 447 -7.34 -6.51 -10.68
CA LEU F 447 -8.28 -6.88 -11.72
C LEU F 447 -7.60 -7.54 -12.91
N PHE F 448 -6.41 -7.07 -13.28
CA PHE F 448 -5.74 -7.51 -14.50
C PHE F 448 -4.33 -8.05 -14.26
N VAL F 449 -3.96 -8.30 -12.99
CA VAL F 449 -2.68 -8.91 -12.66
C VAL F 449 -2.82 -10.31 -12.08
N VAL F 450 -3.82 -10.53 -11.23
CA VAL F 450 -3.96 -11.85 -10.61
C VAL F 450 -4.65 -12.86 -11.52
N GLU F 451 -5.03 -12.45 -12.73
CA GLU F 451 -5.59 -13.37 -13.71
C GLU F 451 -4.98 -13.18 -15.08
N LYS F 452 -3.70 -12.77 -15.13
CA LYS F 452 -3.04 -12.55 -16.42
C LYS F 452 -2.82 -13.85 -17.16
N LYS F 453 -2.37 -14.91 -16.47
CA LYS F 453 -2.10 -16.19 -17.11
C LYS F 453 -3.37 -16.85 -17.61
N LEU F 454 -4.47 -16.71 -16.87
CA LEU F 454 -5.77 -17.19 -17.32
C LEU F 454 -6.24 -16.42 -18.55
N PHE F 455 -5.96 -15.12 -18.60
CA PHE F 455 -6.33 -14.31 -19.77
C PHE F 455 -5.53 -14.71 -21.00
N ILE F 456 -4.23 -14.94 -20.85
CA ILE F 456 -3.40 -15.36 -21.98
C ILE F 456 -3.82 -16.73 -22.48
N HIS F 457 -4.07 -17.66 -21.55
CA HIS F 457 -4.45 -19.03 -21.92
C HIS F 457 -5.80 -19.07 -22.62
N GLU F 458 -6.80 -18.40 -22.05
CA GLU F 458 -8.11 -18.44 -22.69
C GLU F 458 -8.22 -17.48 -23.87
N TYR F 459 -7.28 -16.57 -24.06
CA TYR F 459 -7.30 -15.82 -25.31
C TYR F 459 -6.72 -16.65 -26.45
N ILE F 460 -5.54 -17.25 -26.24
CA ILE F 460 -4.95 -18.03 -27.33
C ILE F 460 -5.61 -19.39 -27.51
N SER F 461 -6.42 -19.83 -26.55
CA SER F 461 -7.21 -21.04 -26.75
C SER F 461 -8.44 -20.80 -27.61
N GLY F 462 -8.80 -19.54 -27.86
CA GLY F 462 -9.89 -19.23 -28.75
C GLY F 462 -11.25 -19.15 -28.07
N TYR F 463 -11.28 -18.59 -26.85
CA TYR F 463 -12.55 -18.39 -26.16
C TYR F 463 -13.25 -17.13 -26.65
N TYR F 464 -12.62 -15.98 -26.43
CA TYR F 464 -13.24 -14.68 -26.66
C TYR F 464 -12.24 -13.79 -27.40
N ARG F 465 -12.65 -12.54 -27.62
CA ARG F 465 -11.74 -11.52 -28.09
C ARG F 465 -11.38 -10.61 -26.93
N VAL F 466 -10.47 -9.66 -27.17
CA VAL F 466 -9.96 -8.85 -26.07
C VAL F 466 -10.99 -7.81 -25.64
N SER F 467 -11.78 -7.29 -26.58
CA SER F 467 -12.73 -6.24 -26.25
C SER F 467 -13.88 -6.76 -25.42
N SER F 468 -14.34 -8.00 -25.70
CA SER F 468 -15.43 -8.57 -24.92
C SER F 468 -14.98 -8.93 -23.51
N TYR F 469 -13.76 -9.45 -23.36
CA TYR F 469 -13.20 -9.70 -22.04
C TYR F 469 -13.04 -8.41 -21.25
N PHE F 470 -12.57 -7.36 -21.91
CA PHE F 470 -12.35 -6.07 -21.24
C PHE F 470 -13.66 -5.46 -20.80
N LEU F 471 -14.67 -5.45 -21.69
CA LEU F 471 -15.96 -4.89 -21.35
C LEU F 471 -16.68 -5.70 -20.28
N GLY F 472 -16.58 -7.03 -20.31
CA GLY F 472 -17.22 -7.84 -19.31
C GLY F 472 -16.58 -7.73 -17.94
N LYS F 473 -15.25 -7.76 -17.88
CA LYS F 473 -14.55 -7.62 -16.61
C LYS F 473 -14.76 -6.23 -16.02
N LEU F 474 -14.75 -5.20 -16.87
CA LEU F 474 -15.04 -3.84 -16.44
C LEU F 474 -16.45 -3.72 -15.87
N LEU F 475 -17.44 -4.13 -16.66
CA LEU F 475 -18.85 -3.98 -16.34
C LEU F 475 -19.28 -4.84 -15.15
N SER F 476 -18.55 -5.91 -14.83
CA SER F 476 -18.93 -6.73 -13.69
C SER F 476 -17.99 -6.62 -12.50
N ASP F 477 -16.92 -5.82 -12.58
CA ASP F 477 -16.12 -5.63 -11.38
C ASP F 477 -15.89 -4.18 -10.97
N LEU F 478 -15.84 -3.24 -11.91
CA LEU F 478 -15.55 -1.87 -11.50
C LEU F 478 -16.81 -1.10 -11.14
N LEU F 479 -17.86 -1.27 -11.92
CA LEU F 479 -19.10 -0.51 -11.70
C LEU F 479 -19.79 -0.81 -10.36
N PRO F 480 -20.13 -2.07 -9.99
CA PRO F 480 -20.89 -2.25 -8.75
C PRO F 480 -20.07 -2.12 -7.49
N MET F 481 -18.76 -1.94 -7.58
CA MET F 481 -17.92 -1.80 -6.41
C MET F 481 -17.25 -0.43 -6.33
N ARG F 482 -17.46 0.43 -7.33
CA ARG F 482 -17.13 1.83 -7.19
C ARG F 482 -18.36 2.71 -7.15
N MET F 483 -19.54 2.18 -7.50
CA MET F 483 -20.75 3.00 -7.44
C MET F 483 -21.46 2.90 -6.10
N LEU F 484 -21.12 1.91 -5.28
CA LEU F 484 -21.65 1.77 -3.91
C LEU F 484 -21.05 2.69 -2.84
N PRO F 485 -19.71 2.83 -2.69
CA PRO F 485 -19.22 3.59 -1.52
C PRO F 485 -19.50 5.07 -1.58
N SER F 486 -19.61 5.65 -2.78
CA SER F 486 -20.01 7.05 -2.87
C SER F 486 -21.45 7.25 -2.39
N ILE F 487 -22.34 6.33 -2.72
CA ILE F 487 -23.74 6.42 -2.29
C ILE F 487 -23.85 6.28 -0.78
N ILE F 488 -23.25 5.22 -0.22
CA ILE F 488 -23.38 5.02 1.22
C ILE F 488 -22.57 6.06 2.01
N PHE F 489 -21.50 6.59 1.44
CA PHE F 489 -20.68 7.58 2.12
C PHE F 489 -21.38 8.92 2.19
N THR F 490 -21.98 9.35 1.06
CA THR F 490 -22.76 10.58 1.05
C THR F 490 -24.00 10.47 1.93
N CYS F 491 -24.72 9.34 1.84
CA CYS F 491 -25.92 9.17 2.64
C CYS F 491 -25.62 9.12 4.13
N ILE F 492 -24.44 8.68 4.52
CA ILE F 492 -24.10 8.71 5.93
C ILE F 492 -23.70 10.12 6.36
N VAL F 493 -22.77 10.76 5.65
CA VAL F 493 -22.14 11.95 6.21
C VAL F 493 -22.88 13.25 5.90
N TYR F 494 -23.78 13.27 4.90
CA TYR F 494 -24.35 14.53 4.45
C TYR F 494 -25.30 15.16 5.46
N PHE F 495 -26.03 14.35 6.22
CA PHE F 495 -26.95 14.90 7.21
C PHE F 495 -26.41 14.88 8.62
N MET F 496 -25.34 14.10 8.87
CA MET F 496 -24.63 14.25 10.13
C MET F 496 -23.81 15.52 10.15
N LEU F 497 -23.17 15.86 9.02
CA LEU F 497 -22.39 17.08 8.95
C LEU F 497 -23.27 18.30 8.96
N GLY F 498 -24.36 18.27 8.22
CA GLY F 498 -25.22 19.44 8.11
C GLY F 498 -24.73 20.36 7.02
N LEU F 499 -24.58 19.83 5.82
CA LEU F 499 -24.17 20.61 4.66
C LEU F 499 -25.39 21.30 4.06
N LYS F 500 -25.24 21.85 2.86
CA LYS F 500 -26.26 22.65 2.16
C LYS F 500 -27.53 21.86 1.93
N PRO F 501 -28.62 22.19 2.62
CA PRO F 501 -29.82 21.32 2.66
C PRO F 501 -30.73 21.50 1.45
N LYS F 502 -30.27 21.07 0.29
CA LYS F 502 -31.07 21.00 -0.91
C LYS F 502 -31.06 19.57 -1.42
N ALA F 503 -31.66 19.35 -2.58
CA ALA F 503 -31.62 18.05 -3.23
C ALA F 503 -30.54 17.98 -4.30
N ASP F 504 -30.42 19.04 -5.10
CA ASP F 504 -29.38 19.09 -6.11
C ASP F 504 -27.99 19.17 -5.49
N ALA F 505 -27.87 19.83 -4.34
CA ALA F 505 -26.58 19.85 -3.64
C ALA F 505 -26.21 18.48 -3.09
N PHE F 506 -27.19 17.62 -2.85
CA PHE F 506 -26.94 16.24 -2.45
C PHE F 506 -26.51 15.41 -3.65
N PHE F 507 -27.24 15.53 -4.75
CA PHE F 507 -26.99 14.66 -5.90
C PHE F 507 -25.75 15.06 -6.68
N VAL F 508 -25.39 16.34 -6.73
CA VAL F 508 -24.14 16.76 -7.36
C VAL F 508 -22.95 16.25 -6.54
N MET F 509 -23.07 16.20 -5.22
CA MET F 509 -22.01 15.64 -4.39
C MET F 509 -21.84 14.14 -4.63
N MET F 510 -22.96 13.42 -4.72
CA MET F 510 -22.89 11.99 -5.00
C MET F 510 -22.31 11.70 -6.38
N PHE F 511 -22.71 12.49 -7.38
CA PHE F 511 -22.21 12.33 -8.74
C PHE F 511 -20.73 12.67 -8.84
N THR F 512 -20.28 13.68 -8.09
CA THR F 512 -18.86 14.04 -8.09
C THR F 512 -18.01 12.96 -7.46
N LEU F 513 -18.49 12.36 -6.37
CA LEU F 513 -17.74 11.27 -5.75
C LEU F 513 -17.69 10.04 -6.66
N MET F 514 -18.79 9.77 -7.38
CA MET F 514 -18.79 8.69 -8.37
C MET F 514 -17.78 8.92 -9.47
N MET F 515 -17.73 10.15 -10.01
CA MET F 515 -16.81 10.45 -11.10
C MET F 515 -15.36 10.41 -10.65
N VAL F 516 -15.09 10.82 -9.41
CA VAL F 516 -13.73 10.77 -8.89
C VAL F 516 -13.27 9.33 -8.69
N ALA F 517 -14.16 8.47 -8.17
CA ALA F 517 -13.82 7.05 -8.00
C ALA F 517 -13.60 6.37 -9.34
N TYR F 518 -14.44 6.68 -10.34
CA TYR F 518 -14.29 6.07 -11.66
C TYR F 518 -13.01 6.55 -12.35
N SER F 519 -12.65 7.82 -12.20
CA SER F 519 -11.42 8.33 -12.81
C SER F 519 -10.19 7.71 -12.17
N ALA F 520 -10.21 7.51 -10.85
CA ALA F 520 -9.05 6.92 -10.19
C ALA F 520 -8.92 5.44 -10.52
N SER F 521 -10.04 4.72 -10.65
CA SER F 521 -9.95 3.31 -11.06
C SER F 521 -9.55 3.19 -12.53
N SER F 522 -9.94 4.15 -13.37
CA SER F 522 -9.50 4.14 -14.77
C SER F 522 -8.00 4.37 -14.88
N MET F 523 -7.44 5.28 -14.07
CA MET F 523 -5.99 5.44 -14.05
C MET F 523 -5.28 4.21 -13.49
N ALA F 524 -5.92 3.55 -12.52
CA ALA F 524 -5.39 2.29 -11.98
C ALA F 524 -5.31 1.21 -13.05
N LEU F 525 -6.36 1.07 -13.85
CA LEU F 525 -6.34 0.09 -14.92
C LEU F 525 -5.37 0.47 -16.03
N ALA F 526 -5.22 1.77 -16.29
CA ALA F 526 -4.28 2.19 -17.34
C ALA F 526 -2.84 1.97 -16.92
N ILE F 527 -2.54 2.04 -15.63
CA ILE F 527 -1.18 1.76 -15.18
C ILE F 527 -0.94 0.26 -15.07
N ALA F 528 -1.87 -0.47 -14.46
CA ALA F 528 -1.62 -1.84 -14.04
C ALA F 528 -1.98 -2.90 -15.07
N ALA F 529 -2.35 -2.51 -16.29
CA ALA F 529 -2.71 -3.51 -17.29
C ALA F 529 -1.46 -4.14 -17.89
N GLY F 530 -1.56 -5.43 -18.19
CA GLY F 530 -0.45 -6.13 -18.82
C GLY F 530 0.75 -6.37 -17.93
N GLN F 531 0.55 -6.40 -16.62
CA GLN F 531 1.61 -6.66 -15.67
C GLN F 531 1.47 -8.07 -15.10
N SER F 532 2.57 -8.57 -14.54
CA SER F 532 2.57 -9.83 -13.82
C SER F 532 2.82 -9.65 -12.33
N VAL F 533 3.69 -8.73 -11.96
CA VAL F 533 3.97 -8.39 -10.57
C VAL F 533 3.00 -7.30 -10.12
N VAL F 534 2.49 -7.46 -8.90
CA VAL F 534 1.42 -6.60 -8.38
C VAL F 534 1.97 -5.33 -7.74
N SER F 535 3.12 -5.42 -7.07
CA SER F 535 3.64 -4.38 -6.20
C SER F 535 4.07 -3.10 -6.92
N VAL F 536 4.62 -3.24 -8.14
CA VAL F 536 5.21 -2.09 -8.82
C VAL F 536 4.13 -1.11 -9.26
N ALA F 537 2.92 -1.61 -9.59
CA ALA F 537 1.86 -0.71 -10.00
C ALA F 537 1.25 0.01 -8.80
N THR F 538 1.17 -0.68 -7.67
CA THR F 538 0.69 -0.04 -6.44
C THR F 538 1.64 1.04 -5.98
N LEU F 539 2.96 0.80 -6.07
CA LEU F 539 3.90 1.82 -5.63
C LEU F 539 3.96 2.99 -6.61
N LEU F 540 3.81 2.70 -7.91
CA LEU F 540 3.78 3.75 -8.92
C LEU F 540 2.55 4.64 -8.76
N MET F 541 1.38 4.03 -8.53
CA MET F 541 0.19 4.83 -8.26
C MET F 541 0.27 5.57 -6.94
N THR F 542 1.00 5.02 -5.96
CA THR F 542 1.14 5.70 -4.68
C THR F 542 1.95 7.00 -4.83
N ILE F 543 3.08 6.94 -5.55
CA ILE F 543 3.84 8.18 -5.73
C ILE F 543 3.12 9.14 -6.67
N CYS F 544 2.35 8.61 -7.63
CA CYS F 544 1.57 9.48 -8.51
C CYS F 544 0.45 10.20 -7.77
N PHE F 545 -0.23 9.52 -6.86
CA PHE F 545 -1.31 10.15 -6.11
C PHE F 545 -0.79 11.05 -4.99
N VAL F 546 0.43 10.81 -4.48
CA VAL F 546 1.03 11.79 -3.59
C VAL F 546 1.37 13.07 -4.35
N PHE F 547 1.85 12.93 -5.59
CA PHE F 547 2.11 14.13 -6.39
C PHE F 547 0.81 14.80 -6.84
N MET F 548 -0.29 14.07 -6.94
CA MET F 548 -1.55 14.65 -7.41
C MET F 548 -2.28 15.44 -6.34
N MET F 549 -2.16 15.05 -5.07
CA MET F 549 -2.95 15.69 -4.02
C MET F 549 -2.32 16.97 -3.49
N ILE F 550 -1.11 17.31 -3.92
CA ILE F 550 -0.58 18.63 -3.60
C ILE F 550 -1.31 19.69 -4.39
N PHE F 551 -1.68 19.38 -5.63
CA PHE F 551 -2.38 20.31 -6.52
C PHE F 551 -3.88 20.35 -6.29
N SER F 552 -4.36 19.90 -5.14
CA SER F 552 -5.80 19.86 -4.90
C SER F 552 -6.38 21.23 -4.62
N GLY F 553 -5.57 22.15 -4.09
CA GLY F 553 -6.05 23.46 -3.73
C GLY F 553 -6.12 23.73 -2.25
N LEU F 554 -5.76 22.77 -1.39
CA LEU F 554 -5.75 22.99 0.05
C LEU F 554 -4.36 23.26 0.58
N LEU F 555 -3.39 22.44 0.21
CA LEU F 555 -2.03 22.64 0.70
C LEU F 555 -1.33 23.80 0.00
N VAL F 556 -1.64 24.07 -1.26
CA VAL F 556 -1.11 25.24 -1.96
C VAL F 556 -2.29 26.06 -2.47
N ASN F 557 -2.09 27.37 -2.55
CA ASN F 557 -2.99 28.25 -3.28
C ASN F 557 -2.60 28.17 -4.74
N LEU F 558 -3.55 27.77 -5.59
CA LEU F 558 -3.26 27.52 -7.00
C LEU F 558 -3.02 28.79 -7.80
N THR F 559 -3.29 29.97 -7.23
CA THR F 559 -3.02 31.23 -7.90
C THR F 559 -1.68 31.83 -7.52
N THR F 560 -0.86 31.12 -6.74
CA THR F 560 0.45 31.62 -6.33
C THR F 560 1.61 30.84 -6.93
N ILE F 561 1.36 29.72 -7.61
CA ILE F 561 2.44 28.97 -8.23
C ILE F 561 2.95 29.74 -9.44
N ALA F 562 4.26 29.61 -9.71
CA ALA F 562 4.86 30.25 -10.87
C ALA F 562 4.31 29.64 -12.15
N SER F 563 4.22 30.49 -13.19
CA SER F 563 3.48 30.14 -14.40
C SER F 563 4.16 29.07 -15.24
N TRP F 564 5.45 28.81 -15.01
CA TRP F 564 6.10 27.70 -15.68
C TRP F 564 5.81 26.37 -15.00
N LEU F 565 5.13 26.39 -13.86
CA LEU F 565 4.81 25.18 -13.12
C LEU F 565 3.32 24.97 -12.87
N SER F 566 2.50 26.01 -12.99
CA SER F 566 1.09 25.91 -12.63
C SER F 566 0.27 25.12 -13.65
N TRP F 567 0.83 24.79 -14.81
CA TRP F 567 0.11 24.00 -15.79
C TRP F 567 0.00 22.53 -15.39
N LEU F 568 0.73 22.09 -14.36
CA LEU F 568 0.65 20.72 -13.89
C LEU F 568 -0.64 20.42 -13.14
N GLN F 569 -1.40 21.44 -12.77
CA GLN F 569 -2.63 21.22 -12.01
C GLN F 569 -3.75 20.64 -12.83
N TYR F 570 -3.64 20.64 -14.16
CA TYR F 570 -4.67 20.06 -15.01
C TYR F 570 -4.54 18.55 -15.13
N PHE F 571 -3.50 17.95 -14.56
CA PHE F 571 -3.35 16.51 -14.48
C PHE F 571 -3.67 16.00 -13.09
N SER F 572 -4.69 16.57 -12.44
CA SER F 572 -4.96 16.29 -11.04
C SER F 572 -6.44 15.96 -10.86
N ILE F 573 -6.74 14.67 -10.70
CA ILE F 573 -8.12 14.23 -10.42
C ILE F 573 -8.69 14.79 -9.12
N PRO F 574 -7.97 14.80 -7.97
CA PRO F 574 -8.57 15.43 -6.78
C PRO F 574 -8.77 16.92 -6.90
N ARG F 575 -8.07 17.61 -7.81
CA ARG F 575 -8.35 19.03 -8.01
C ARG F 575 -9.73 19.24 -8.61
N TYR F 576 -10.11 18.44 -9.60
CA TYR F 576 -11.44 18.57 -10.20
C TYR F 576 -12.52 18.15 -9.22
N GLY F 577 -12.29 17.07 -8.46
CA GLY F 577 -13.26 16.66 -7.47
C GLY F 577 -13.44 17.67 -6.34
N PHE F 578 -12.32 18.19 -5.83
CA PHE F 578 -12.36 19.16 -4.74
C PHE F 578 -12.95 20.48 -5.19
N THR F 579 -12.67 20.90 -6.43
CA THR F 579 -13.22 22.15 -6.94
C THR F 579 -14.72 22.04 -7.16
N ALA F 580 -15.18 20.89 -7.64
CA ALA F 580 -16.63 20.71 -7.82
C ALA F 580 -17.35 20.66 -6.48
N LEU F 581 -16.77 19.97 -5.48
CA LEU F 581 -17.40 19.90 -4.17
C LEU F 581 -17.39 21.25 -3.46
N GLN F 582 -16.33 22.03 -3.62
CA GLN F 582 -16.24 23.35 -3.00
C GLN F 582 -17.18 24.34 -3.67
N HIS F 583 -17.34 24.26 -4.98
CA HIS F 583 -18.29 25.13 -5.66
C HIS F 583 -19.72 24.76 -5.29
N ASN F 584 -19.99 23.46 -5.09
CA ASN F 584 -21.33 23.05 -4.68
C ASN F 584 -21.64 23.47 -3.25
N GLU F 585 -20.64 23.48 -2.37
CA GLU F 585 -20.89 23.70 -0.96
C GLU F 585 -20.88 25.17 -0.55
N PHE F 586 -19.92 25.96 -1.01
CA PHE F 586 -19.65 27.26 -0.43
C PHE F 586 -20.48 28.39 -1.00
N LEU F 587 -21.30 28.15 -2.03
CA LEU F 587 -22.01 29.26 -2.65
C LEU F 587 -23.19 29.71 -1.80
N GLY F 588 -23.23 31.01 -1.51
CA GLY F 588 -24.34 31.58 -0.77
C GLY F 588 -24.26 31.42 0.73
N GLN F 589 -23.05 31.33 1.28
CA GLN F 589 -22.87 31.15 2.71
C GLN F 589 -22.30 32.41 3.34
N ASN F 590 -22.61 32.61 4.62
CA ASN F 590 -22.08 33.71 5.40
C ASN F 590 -21.32 33.14 6.58
N PHE F 591 -20.09 33.59 6.77
CA PHE F 591 -19.23 33.03 7.79
C PHE F 591 -18.79 34.03 8.85
N CYS F 592 -19.18 35.29 8.72
CA CYS F 592 -18.94 36.27 9.77
C CYS F 592 -20.23 36.48 10.53
N PRO F 593 -20.38 35.96 11.75
CA PRO F 593 -21.65 36.12 12.46
C PRO F 593 -21.83 37.54 12.96
N GLY F 594 -22.96 38.14 12.61
CA GLY F 594 -23.27 39.49 13.00
C GLY F 594 -22.98 40.52 11.93
N LEU F 595 -22.24 40.17 10.89
CA LEU F 595 -21.81 41.11 9.88
C LEU F 595 -22.37 40.70 8.52
N ASN F 596 -23.08 41.62 7.87
CA ASN F 596 -23.62 41.40 6.53
C ASN F 596 -22.64 41.99 5.53
N ALA F 597 -22.01 41.11 4.75
CA ALA F 597 -20.96 41.48 3.82
C ALA F 597 -21.31 41.16 2.37
N THR F 598 -22.60 41.06 2.04
CA THR F 598 -23.01 40.81 0.66
C THR F 598 -23.13 42.11 -0.15
N GLY F 599 -23.67 43.17 0.45
CA GLY F 599 -23.75 44.44 -0.25
C GLY F 599 -22.39 45.09 -0.42
N ASN F 600 -21.63 45.18 0.68
CA ASN F 600 -20.23 45.58 0.64
C ASN F 600 -19.54 44.91 1.81
N ASN F 601 -18.22 44.77 1.69
CA ASN F 601 -17.42 44.25 2.79
C ASN F 601 -16.75 45.40 3.51
N PRO F 602 -17.21 45.80 4.69
CA PRO F 602 -16.46 46.77 5.48
C PRO F 602 -15.25 46.10 6.10
N CYS F 603 -14.12 46.79 6.02
CA CYS F 603 -12.84 46.35 6.59
C CYS F 603 -12.39 45.01 6.04
N ASN F 604 -11.88 45.00 4.82
CA ASN F 604 -11.46 43.80 4.10
C ASN F 604 -10.27 43.12 4.79
N TYR F 605 -9.77 42.07 4.11
CA TYR F 605 -9.10 40.92 4.72
C TYR F 605 -10.02 40.27 5.75
N ALA F 606 -11.26 40.01 5.33
CA ALA F 606 -12.28 39.51 6.23
C ALA F 606 -12.82 38.13 5.88
N THR F 607 -12.88 37.78 4.59
CA THR F 607 -13.28 36.46 4.06
C THR F 607 -14.66 36.00 4.59
N CYS F 608 -15.59 36.95 4.71
CA CYS F 608 -16.87 36.72 5.37
C CYS F 608 -17.81 35.85 4.56
N THR F 609 -17.81 35.96 3.24
CA THR F 609 -18.73 35.21 2.40
C THR F 609 -18.05 33.97 1.84
N GLY F 610 -18.87 33.10 1.25
CA GLY F 610 -18.33 31.93 0.57
C GLY F 610 -17.81 32.22 -0.81
N GLU F 611 -18.35 33.26 -1.46
CA GLU F 611 -17.85 33.65 -2.78
C GLU F 611 -16.45 34.24 -2.69
N GLU F 612 -16.15 34.95 -1.59
CA GLU F 612 -14.79 35.44 -1.39
C GLU F 612 -13.80 34.31 -1.16
N TYR F 613 -14.23 33.26 -0.46
CA TYR F 613 -13.39 32.09 -0.29
C TYR F 613 -13.18 31.37 -1.61
N LEU F 614 -14.20 31.31 -2.45
CA LEU F 614 -14.06 30.61 -3.73
C LEU F 614 -13.16 31.38 -4.68
N VAL F 615 -13.30 32.70 -4.75
CA VAL F 615 -12.47 33.49 -5.66
C VAL F 615 -11.04 33.58 -5.15
N LYS F 616 -10.84 33.54 -3.83
CA LYS F 616 -9.50 33.52 -3.27
C LYS F 616 -8.74 32.25 -3.63
N GLN F 617 -9.44 31.15 -3.87
CA GLN F 617 -8.82 29.89 -4.27
C GLN F 617 -8.65 29.77 -5.78
N GLY F 618 -9.27 30.66 -6.56
CA GLY F 618 -9.20 30.59 -8.00
C GLY F 618 -10.35 29.87 -8.67
N ILE F 619 -11.47 29.71 -7.99
CA ILE F 619 -12.61 28.96 -8.53
C ILE F 619 -13.58 29.95 -9.16
N ASP F 620 -14.04 29.63 -10.37
CA ASP F 620 -15.04 30.43 -11.06
C ASP F 620 -16.38 30.34 -10.33
N LEU F 621 -17.15 31.43 -10.39
CA LEU F 621 -18.44 31.49 -9.73
C LEU F 621 -19.60 31.21 -10.66
N SER F 622 -19.35 31.15 -11.97
CA SER F 622 -20.39 30.83 -12.94
C SER F 622 -20.79 29.37 -12.81
N PRO F 623 -21.95 28.98 -13.36
CA PRO F 623 -22.30 27.55 -13.38
C PRO F 623 -21.54 26.72 -14.39
N TRP F 624 -20.47 27.24 -14.99
CA TRP F 624 -19.63 26.45 -15.87
C TRP F 624 -18.42 25.85 -15.14
N GLY F 625 -18.10 26.33 -13.93
CA GLY F 625 -16.96 25.76 -13.20
C GLY F 625 -17.21 24.34 -12.74
N LEU F 626 -18.40 24.10 -12.17
CA LEU F 626 -18.80 22.78 -11.69
C LEU F 626 -18.81 21.75 -12.82
N TRP F 627 -19.53 22.04 -13.89
CA TRP F 627 -19.63 21.07 -14.96
C TRP F 627 -18.38 21.05 -15.83
N LYS F 628 -17.54 22.08 -15.75
CA LYS F 628 -16.21 22.01 -16.36
C LYS F 628 -15.36 20.95 -15.68
N ASN F 629 -15.41 20.90 -14.35
CA ASN F 629 -14.71 19.85 -13.61
C ASN F 629 -15.28 18.47 -13.96
N HIS F 630 -16.61 18.39 -14.14
CA HIS F 630 -17.21 17.09 -14.44
C HIS F 630 -16.83 16.59 -15.84
N VAL F 631 -16.80 17.48 -16.85
CA VAL F 631 -16.41 17.01 -18.18
C VAL F 631 -14.92 16.74 -18.26
N ALA F 632 -14.09 17.39 -17.43
CA ALA F 632 -12.69 17.01 -17.35
C ALA F 632 -12.53 15.60 -16.79
N LEU F 633 -13.34 15.26 -15.78
CA LEU F 633 -13.29 13.90 -15.24
C LEU F 633 -13.78 12.87 -16.24
N ALA F 634 -14.80 13.20 -17.03
CA ALA F 634 -15.29 12.25 -18.04
C ALA F 634 -14.26 12.00 -19.14
N CYS F 635 -13.57 13.06 -19.59
CA CYS F 635 -12.52 12.89 -20.58
C CYS F 635 -11.35 12.07 -20.04
N MET F 636 -11.02 12.25 -18.75
CA MET F 636 -9.96 11.44 -18.15
C MET F 636 -10.37 9.96 -18.07
N ILE F 637 -11.65 9.70 -17.78
CA ILE F 637 -12.16 8.32 -17.76
C ILE F 637 -11.99 7.66 -19.12
N VAL F 638 -12.43 8.36 -20.17
CA VAL F 638 -12.41 7.80 -21.53
C VAL F 638 -10.97 7.56 -21.99
N ILE F 639 -10.08 8.51 -21.74
CA ILE F 639 -8.69 8.39 -22.18
C ILE F 639 -7.98 7.27 -21.45
N PHE F 640 -8.18 7.14 -20.13
CA PHE F 640 -7.48 6.09 -19.39
C PHE F 640 -8.03 4.71 -19.72
N LEU F 641 -9.34 4.58 -19.97
CA LEU F 641 -9.87 3.26 -20.35
C LEU F 641 -9.41 2.86 -21.75
N THR F 642 -9.26 3.83 -22.66
CA THR F 642 -8.74 3.52 -23.98
C THR F 642 -7.27 3.10 -23.92
N ILE F 643 -6.49 3.74 -23.05
CA ILE F 643 -5.09 3.35 -22.88
C ILE F 643 -4.98 1.96 -22.28
N ALA F 644 -5.86 1.62 -21.33
CA ALA F 644 -5.84 0.27 -20.75
C ALA F 644 -6.24 -0.80 -21.76
N TYR F 645 -7.23 -0.49 -22.61
CA TYR F 645 -7.63 -1.45 -23.64
C TYR F 645 -6.54 -1.65 -24.69
N LEU F 646 -5.85 -0.56 -25.07
CA LEU F 646 -4.76 -0.71 -26.03
C LEU F 646 -3.55 -1.40 -25.41
N LYS F 647 -3.38 -1.30 -24.09
CA LYS F 647 -2.31 -2.04 -23.45
C LYS F 647 -2.64 -3.53 -23.33
N LEU F 648 -3.93 -3.87 -23.19
CA LEU F 648 -4.30 -5.29 -23.20
C LEU F 648 -4.22 -5.87 -24.61
N LEU F 649 -4.65 -5.10 -25.62
CA LEU F 649 -4.70 -5.62 -26.97
C LEU F 649 -3.31 -5.81 -27.58
N PHE F 650 -2.35 -4.97 -27.19
CA PHE F 650 -0.99 -5.05 -27.69
C PHE F 650 -0.08 -5.87 -26.78
N LEU F 651 -0.64 -6.79 -26.01
CA LEU F 651 0.13 -7.58 -25.06
C LEU F 651 0.89 -8.67 -25.81
N LYS F 652 1.93 -9.19 -25.18
CA LYS F 652 2.69 -10.29 -25.77
C LYS F 652 1.97 -11.59 -25.49
N LYS F 653 1.02 -11.96 -26.35
CA LYS F 653 0.11 -13.06 -26.05
C LYS F 653 0.62 -14.37 -26.67
N TYR F 654 1.75 -14.83 -26.16
CA TYR F 654 2.33 -16.09 -26.61
C TYR F 654 3.09 -16.78 -25.49
N GLU G 33 34.67 -41.22 22.10
CA GLU G 33 34.62 -41.11 20.64
C GLU G 33 33.29 -41.49 19.99
N GLY G 34 32.48 -42.26 20.71
CA GLY G 34 31.16 -42.58 20.24
C GLY G 34 30.11 -41.72 20.90
N ALA G 35 28.96 -41.64 20.23
CA ALA G 35 27.85 -40.79 20.69
C ALA G 35 26.55 -41.47 20.28
N VAL G 36 26.03 -42.33 21.16
CA VAL G 36 24.77 -43.03 20.91
C VAL G 36 23.63 -42.20 21.45
N LEU G 37 22.70 -41.80 20.58
CA LEU G 37 21.52 -41.06 21.00
C LEU G 37 20.35 -42.03 21.05
N SER G 38 20.18 -42.66 22.20
CA SER G 38 19.05 -43.57 22.37
C SER G 38 17.79 -42.81 22.73
N PHE G 39 16.65 -43.41 22.42
CA PHE G 39 15.37 -42.84 22.79
C PHE G 39 14.35 -43.96 22.92
N HIS G 40 13.43 -43.81 23.87
CA HIS G 40 12.60 -44.93 24.32
C HIS G 40 11.23 -44.41 24.73
N ASN G 41 10.19 -44.95 24.09
CA ASN G 41 8.78 -44.73 24.42
C ASN G 41 8.40 -43.25 24.36
N ILE G 42 8.47 -42.69 23.15
CA ILE G 42 8.24 -41.26 22.95
C ILE G 42 6.84 -41.08 22.40
N CYS G 43 5.91 -40.63 23.23
CA CYS G 43 4.63 -40.14 22.74
C CYS G 43 4.64 -38.61 22.77
N TYR G 44 3.72 -38.00 22.02
CA TYR G 44 3.69 -36.55 21.91
C TYR G 44 2.30 -36.06 21.53
N ARG G 45 1.78 -35.10 22.31
CA ARG G 45 0.70 -34.24 21.84
C ARG G 45 1.17 -32.80 21.81
N VAL G 46 0.47 -31.99 21.03
CA VAL G 46 0.73 -30.57 20.93
C VAL G 46 0.46 -29.86 22.26
N LYS G 61 -4.41 -34.17 19.31
CA LYS G 61 -3.52 -34.58 18.24
C LYS G 61 -2.34 -35.33 18.80
N GLU G 62 -2.45 -36.65 18.80
CA GLU G 62 -1.33 -37.55 19.06
C GLU G 62 -0.38 -37.51 17.88
N ILE G 63 0.71 -36.75 18.00
CA ILE G 63 1.59 -36.53 16.86
C ILE G 63 2.50 -37.72 16.63
N LEU G 64 3.17 -38.19 17.67
CA LEU G 64 4.06 -39.34 17.61
C LEU G 64 3.53 -40.43 18.52
N SER G 65 3.36 -41.62 17.97
CA SER G 65 2.90 -42.77 18.72
C SER G 65 4.10 -43.52 19.30
N ASN G 66 3.92 -44.77 19.70
CA ASN G 66 4.93 -45.61 20.32
C ASN G 66 6.17 -45.74 19.44
N ILE G 67 7.27 -45.12 19.84
CA ILE G 67 8.46 -44.99 19.00
C ILE G 67 9.68 -45.35 19.85
N ASN G 68 10.46 -46.31 19.38
CA ASN G 68 11.70 -46.72 20.01
C ASN G 68 12.82 -46.64 18.98
N GLY G 69 14.06 -46.55 19.46
CA GLY G 69 15.17 -46.50 18.53
C GLY G 69 16.54 -46.20 19.12
N ILE G 70 17.58 -46.64 18.41
CA ILE G 70 18.97 -46.38 18.78
C ILE G 70 19.65 -45.72 17.59
N MET G 71 20.39 -44.64 17.83
CA MET G 71 21.13 -43.95 16.79
C MET G 71 22.62 -44.09 17.07
N LYS G 72 23.26 -45.06 16.40
CA LYS G 72 24.69 -45.29 16.53
C LYS G 72 25.48 -44.15 15.89
N PRO G 73 26.77 -43.98 16.27
CA PRO G 73 27.59 -42.97 15.59
C PRO G 73 27.97 -43.31 14.16
N GLY G 74 26.98 -43.32 13.27
CA GLY G 74 27.22 -43.51 11.86
C GLY G 74 26.66 -42.38 11.04
N LEU G 75 25.69 -42.68 10.18
CA LEU G 75 25.00 -41.67 9.37
C LEU G 75 23.54 -42.12 9.29
N ASN G 76 22.72 -41.61 10.22
CA ASN G 76 21.36 -42.09 10.41
C ASN G 76 20.39 -41.30 9.54
N ALA G 77 19.25 -41.92 9.24
CA ALA G 77 18.31 -41.32 8.31
C ALA G 77 16.89 -41.55 8.77
N ILE G 78 16.03 -40.55 8.57
CA ILE G 78 14.61 -40.63 8.90
C ILE G 78 13.82 -40.38 7.62
N LEU G 79 13.00 -41.35 7.24
CA LEU G 79 12.23 -41.27 6.00
C LEU G 79 10.74 -41.27 6.32
N GLY G 80 9.92 -41.24 5.27
CA GLY G 80 8.49 -41.24 5.41
C GLY G 80 7.86 -40.10 4.65
N PRO G 81 6.53 -40.11 4.54
CA PRO G 81 5.83 -38.99 3.91
C PRO G 81 5.79 -37.78 4.83
N THR G 82 5.39 -36.65 4.25
CA THR G 82 5.40 -35.40 5.00
C THR G 82 4.28 -35.34 6.03
N GLY G 83 3.21 -36.12 5.83
CA GLY G 83 2.15 -36.17 6.81
C GLY G 83 2.57 -36.90 8.08
N GLY G 84 3.50 -37.84 7.96
CA GLY G 84 4.02 -38.55 9.11
C GLY G 84 4.94 -37.69 9.96
N GLY G 85 5.40 -38.28 11.05
CA GLY G 85 6.26 -37.58 11.99
C GLY G 85 7.73 -37.62 11.64
N LYS G 86 8.05 -37.41 10.36
CA LYS G 86 9.44 -37.42 9.93
C LYS G 86 10.20 -36.22 10.47
N SER G 87 9.60 -35.03 10.34
CA SER G 87 10.24 -33.81 10.83
C SER G 87 9.96 -33.56 12.30
N SER G 88 8.93 -34.19 12.86
CA SER G 88 8.60 -33.97 14.27
C SER G 88 9.53 -34.75 15.18
N LEU G 89 9.96 -35.94 14.75
CA LEU G 89 10.91 -36.73 15.54
C LEU G 89 12.27 -36.05 15.57
N LEU G 90 12.66 -35.40 14.48
CA LEU G 90 13.93 -34.69 14.45
C LEU G 90 13.89 -33.47 15.37
N ASP G 91 12.75 -32.81 15.45
CA ASP G 91 12.64 -31.66 16.35
C ASP G 91 12.53 -32.11 17.81
N VAL G 92 12.01 -33.31 18.05
CA VAL G 92 11.96 -33.84 19.41
C VAL G 92 13.35 -34.26 19.87
N LEU G 93 14.10 -34.93 19.00
CA LEU G 93 15.42 -35.42 19.39
C LEU G 93 16.44 -34.30 19.50
N ALA G 94 16.26 -33.21 18.75
CA ALA G 94 17.18 -32.09 18.81
C ALA G 94 16.85 -31.11 19.93
N ALA G 95 15.80 -31.38 20.71
CA ALA G 95 15.35 -30.58 21.84
C ALA G 95 15.00 -29.15 21.46
N ARG G 96 14.46 -28.94 20.26
CA ARG G 96 13.95 -27.64 19.88
C ARG G 96 12.45 -27.66 19.63
N LYS G 97 11.75 -28.65 20.18
CA LYS G 97 10.31 -28.62 20.36
C LYS G 97 10.04 -28.54 21.86
N ASP G 98 8.92 -27.91 22.23
CA ASP G 98 8.72 -27.51 23.62
C ASP G 98 8.40 -28.72 24.48
N PRO G 99 9.04 -28.86 25.65
CA PRO G 99 9.04 -30.17 26.34
C PRO G 99 7.79 -30.51 27.14
N SER G 100 6.64 -29.92 26.81
CA SER G 100 5.41 -30.27 27.52
C SER G 100 4.91 -31.65 27.10
N GLY G 101 4.70 -31.84 25.79
CA GLY G 101 4.11 -33.07 25.31
C GLY G 101 5.03 -34.27 25.25
N LEU G 102 6.34 -34.08 25.50
CA LEU G 102 7.29 -35.17 25.44
C LEU G 102 7.07 -36.12 26.61
N SER G 103 6.97 -37.42 26.31
CA SER G 103 6.59 -38.43 27.30
C SER G 103 7.55 -39.60 27.29
N GLY G 104 8.83 -39.35 27.08
CA GLY G 104 9.81 -40.41 27.05
C GLY G 104 11.21 -39.84 27.30
N ASP G 105 12.15 -40.76 27.46
CA ASP G 105 13.51 -40.40 27.86
C ASP G 105 14.48 -40.54 26.68
N VAL G 106 15.14 -39.45 26.34
CA VAL G 106 16.16 -39.42 25.30
C VAL G 106 17.51 -39.39 26.00
N LEU G 107 18.31 -40.43 25.83
CA LEU G 107 19.51 -40.58 26.62
C LEU G 107 20.72 -40.48 25.71
N ILE G 108 21.80 -39.91 26.24
CA ILE G 108 23.03 -39.72 25.48
C ILE G 108 24.11 -40.51 26.21
N ASN G 109 24.54 -41.62 25.60
CA ASN G 109 25.62 -42.49 26.09
C ASN G 109 25.34 -43.06 27.48
N GLY G 110 24.09 -43.40 27.78
CA GLY G 110 23.77 -43.73 29.16
C GLY G 110 22.97 -42.63 29.83
N ALA G 111 23.67 -41.78 30.62
CA ALA G 111 23.19 -40.63 31.36
C ALA G 111 22.27 -39.73 30.54
N PRO G 112 21.22 -39.12 31.14
CA PRO G 112 20.18 -38.47 30.33
C PRO G 112 20.62 -37.18 29.67
N ARG G 113 19.70 -36.56 28.94
CA ARG G 113 20.02 -35.36 28.18
C ARG G 113 20.17 -34.18 29.12
N PRO G 114 21.24 -33.40 29.00
CA PRO G 114 21.45 -32.29 29.93
C PRO G 114 20.52 -31.10 29.70
N ALA G 115 20.71 -30.04 30.48
CA ALA G 115 19.87 -28.85 30.32
C ALA G 115 20.26 -28.08 29.06
N ASN G 116 21.55 -27.79 28.91
CA ASN G 116 22.03 -27.05 27.75
C ASN G 116 22.44 -27.96 26.60
N PHE G 117 21.55 -28.87 26.18
CA PHE G 117 21.90 -29.82 25.12
C PHE G 117 21.98 -29.15 23.75
N LYS G 118 21.18 -28.11 23.52
CA LYS G 118 21.19 -27.42 22.24
C LYS G 118 22.48 -26.62 22.01
N CYS G 119 23.30 -26.41 23.05
CA CYS G 119 24.55 -25.69 22.89
C CYS G 119 25.66 -26.59 22.32
N ASN G 120 25.76 -27.83 22.79
CA ASN G 120 26.80 -28.75 22.30
C ASN G 120 26.25 -29.62 21.18
N SER G 121 25.68 -28.99 20.16
CA SER G 121 24.96 -29.71 19.14
C SER G 121 24.93 -28.85 17.88
N GLY G 122 24.32 -29.38 16.83
CA GLY G 122 24.15 -28.65 15.60
C GLY G 122 22.76 -28.88 15.04
N TYR G 123 22.24 -27.86 14.39
CA TYR G 123 20.96 -27.99 13.70
C TYR G 123 21.01 -27.15 12.44
N VAL G 124 21.12 -27.81 11.29
CA VAL G 124 21.10 -27.15 10.01
C VAL G 124 19.64 -27.04 9.58
N VAL G 125 19.11 -25.82 9.58
CA VAL G 125 17.72 -25.60 9.19
C VAL G 125 17.59 -25.78 7.69
N GLN G 126 16.37 -26.04 7.23
CA GLN G 126 16.17 -26.46 5.84
C GLN G 126 16.33 -25.28 4.89
N ASP G 127 15.60 -24.20 5.13
CA ASP G 127 15.88 -22.94 4.45
C ASP G 127 17.06 -22.25 5.11
N ASP G 128 18.00 -21.79 4.28
CA ASP G 128 19.26 -21.27 4.79
C ASP G 128 19.07 -19.90 5.42
N VAL G 129 19.45 -19.78 6.69
CA VAL G 129 19.38 -18.52 7.41
C VAL G 129 20.73 -17.80 7.43
N VAL G 130 21.67 -18.22 6.60
CA VAL G 130 22.92 -17.49 6.45
C VAL G 130 22.62 -16.17 5.72
N MET G 131 23.40 -15.15 6.03
CA MET G 131 23.15 -13.81 5.50
C MET G 131 23.95 -13.61 4.21
N GLY G 132 23.27 -13.14 3.17
CA GLY G 132 23.90 -13.08 1.86
C GLY G 132 24.90 -11.95 1.73
N THR G 133 24.67 -10.83 2.43
CA THR G 133 25.53 -9.66 2.30
C THR G 133 26.73 -9.72 3.25
N LEU G 134 27.41 -10.86 3.24
CA LEU G 134 28.61 -11.09 4.02
C LEU G 134 29.43 -12.13 3.29
N THR G 135 30.71 -12.22 3.62
CA THR G 135 31.51 -13.30 3.07
C THR G 135 31.30 -14.56 3.89
N VAL G 136 31.91 -15.65 3.43
CA VAL G 136 31.85 -16.89 4.19
C VAL G 136 32.67 -16.77 5.48
N ARG G 137 33.86 -16.16 5.38
CA ARG G 137 34.74 -16.04 6.53
C ARG G 137 34.18 -15.09 7.58
N GLU G 138 33.41 -14.08 7.17
CA GLU G 138 32.78 -13.20 8.16
C GLU G 138 31.62 -13.89 8.87
N ASN G 139 30.88 -14.76 8.17
CA ASN G 139 29.83 -15.55 8.82
C ASN G 139 30.43 -16.52 9.84
N LEU G 140 31.54 -17.16 9.48
CA LEU G 140 32.20 -18.06 10.42
C LEU G 140 32.84 -17.29 11.56
N GLN G 141 33.32 -16.07 11.33
CA GLN G 141 33.83 -15.24 12.41
C GLN G 141 32.72 -14.84 13.37
N PHE G 142 31.53 -14.53 12.84
CA PHE G 142 30.41 -14.18 13.70
C PHE G 142 29.98 -15.35 14.57
N SER G 143 29.88 -16.54 13.97
CA SER G 143 29.54 -17.73 14.73
C SER G 143 30.60 -18.08 15.77
N ALA G 144 31.88 -17.94 15.42
CA ALA G 144 32.94 -18.26 16.37
C ALA G 144 33.06 -17.23 17.48
N ALA G 145 32.73 -15.97 17.19
CA ALA G 145 32.82 -14.93 18.20
C ALA G 145 31.66 -15.00 19.18
N LEU G 146 30.48 -15.40 18.71
CA LEU G 146 29.35 -15.46 19.62
C LEU G 146 29.11 -16.85 20.23
N ARG G 147 29.78 -17.89 19.76
CA ARG G 147 29.54 -19.23 20.28
C ARG G 147 30.71 -19.85 21.04
N LEU G 148 31.95 -19.50 20.72
CA LEU G 148 33.09 -20.06 21.43
C LEU G 148 33.32 -19.27 22.71
N ALA G 149 34.38 -19.62 23.44
CA ALA G 149 34.66 -18.96 24.70
C ALA G 149 35.28 -17.59 24.47
N THR G 150 35.38 -16.82 25.55
CA THR G 150 36.04 -15.53 25.51
C THR G 150 37.52 -15.62 25.86
N THR G 151 38.01 -16.79 26.27
CA THR G 151 39.38 -16.95 26.70
C THR G 151 40.35 -17.04 25.53
N MET G 152 39.95 -17.72 24.45
CA MET G 152 40.78 -17.78 23.26
C MET G 152 40.71 -16.47 22.48
N THR G 153 41.86 -16.03 21.97
CA THR G 153 41.96 -14.79 21.21
C THR G 153 41.81 -15.06 19.72
N ASN G 154 41.99 -13.97 18.92
CA ASN G 154 41.75 -14.00 17.48
C ASN G 154 42.57 -15.04 16.72
N HIS G 155 43.75 -15.40 17.22
CA HIS G 155 44.61 -16.31 16.48
C HIS G 155 44.05 -17.74 16.47
N GLU G 156 43.67 -18.26 17.64
CA GLU G 156 43.16 -19.63 17.70
C GLU G 156 41.78 -19.75 17.08
N LYS G 157 40.94 -18.72 17.24
CA LYS G 157 39.63 -18.73 16.62
C LYS G 157 39.73 -18.65 15.10
N ASN G 158 40.63 -17.82 14.58
CA ASN G 158 40.91 -17.83 13.15
C ASN G 158 41.50 -19.15 12.69
N GLU G 159 42.26 -19.81 13.55
CA GLU G 159 42.89 -21.07 13.14
C GLU G 159 41.84 -22.16 13.06
N ARG G 160 40.86 -22.13 13.98
CA ARG G 160 39.72 -23.04 13.93
C ARG G 160 38.84 -22.77 12.72
N ILE G 161 38.61 -21.51 12.38
CA ILE G 161 37.82 -21.17 11.19
C ILE G 161 38.55 -21.61 9.93
N ASN G 162 39.88 -21.50 9.91
CA ASN G 162 40.66 -22.00 8.78
C ASN G 162 40.59 -23.52 8.70
N ARG G 163 40.56 -24.20 9.85
CA ARG G 163 40.43 -25.65 9.87
C ARG G 163 39.07 -26.10 9.34
N VAL G 164 38.00 -25.43 9.75
CA VAL G 164 36.66 -25.77 9.26
C VAL G 164 36.52 -25.45 7.78
N ILE G 165 37.00 -24.28 7.35
CA ILE G 165 36.92 -23.90 5.95
C ILE G 165 37.87 -24.69 5.07
N GLN G 166 38.85 -25.38 5.66
CA GLN G 166 39.75 -26.26 4.93
C GLN G 166 39.29 -27.71 4.96
N GLU G 167 38.35 -28.06 5.85
CA GLU G 167 37.76 -29.39 5.83
C GLU G 167 36.63 -29.53 4.82
N LEU G 168 35.75 -28.52 4.70
CA LEU G 168 34.59 -28.61 3.84
C LEU G 168 34.87 -28.19 2.41
N GLY G 169 36.09 -27.74 2.12
CA GLY G 169 36.43 -27.33 0.77
C GLY G 169 35.77 -26.04 0.34
N LEU G 170 36.13 -24.94 0.98
CA LEU G 170 35.59 -23.63 0.64
C LEU G 170 36.72 -22.62 0.42
N ASP G 171 37.84 -23.06 -0.17
CA ASP G 171 38.97 -22.17 -0.38
C ASP G 171 38.73 -21.20 -1.53
N LYS G 172 38.00 -21.62 -2.56
CA LYS G 172 37.75 -20.78 -3.70
C LYS G 172 36.74 -19.67 -3.41
N VAL G 173 35.93 -19.83 -2.37
CA VAL G 173 34.92 -18.83 -2.05
C VAL G 173 35.07 -18.38 -0.60
N ALA G 174 36.28 -18.50 -0.05
CA ALA G 174 36.52 -18.12 1.33
C ALA G 174 36.44 -16.62 1.57
N ASP G 175 36.52 -15.81 0.51
CA ASP G 175 36.54 -14.36 0.66
C ASP G 175 35.49 -13.70 -0.23
N SER G 176 34.62 -14.48 -0.86
CA SER G 176 33.56 -13.99 -1.72
C SER G 176 32.28 -13.88 -0.93
N LYS G 177 31.41 -12.96 -1.34
CA LYS G 177 30.12 -12.79 -0.70
C LYS G 177 29.25 -14.02 -0.96
N VAL G 178 28.47 -14.40 0.06
CA VAL G 178 27.58 -15.56 -0.07
C VAL G 178 26.48 -15.27 -1.08
N GLY G 179 25.67 -14.26 -0.81
CA GLY G 179 24.88 -13.63 -1.85
C GLY G 179 23.63 -14.34 -2.32
N THR G 180 22.65 -13.54 -2.73
CA THR G 180 21.44 -14.00 -3.39
C THR G 180 21.48 -13.53 -4.84
N GLN G 181 20.35 -13.56 -5.52
CA GLN G 181 20.29 -12.99 -6.87
C GLN G 181 20.03 -11.44 -6.86
N PHE G 182 20.42 -10.73 -5.80
CA PHE G 182 20.38 -9.28 -5.75
C PHE G 182 21.74 -8.63 -5.94
N ILE G 183 22.83 -9.35 -5.67
CA ILE G 183 24.20 -8.90 -5.94
C ILE G 183 25.00 -10.18 -6.08
N ARG G 184 26.07 -10.16 -6.90
CA ARG G 184 26.99 -11.25 -7.22
C ARG G 184 27.31 -12.20 -6.06
N GLY G 185 26.99 -13.48 -6.21
CA GLY G 185 27.10 -14.40 -5.11
C GLY G 185 27.42 -15.80 -5.58
N VAL G 186 27.71 -16.67 -4.61
CA VAL G 186 28.17 -18.03 -4.85
C VAL G 186 26.99 -18.93 -5.20
N SER G 187 27.30 -20.14 -5.67
CA SER G 187 26.27 -21.10 -6.03
C SER G 187 25.59 -21.66 -4.79
N GLY G 188 24.42 -22.28 -5.02
CA GLY G 188 23.63 -22.86 -3.94
C GLY G 188 24.13 -24.18 -3.42
N GLY G 189 25.16 -24.75 -4.05
CA GLY G 189 25.71 -26.00 -3.58
C GLY G 189 26.71 -25.83 -2.47
N GLU G 190 27.29 -24.64 -2.36
CA GLU G 190 28.22 -24.34 -1.28
C GLU G 190 27.66 -23.36 -0.28
N ARG G 191 26.53 -22.72 -0.58
CA ARG G 191 25.80 -21.98 0.45
C ARG G 191 25.30 -22.92 1.54
N LYS G 192 24.87 -24.12 1.14
CA LYS G 192 24.43 -25.12 2.11
C LYS G 192 25.57 -25.61 2.97
N ARG G 193 26.75 -25.84 2.40
CA ARG G 193 27.86 -26.25 3.24
C ARG G 193 28.48 -25.09 4.01
N THR G 194 28.23 -23.85 3.57
CA THR G 194 28.55 -22.69 4.40
C THR G 194 27.67 -22.68 5.65
N SER G 195 26.38 -22.97 5.47
CA SER G 195 25.47 -23.08 6.60
C SER G 195 25.80 -24.28 7.48
N ILE G 196 26.33 -25.35 6.89
CA ILE G 196 26.76 -26.51 7.67
C ILE G 196 27.99 -26.17 8.49
N GLY G 197 28.90 -25.38 7.92
CA GLY G 197 30.10 -24.99 8.63
C GLY G 197 29.91 -24.00 9.76
N MET G 198 28.73 -23.38 9.85
CA MET G 198 28.48 -22.43 10.92
C MET G 198 28.22 -23.12 12.25
N GLU G 199 27.84 -24.40 12.23
CA GLU G 199 27.62 -25.16 13.45
C GLU G 199 28.73 -26.14 13.74
N LEU G 200 29.73 -26.26 12.87
CA LEU G 200 30.88 -27.11 13.13
C LEU G 200 32.00 -26.37 13.87
N ILE G 201 31.78 -25.11 14.25
CA ILE G 201 32.80 -24.37 14.97
C ILE G 201 32.90 -24.86 16.41
N THR G 202 31.77 -25.18 17.03
CA THR G 202 31.77 -25.62 18.42
C THR G 202 32.09 -27.10 18.59
N ASP G 203 32.43 -27.79 17.49
CA ASP G 203 32.73 -29.21 17.38
C ASP G 203 31.66 -30.09 18.02
N PRO G 204 30.47 -30.20 17.43
CA PRO G 204 29.47 -31.09 18.01
C PRO G 204 29.74 -32.54 17.62
N SER G 205 29.46 -33.44 18.56
CA SER G 205 29.55 -34.86 18.25
C SER G 205 28.27 -35.37 17.62
N ILE G 206 27.15 -34.71 17.87
CA ILE G 206 25.87 -35.00 17.24
C ILE G 206 25.50 -33.81 16.36
N LEU G 207 25.13 -34.09 15.12
CA LEU G 207 24.81 -33.04 14.15
C LEU G 207 23.48 -33.36 13.50
N PHE G 208 22.49 -32.49 13.71
CA PHE G 208 21.16 -32.67 13.14
C PHE G 208 21.03 -31.84 11.87
N LEU G 209 20.33 -32.38 10.89
CA LEU G 209 20.08 -31.68 9.63
C LEU G 209 18.64 -31.90 9.22
N ASP G 210 17.97 -30.84 8.81
CA ASP G 210 16.57 -30.93 8.40
C ASP G 210 16.55 -30.84 6.88
N GLU G 211 16.39 -31.99 6.23
CA GLU G 211 16.24 -32.17 4.79
C GLU G 211 17.34 -31.48 3.99
N PRO G 212 18.56 -32.01 3.96
CA PRO G 212 19.65 -31.31 3.30
C PRO G 212 19.68 -31.45 1.79
N THR G 213 18.59 -31.92 1.18
CA THR G 213 18.49 -32.08 -0.26
C THR G 213 17.33 -31.32 -0.86
N THR G 214 16.36 -30.87 -0.06
CA THR G 214 15.21 -30.15 -0.57
C THR G 214 15.64 -28.75 -0.98
N GLY G 215 15.35 -28.39 -2.22
CA GLY G 215 15.73 -27.10 -2.75
C GLY G 215 17.02 -27.09 -3.54
N LEU G 216 17.72 -28.21 -3.64
CA LEU G 216 18.97 -28.29 -4.38
C LEU G 216 18.78 -29.06 -5.68
N ASP G 217 19.72 -28.83 -6.59
CA ASP G 217 19.86 -29.62 -7.80
C ASP G 217 20.61 -30.92 -7.48
N SER G 218 20.65 -31.84 -8.45
CA SER G 218 20.97 -33.24 -8.17
C SER G 218 22.45 -33.47 -7.87
N SER G 219 23.35 -32.94 -8.70
CA SER G 219 24.78 -33.18 -8.53
C SER G 219 25.30 -32.53 -7.26
N THR G 220 24.78 -31.36 -6.92
CA THR G 220 25.16 -30.71 -5.66
C THR G 220 24.64 -31.50 -4.46
N ALA G 221 23.42 -32.08 -4.57
CA ALA G 221 22.88 -32.88 -3.48
C ALA G 221 23.70 -34.13 -3.24
N ASN G 222 24.09 -34.81 -4.32
CA ASN G 222 25.02 -35.94 -4.23
C ASN G 222 26.36 -35.52 -3.65
N ALA G 223 26.80 -34.29 -3.96
CA ALA G 223 28.08 -33.79 -3.46
C ALA G 223 28.06 -33.60 -1.95
N VAL G 224 27.05 -32.90 -1.41
CA VAL G 224 27.03 -32.75 0.04
C VAL G 224 26.65 -34.05 0.76
N LEU G 225 25.99 -35.00 0.09
CA LEU G 225 25.79 -36.30 0.72
C LEU G 225 27.08 -37.07 0.83
N LEU G 226 27.93 -37.00 -0.20
CA LEU G 226 29.26 -37.58 -0.07
C LEU G 226 30.11 -36.84 0.96
N LEU G 227 29.90 -35.53 1.10
CA LEU G 227 30.59 -34.76 2.14
C LEU G 227 30.19 -35.22 3.54
N LEU G 228 28.89 -35.42 3.78
CA LEU G 228 28.45 -35.91 5.08
C LEU G 228 28.88 -37.35 5.31
N LYS G 229 28.97 -38.15 4.25
CA LYS G 229 29.45 -39.52 4.37
C LYS G 229 30.92 -39.54 4.78
N ARG G 230 31.73 -38.63 4.23
CA ARG G 230 33.12 -38.53 4.63
C ARG G 230 33.26 -37.94 6.04
N MET G 231 32.36 -37.02 6.40
CA MET G 231 32.42 -36.39 7.72
C MET G 231 31.98 -37.34 8.83
N SER G 232 31.17 -38.35 8.51
CA SER G 232 30.63 -39.24 9.53
C SER G 232 31.70 -40.16 10.12
N LYS G 233 32.73 -40.50 9.35
CA LYS G 233 33.71 -41.50 9.78
C LYS G 233 34.81 -40.94 10.67
N GLN G 234 34.68 -39.70 11.16
CA GLN G 234 35.55 -39.18 12.20
C GLN G 234 34.97 -39.37 13.58
N GLY G 235 33.94 -40.20 13.72
CA GLY G 235 33.30 -40.42 15.01
C GLY G 235 32.23 -39.41 15.34
N ARG G 236 31.43 -39.02 14.35
CA ARG G 236 30.42 -37.98 14.52
C ARG G 236 29.06 -38.54 14.13
N THR G 237 28.11 -38.49 15.05
CA THR G 237 26.74 -38.94 14.78
C THR G 237 26.05 -37.89 13.93
N ILE G 238 25.45 -38.32 12.82
CA ILE G 238 24.75 -37.45 11.90
C ILE G 238 23.33 -37.98 11.75
N ILE G 239 22.35 -37.26 12.28
CA ILE G 239 20.95 -37.63 12.20
C ILE G 239 20.26 -36.64 11.29
N PHE G 240 19.54 -37.13 10.28
CA PHE G 240 18.87 -36.21 9.37
C PHE G 240 17.61 -36.82 8.79
N SER G 241 16.60 -35.99 8.58
CA SER G 241 15.48 -36.36 7.75
C SER G 241 15.83 -36.09 6.29
N ILE G 242 15.11 -36.75 5.38
CA ILE G 242 15.32 -36.56 3.96
C ILE G 242 14.01 -36.85 3.24
N HIS G 243 13.85 -36.30 2.04
CA HIS G 243 12.61 -36.35 1.30
C HIS G 243 12.85 -36.97 -0.05
N GLN G 244 12.40 -38.23 -0.21
CA GLN G 244 12.47 -39.05 -1.42
C GLN G 244 13.87 -39.14 -2.01
N PRO G 245 14.78 -39.90 -1.39
CA PRO G 245 16.14 -39.99 -1.93
C PRO G 245 16.21 -40.97 -3.10
N ARG G 246 17.29 -40.83 -3.86
CA ARG G 246 17.61 -41.71 -4.98
C ARG G 246 18.46 -42.86 -4.45
N TYR G 247 18.84 -43.78 -5.35
CA TYR G 247 19.60 -44.95 -4.91
C TYR G 247 21.04 -44.61 -4.59
N SER G 248 21.62 -43.63 -5.30
CA SER G 248 23.00 -43.25 -5.03
C SER G 248 23.14 -42.55 -3.69
N ILE G 249 22.05 -42.01 -3.15
CA ILE G 249 22.02 -41.45 -1.81
C ILE G 249 21.66 -42.52 -0.78
N PHE G 250 20.71 -43.39 -1.11
CA PHE G 250 20.27 -44.44 -0.20
C PHE G 250 21.32 -45.51 0.03
N LYS G 251 22.25 -45.69 -0.91
CA LYS G 251 23.22 -46.77 -0.78
C LYS G 251 24.37 -46.45 0.17
N LEU G 252 24.34 -45.28 0.83
CA LEU G 252 25.41 -44.91 1.75
C LEU G 252 24.89 -44.60 3.16
N PHE G 253 23.67 -45.01 3.47
CA PHE G 253 23.14 -44.86 4.81
C PHE G 253 23.70 -45.94 5.72
N ASP G 254 23.45 -45.77 7.03
CA ASP G 254 23.82 -46.75 8.02
C ASP G 254 22.66 -47.20 8.90
N SER G 255 21.61 -46.39 9.03
CA SER G 255 20.42 -46.81 9.76
C SER G 255 19.23 -46.11 9.15
N LEU G 256 18.06 -46.68 9.39
CA LEU G 256 16.83 -46.22 8.75
C LEU G 256 15.71 -46.15 9.78
N THR G 257 14.85 -45.15 9.63
CA THR G 257 13.70 -44.97 10.51
C THR G 257 12.54 -44.51 9.65
N LEU G 258 11.62 -45.43 9.37
CA LEU G 258 10.43 -45.11 8.60
C LEU G 258 9.33 -44.66 9.52
N LEU G 259 8.61 -43.62 9.11
CA LEU G 259 7.55 -43.04 9.93
C LEU G 259 6.38 -42.65 9.04
N ALA G 260 5.21 -43.16 9.34
CA ALA G 260 3.98 -42.81 8.62
C ALA G 260 2.87 -42.65 9.64
N SER G 261 2.23 -41.47 9.62
CA SER G 261 1.14 -41.09 10.53
C SER G 261 1.54 -41.17 12.00
N GLY G 262 2.81 -40.92 12.29
CA GLY G 262 3.28 -40.96 13.66
C GLY G 262 3.57 -42.34 14.20
N ARG G 263 3.46 -43.38 13.39
CA ARG G 263 3.76 -44.74 13.82
C ARG G 263 5.09 -45.16 13.23
N LEU G 264 5.77 -46.07 13.91
CA LEU G 264 7.05 -46.57 13.44
C LEU G 264 6.83 -47.76 12.52
N MET G 265 7.25 -47.63 11.25
CA MET G 265 7.14 -48.71 10.29
C MET G 265 8.35 -49.61 10.24
N PHE G 266 9.54 -49.08 10.53
CA PHE G 266 10.78 -49.84 10.50
C PHE G 266 11.84 -49.07 11.27
N HIS G 267 12.72 -49.79 11.94
CA HIS G 267 13.95 -49.22 12.47
C HIS G 267 15.01 -50.31 12.52
N GLY G 268 16.12 -50.08 11.86
CA GLY G 268 17.23 -51.01 11.86
C GLY G 268 18.32 -50.53 10.94
N PRO G 269 19.10 -51.44 10.37
CA PRO G 269 20.00 -51.06 9.30
C PRO G 269 19.23 -50.74 8.02
N ALA G 270 19.90 -50.03 7.12
CA ALA G 270 19.20 -49.48 5.96
C ALA G 270 18.93 -50.54 4.90
N GLN G 271 19.88 -51.43 4.65
CA GLN G 271 19.73 -52.44 3.61
C GLN G 271 18.88 -53.63 4.06
N GLU G 272 18.80 -53.86 5.37
CA GLU G 272 17.88 -54.86 5.89
C GLU G 272 16.42 -54.46 5.76
N ALA G 273 16.12 -53.22 5.39
CA ALA G 273 14.73 -52.85 5.13
C ALA G 273 14.20 -53.53 3.88
N LEU G 274 15.07 -53.58 2.86
CA LEU G 274 14.77 -54.29 1.58
C LEU G 274 14.78 -55.80 1.90
N GLY G 275 15.67 -56.22 2.79
CA GLY G 275 15.70 -57.62 3.19
C GLY G 275 14.51 -58.06 4.02
N TYR G 276 13.85 -57.12 4.70
CA TYR G 276 12.77 -57.36 5.63
C TYR G 276 11.40 -57.24 4.99
N PHE G 277 11.22 -56.31 4.05
CA PHE G 277 9.91 -56.08 3.48
C PHE G 277 9.48 -57.18 2.52
N GLU G 278 10.42 -58.06 2.17
CA GLU G 278 10.12 -59.23 1.28
C GLU G 278 9.54 -60.36 2.15
N SER G 279 9.89 -60.39 3.43
CA SER G 279 9.40 -61.39 4.36
C SER G 279 7.99 -61.08 4.87
N ALA G 280 7.53 -59.85 4.71
CA ALA G 280 6.15 -59.49 5.02
C ALA G 280 5.22 -59.71 3.84
N GLY G 281 5.74 -60.09 2.68
CA GLY G 281 4.91 -60.38 1.53
C GLY G 281 4.76 -59.24 0.55
N TYR G 282 5.85 -58.49 0.39
CA TYR G 282 5.94 -57.32 -0.53
C TYR G 282 7.27 -57.40 -1.29
N HIS G 283 7.31 -58.15 -2.40
CA HIS G 283 8.56 -58.28 -3.19
C HIS G 283 8.82 -56.98 -3.96
N CYS G 284 10.03 -56.42 -3.84
CA CYS G 284 10.38 -55.16 -4.55
C CYS G 284 10.77 -55.49 -5.99
N GLU G 285 10.20 -54.76 -6.96
CA GLU G 285 10.48 -54.99 -8.41
C GLU G 285 11.93 -54.62 -8.72
N ALA G 286 12.54 -55.31 -9.70
CA ALA G 286 13.94 -55.03 -10.09
C ALA G 286 13.99 -53.69 -10.84
N TYR G 287 15.13 -52.98 -10.75
CA TYR G 287 15.35 -51.65 -11.36
C TYR G 287 14.35 -50.63 -10.79
N ASN G 288 14.08 -50.74 -9.49
CA ASN G 288 13.15 -49.84 -8.76
C ASN G 288 13.89 -49.32 -7.53
N ASN G 289 13.67 -48.05 -7.15
CA ASN G 289 14.39 -47.48 -6.03
C ASN G 289 13.77 -47.98 -4.72
N PRO G 290 14.57 -48.43 -3.76
CA PRO G 290 13.99 -48.97 -2.51
C PRO G 290 13.30 -47.94 -1.64
N ALA G 291 13.78 -46.69 -1.63
CA ALA G 291 13.09 -45.64 -0.89
C ALA G 291 11.73 -45.32 -1.53
N ASP G 292 11.70 -45.24 -2.86
CA ASP G 292 10.42 -45.13 -3.56
C ASP G 292 9.57 -46.38 -3.38
N PHE G 293 10.24 -47.52 -3.16
CA PHE G 293 9.51 -48.80 -2.92
C PHE G 293 8.79 -48.73 -1.56
N PHE G 294 9.47 -48.21 -0.53
CA PHE G 294 8.87 -48.11 0.80
C PHE G 294 7.75 -47.09 0.83
N LEU G 295 7.99 -45.92 0.22
CA LEU G 295 6.94 -44.91 0.17
C LEU G 295 5.79 -45.29 -0.73
N ASP G 296 5.99 -46.22 -1.67
CA ASP G 296 4.90 -46.69 -2.50
C ASP G 296 4.08 -47.76 -1.79
N ILE G 297 4.76 -48.65 -1.06
CA ILE G 297 4.09 -49.76 -0.33
C ILE G 297 3.42 -49.20 0.93
N ILE G 298 3.74 -47.95 1.29
CA ILE G 298 3.16 -47.31 2.50
C ILE G 298 2.04 -46.35 2.07
N ASN G 299 1.95 -46.05 0.77
CA ASN G 299 0.82 -45.22 0.26
C ASN G 299 -0.28 -46.18 -0.18
N GLY G 300 -0.02 -47.49 -0.12
CA GLY G 300 -1.01 -48.50 -0.51
C GLY G 300 -0.97 -48.78 -2.00
N ASP G 301 -0.20 -47.99 -2.75
CA ASP G 301 -0.13 -48.12 -4.23
C ASP G 301 0.49 -49.47 -4.60
N SER G 302 1.46 -49.93 -3.82
CA SER G 302 2.06 -51.27 -4.06
C SER G 302 1.12 -52.37 -3.54
N THR G 303 1.16 -53.56 -4.14
CA THR G 303 0.23 -54.65 -3.75
C THR G 303 1.03 -55.81 -3.16
N ALA G 304 0.51 -56.45 -2.11
CA ALA G 304 1.20 -57.59 -1.49
C ALA G 304 1.32 -58.74 -2.50
N VAL G 305 2.48 -59.40 -2.54
CA VAL G 305 2.70 -60.52 -3.51
C VAL G 305 3.61 -61.57 -2.86
N PRO G 327 -6.96 -49.24 7.36
CA PRO G 327 -6.17 -49.58 8.55
C PRO G 327 -4.84 -50.23 8.20
N LEU G 328 -4.17 -49.74 7.16
CA LEU G 328 -2.90 -50.31 6.73
C LEU G 328 -1.77 -49.92 7.66
N ILE G 329 -1.86 -48.75 8.28
CA ILE G 329 -0.74 -48.21 9.06
C ILE G 329 -0.60 -48.95 10.39
N GLU G 330 -1.72 -49.20 11.09
CA GLU G 330 -1.66 -49.94 12.35
C GLU G 330 -1.22 -51.38 12.12
N LYS G 331 -1.68 -51.96 11.01
CA LYS G 331 -1.35 -53.34 10.68
C LYS G 331 0.14 -53.48 10.40
N LEU G 332 0.71 -52.57 9.62
CA LEU G 332 2.15 -52.59 9.37
C LEU G 332 2.95 -52.27 10.63
N ALA G 333 2.37 -51.45 11.52
CA ALA G 333 3.03 -51.10 12.78
C ALA G 333 3.23 -52.33 13.65
N GLU G 334 2.20 -53.14 13.80
CA GLU G 334 2.36 -54.35 14.62
C GLU G 334 2.57 -55.63 13.81
N ILE G 335 3.08 -55.47 12.59
CA ILE G 335 3.55 -56.64 11.81
C ILE G 335 5.06 -56.47 12.00
N TYR G 336 5.47 -55.27 12.42
CA TYR G 336 6.90 -54.98 12.68
C TYR G 336 7.17 -55.09 14.19
N VAL G 337 6.20 -54.65 15.01
CA VAL G 337 6.40 -54.73 16.46
C VAL G 337 6.72 -56.15 16.91
N ASN G 338 6.28 -57.16 16.16
CA ASN G 338 6.53 -58.56 16.52
C ASN G 338 7.51 -59.20 15.54
N SER G 339 8.54 -58.46 15.15
CA SER G 339 9.55 -58.92 14.23
C SER G 339 10.86 -59.15 14.96
N SER G 340 11.87 -59.57 14.21
CA SER G 340 13.19 -59.81 14.74
C SER G 340 14.08 -58.58 14.67
N PHE G 341 13.49 -57.41 14.46
CA PHE G 341 14.17 -56.13 14.54
C PHE G 341 13.73 -55.31 15.74
N TYR G 342 12.50 -55.53 16.23
CA TYR G 342 12.01 -54.78 17.37
C TYR G 342 12.60 -55.28 18.68
N LYS G 343 12.78 -56.60 18.80
CA LYS G 343 13.21 -57.20 20.06
C LYS G 343 14.63 -56.82 20.48
N GLU G 344 15.59 -56.87 19.55
CA GLU G 344 16.97 -56.61 19.97
C GLU G 344 17.19 -55.12 20.21
N THR G 345 16.44 -54.27 19.52
CA THR G 345 16.43 -52.87 19.85
C THR G 345 15.82 -52.61 21.21
N LYS G 346 14.79 -53.37 21.58
CA LYS G 346 14.23 -53.27 22.92
C LYS G 346 15.21 -53.77 23.98
N ALA G 347 16.02 -54.79 23.67
CA ALA G 347 17.04 -55.26 24.60
C ALA G 347 18.12 -54.21 24.81
N GLU G 348 18.52 -53.53 23.71
CA GLU G 348 19.42 -52.38 23.78
C GLU G 348 18.85 -51.25 24.64
N LEU G 349 17.54 -51.06 24.59
CA LEU G 349 16.94 -50.02 25.42
C LEU G 349 16.82 -50.45 26.88
N HIS G 350 16.58 -51.73 27.13
CA HIS G 350 16.40 -52.18 28.50
C HIS G 350 17.71 -52.38 29.25
N GLN G 351 18.84 -52.50 28.57
CA GLN G 351 20.08 -52.39 29.31
C GLN G 351 20.60 -50.95 29.15
N LEU G 352 19.85 -50.03 29.76
CA LEU G 352 20.19 -48.60 29.81
C LEU G 352 19.68 -47.96 31.10
N TYR G 369 26.05 -15.76 30.60
CA TYR G 369 26.10 -16.84 29.63
C TYR G 369 27.54 -17.14 29.28
N THR G 370 27.75 -17.57 28.03
CA THR G 370 29.09 -17.80 27.52
C THR G 370 29.87 -16.50 27.32
N THR G 371 29.17 -15.40 27.06
CA THR G 371 29.76 -14.09 26.82
C THR G 371 29.10 -13.05 27.74
N SER G 372 29.42 -11.78 27.48
CA SER G 372 28.86 -10.67 28.23
C SER G 372 27.77 -9.98 27.42
N PHE G 373 27.17 -8.93 28.01
CA PHE G 373 26.17 -8.16 27.30
C PHE G 373 26.81 -7.25 26.26
N CYS G 374 27.96 -6.65 26.60
CA CYS G 374 28.61 -5.71 25.69
C CYS G 374 29.18 -6.41 24.47
N HIS G 375 29.66 -7.64 24.63
CA HIS G 375 30.24 -8.38 23.51
C HIS G 375 29.17 -8.76 22.49
N GLN G 376 28.03 -9.26 22.96
CA GLN G 376 26.92 -9.58 22.07
C GLN G 376 26.35 -8.32 21.44
N LEU G 377 26.28 -7.22 22.18
CA LEU G 377 25.78 -5.96 21.64
C LEU G 377 26.68 -5.46 20.51
N ARG G 378 28.00 -5.51 20.72
CA ARG G 378 28.97 -5.09 19.71
C ARG G 378 28.88 -5.96 18.46
N TRP G 379 28.76 -7.28 18.62
CA TRP G 379 28.79 -8.15 17.45
C TRP G 379 27.48 -8.12 16.67
N VAL G 380 26.34 -8.04 17.36
CA VAL G 380 25.06 -7.93 16.66
C VAL G 380 24.96 -6.59 15.93
N SER G 381 25.45 -5.51 16.57
CA SER G 381 25.45 -4.20 15.93
C SER G 381 26.39 -4.15 14.72
N LYS G 382 27.55 -4.82 14.82
CA LYS G 382 28.50 -4.84 13.71
C LYS G 382 27.95 -5.61 12.52
N ARG G 383 27.36 -6.79 12.77
CA ARG G 383 26.80 -7.57 11.68
C ARG G 383 25.60 -6.88 11.05
N SER G 384 24.78 -6.21 11.87
CA SER G 384 23.63 -5.50 11.32
C SER G 384 24.05 -4.28 10.51
N PHE G 385 25.12 -3.59 10.91
CA PHE G 385 25.58 -2.44 10.15
C PHE G 385 26.24 -2.87 8.84
N LYS G 386 26.96 -4.00 8.85
CA LYS G 386 27.53 -4.53 7.61
C LYS G 386 26.43 -4.97 6.65
N ASN G 387 25.34 -5.53 7.18
CA ASN G 387 24.21 -5.85 6.31
C ASN G 387 23.50 -4.59 5.83
N LEU G 388 23.54 -3.51 6.61
CA LEU G 388 22.90 -2.27 6.17
C LEU G 388 23.68 -1.62 5.02
N LEU G 389 25.00 -1.53 5.15
CA LEU G 389 25.79 -0.96 4.07
C LEU G 389 26.08 -1.95 2.94
N GLY G 390 25.72 -3.22 3.10
CA GLY G 390 25.93 -4.19 2.05
C GLY G 390 24.71 -4.39 1.17
N ASN G 391 23.61 -3.73 1.51
CA ASN G 391 22.37 -3.77 0.74
C ASN G 391 22.13 -2.40 0.12
N PRO G 392 22.45 -2.19 -1.17
CA PRO G 392 22.19 -0.89 -1.81
C PRO G 392 20.77 -0.76 -2.36
N GLN G 393 19.79 -1.09 -1.52
CA GLN G 393 18.38 -0.78 -1.77
C GLN G 393 17.80 0.16 -0.72
N ALA G 394 17.81 -0.24 0.55
CA ALA G 394 17.15 0.51 1.60
C ALA G 394 18.03 1.57 2.23
N SER G 395 19.22 1.79 1.67
CA SER G 395 20.17 2.75 2.22
C SER G 395 20.36 3.94 1.29
N ILE G 396 20.44 3.70 -0.02
CA ILE G 396 20.71 4.77 -0.97
C ILE G 396 19.43 5.36 -1.56
N ALA G 397 18.47 4.49 -1.92
CA ALA G 397 17.27 4.94 -2.62
C ALA G 397 16.37 5.80 -1.74
N GLN G 398 16.38 5.54 -0.42
CA GLN G 398 15.67 6.42 0.51
C GLN G 398 16.26 7.82 0.50
N ILE G 399 17.59 7.92 0.47
CA ILE G 399 18.24 9.22 0.45
C ILE G 399 17.97 9.93 -0.86
N ILE G 400 17.91 9.17 -1.97
CA ILE G 400 17.65 9.79 -3.28
C ILE G 400 16.22 10.31 -3.35
N VAL G 401 15.24 9.53 -2.88
CA VAL G 401 13.86 10.00 -2.93
C VAL G 401 13.63 11.14 -1.94
N THR G 402 14.36 11.14 -0.82
CA THR G 402 14.26 12.25 0.13
C THR G 402 14.84 13.54 -0.46
N VAL G 403 15.98 13.45 -1.16
CA VAL G 403 16.59 14.63 -1.76
C VAL G 403 15.71 15.18 -2.88
N VAL G 404 15.16 14.31 -3.75
CA VAL G 404 14.35 14.86 -4.83
C VAL G 404 13.00 15.36 -4.31
N LEU G 405 12.45 14.78 -3.24
CA LEU G 405 11.23 15.30 -2.65
C LEU G 405 11.47 16.64 -1.97
N GLY G 406 12.63 16.80 -1.34
CA GLY G 406 12.97 18.09 -0.77
C GLY G 406 13.18 19.17 -1.81
N LEU G 407 13.75 18.79 -2.97
CA LEU G 407 13.92 19.76 -4.04
C LEU G 407 12.58 20.16 -4.64
N VAL G 408 11.65 19.21 -4.76
CA VAL G 408 10.31 19.54 -5.24
C VAL G 408 9.57 20.46 -4.27
N ILE G 409 9.60 20.13 -2.98
CA ILE G 409 8.89 20.94 -1.98
C ILE G 409 9.52 22.31 -1.85
N GLY G 410 10.84 22.41 -1.95
CA GLY G 410 11.48 23.72 -1.98
C GLY G 410 11.23 24.49 -3.25
N ALA G 411 10.89 23.82 -4.35
CA ALA G 411 10.59 24.53 -5.58
C ALA G 411 9.15 25.00 -5.67
N ILE G 412 8.20 24.28 -5.08
CA ILE G 412 6.80 24.71 -5.12
C ILE G 412 6.58 25.89 -4.18
N TYR G 413 7.07 25.79 -2.96
CA TYR G 413 6.85 26.81 -1.93
C TYR G 413 7.98 27.81 -1.87
N PHE G 414 8.57 28.15 -3.02
CA PHE G 414 9.67 29.11 -3.03
C PHE G 414 9.16 30.51 -2.70
N GLY G 415 9.77 31.15 -1.71
CA GLY G 415 9.42 32.50 -1.36
C GLY G 415 8.07 32.65 -0.71
N LEU G 416 7.93 32.17 0.51
CA LEU G 416 6.70 32.36 1.27
C LEU G 416 6.56 33.83 1.65
N LYS G 417 5.46 34.45 1.24
CA LYS G 417 5.25 35.85 1.51
C LYS G 417 4.26 36.01 2.67
N ASN G 418 3.91 37.25 2.97
CA ASN G 418 3.09 37.54 4.13
C ASN G 418 1.75 38.15 3.72
N ASP G 419 1.10 37.56 2.72
CA ASP G 419 -0.23 37.95 2.31
C ASP G 419 -1.25 37.10 3.06
N SER G 420 -2.52 37.14 2.62
CA SER G 420 -3.52 36.26 3.19
C SER G 420 -3.30 34.80 2.80
N THR G 421 -2.57 34.56 1.72
CA THR G 421 -2.17 33.22 1.31
C THR G 421 -0.81 32.82 1.86
N GLY G 422 -0.37 33.45 2.94
CA GLY G 422 0.88 33.08 3.57
C GLY G 422 0.64 32.14 4.73
N ILE G 423 -0.58 32.18 5.28
CA ILE G 423 -0.97 31.24 6.33
C ILE G 423 -1.21 29.86 5.73
N GLN G 424 -1.89 29.81 4.59
CA GLN G 424 -2.28 28.55 3.97
C GLN G 424 -1.07 27.76 3.49
N ASN G 425 -0.10 28.45 2.89
CA ASN G 425 1.10 27.80 2.39
C ASN G 425 1.95 27.24 3.53
N ARG G 426 2.06 28.00 4.62
CA ARG G 426 2.85 27.56 5.77
C ARG G 426 2.21 26.35 6.45
N ALA G 427 0.89 26.41 6.67
CA ALA G 427 0.19 25.28 7.28
C ALA G 427 0.25 24.05 6.38
N GLY G 428 0.15 24.25 5.07
CA GLY G 428 0.22 23.12 4.16
C GLY G 428 1.59 22.47 4.10
N VAL G 429 2.65 23.27 4.09
CA VAL G 429 3.98 22.66 3.99
C VAL G 429 4.37 21.99 5.30
N LEU G 430 3.96 22.53 6.45
CA LEU G 430 4.29 21.87 7.71
C LEU G 430 3.47 20.61 7.90
N PHE G 431 2.21 20.61 7.43
CA PHE G 431 1.42 19.39 7.43
C PHE G 431 2.03 18.33 6.53
N PHE G 432 2.59 18.75 5.38
CA PHE G 432 3.20 17.79 4.48
C PHE G 432 4.46 17.17 5.08
N LEU G 433 5.27 17.97 5.79
CA LEU G 433 6.47 17.41 6.44
C LEU G 433 6.09 16.40 7.52
N THR G 434 5.18 16.77 8.42
CA THR G 434 4.84 15.86 9.51
C THR G 434 4.01 14.67 9.05
N THR G 435 3.36 14.74 7.90
CA THR G 435 2.69 13.55 7.37
C THR G 435 3.68 12.65 6.65
N ASN G 436 4.63 13.25 5.91
CA ASN G 436 5.62 12.50 5.17
C ASN G 436 6.56 11.73 6.08
N GLN G 437 6.89 12.28 7.26
CA GLN G 437 7.75 11.54 8.19
C GLN G 437 7.07 10.27 8.70
N CYS G 438 5.81 10.39 9.13
CA CYS G 438 5.09 9.22 9.63
C CYS G 438 4.79 8.20 8.55
N PHE G 439 4.61 8.64 7.30
CA PHE G 439 4.33 7.64 6.27
C PHE G 439 5.58 7.05 5.64
N SER G 440 6.73 7.73 5.70
CA SER G 440 7.95 7.08 5.26
C SER G 440 8.58 6.23 6.37
N SER G 441 8.16 6.42 7.62
CA SER G 441 8.60 5.55 8.71
C SER G 441 7.76 4.28 8.82
N VAL G 442 6.90 3.99 7.84
CA VAL G 442 6.13 2.75 7.79
C VAL G 442 6.97 1.57 7.33
N SER G 443 8.09 1.82 6.66
CA SER G 443 8.93 0.76 6.12
C SER G 443 9.91 0.19 7.15
N ALA G 444 9.63 0.39 8.44
CA ALA G 444 10.34 -0.29 9.51
C ALA G 444 9.67 -1.61 9.88
N VAL G 445 8.80 -2.12 9.01
CA VAL G 445 8.25 -3.46 9.20
C VAL G 445 9.35 -4.49 9.09
N GLU G 446 10.18 -4.40 8.05
CA GLU G 446 11.12 -5.46 7.67
C GLU G 446 12.39 -5.45 8.50
N LEU G 447 12.33 -4.93 9.72
CA LEU G 447 13.38 -5.09 10.70
C LEU G 447 13.24 -6.39 11.49
N PHE G 448 12.01 -6.78 11.82
CA PHE G 448 11.77 -7.90 12.72
C PHE G 448 10.86 -8.96 12.10
N VAL G 449 10.61 -8.91 10.79
CA VAL G 449 9.82 -9.92 10.10
C VAL G 449 10.65 -10.72 9.10
N VAL G 450 11.56 -10.06 8.37
CA VAL G 450 12.35 -10.79 7.38
C VAL G 450 13.52 -11.53 7.98
N GLU G 451 13.70 -11.47 9.30
CA GLU G 451 14.74 -12.23 9.97
C GLU G 451 14.21 -12.90 11.24
N LYS G 452 12.92 -13.27 11.23
CA LYS G 452 12.33 -13.91 12.41
C LYS G 452 12.90 -15.30 12.63
N LYS G 453 13.03 -16.09 11.57
CA LYS G 453 13.53 -17.46 11.71
C LYS G 453 15.00 -17.48 12.12
N LEU G 454 15.79 -16.53 11.63
CA LEU G 454 17.18 -16.39 12.08
C LEU G 454 17.24 -15.99 13.55
N PHE G 455 16.31 -15.15 14.00
CA PHE G 455 16.27 -14.75 15.40
C PHE G 455 15.90 -15.93 16.31
N ILE G 456 14.91 -16.73 15.90
CA ILE G 456 14.50 -17.89 16.70
C ILE G 456 15.64 -18.91 16.75
N HIS G 457 16.28 -19.17 15.61
CA HIS G 457 17.35 -20.16 15.55
C HIS G 457 18.56 -19.73 16.36
N GLU G 458 19.02 -18.49 16.21
CA GLU G 458 20.17 -18.07 16.97
C GLU G 458 19.84 -17.71 18.41
N TYR G 459 18.57 -17.55 18.77
CA TYR G 459 18.27 -17.42 20.19
C TYR G 459 18.29 -18.76 20.88
N ILE G 460 17.62 -19.77 20.32
CA ILE G 460 17.61 -21.07 20.98
C ILE G 460 18.90 -21.84 20.78
N SER G 461 19.76 -21.42 19.86
CA SER G 461 21.08 -22.01 19.75
C SER G 461 22.04 -21.49 20.80
N GLY G 462 21.69 -20.43 21.52
CA GLY G 462 22.51 -19.93 22.60
C GLY G 462 23.56 -18.92 22.19
N TYR G 463 23.21 -18.03 21.25
CA TYR G 463 24.13 -16.97 20.85
C TYR G 463 24.07 -15.81 21.84
N TYR G 464 22.90 -15.16 21.92
CA TYR G 464 22.75 -13.92 22.67
C TYR G 464 21.48 -14.02 23.51
N ARG G 465 21.16 -12.91 24.20
CA ARG G 465 19.88 -12.77 24.86
C ARG G 465 19.01 -11.84 24.04
N VAL G 466 17.76 -11.66 24.45
CA VAL G 466 16.81 -10.90 23.63
C VAL G 466 17.10 -9.41 23.72
N SER G 467 17.55 -8.93 24.88
CA SER G 467 17.76 -7.50 25.06
C SER G 467 18.97 -7.01 24.28
N SER G 468 20.02 -7.83 24.19
CA SER G 468 21.20 -7.43 23.42
C SER G 468 20.91 -7.42 21.92
N TYR G 469 20.15 -8.40 21.44
CA TYR G 469 19.74 -8.42 20.05
C TYR G 469 18.86 -7.23 19.72
N PHE G 470 17.94 -6.90 20.63
CA PHE G 470 17.02 -5.78 20.41
C PHE G 470 17.76 -4.45 20.39
N LEU G 471 18.67 -4.24 21.36
CA LEU G 471 19.43 -3.01 21.42
C LEU G 471 20.39 -2.88 20.24
N GLY G 472 21.03 -3.98 19.82
CA GLY G 472 21.94 -3.91 18.69
C GLY G 472 21.25 -3.66 17.36
N LYS G 473 20.13 -4.36 17.12
CA LYS G 473 19.38 -4.16 15.89
C LYS G 473 18.78 -2.76 15.83
N LEU G 474 18.27 -2.27 16.97
CA LEU G 474 17.77 -0.91 17.07
C LEU G 474 18.85 0.11 16.79
N LEU G 475 19.96 0.04 17.53
CA LEU G 475 21.04 1.01 17.47
C LEU G 475 21.79 0.98 16.14
N SER G 476 21.72 -0.10 15.37
CA SER G 476 22.40 -0.13 14.09
C SER G 476 21.47 -0.11 12.89
N ASP G 477 20.16 -0.08 13.07
CA ASP G 477 19.29 0.09 11.91
C ASP G 477 18.30 1.23 11.99
N LEU G 478 17.81 1.60 13.17
CA LEU G 478 16.80 2.65 13.21
C LEU G 478 17.43 4.03 13.32
N LEU G 479 18.47 4.18 14.14
CA LEU G 479 19.08 5.48 14.36
C LEU G 479 19.74 6.10 13.11
N PRO G 480 20.67 5.42 12.39
CA PRO G 480 21.33 6.14 11.29
C PRO G 480 20.47 6.26 10.03
N MET G 481 19.29 5.67 9.99
CA MET G 481 18.42 5.78 8.83
C MET G 481 17.12 6.52 9.13
N ARG G 482 16.90 6.91 10.38
CA ARG G 482 15.87 7.89 10.67
C ARG G 482 16.43 9.24 11.10
N MET G 483 17.72 9.31 11.42
CA MET G 483 18.30 10.59 11.81
C MET G 483 18.87 11.36 10.63
N LEU G 484 19.05 10.72 9.49
CA LEU G 484 19.48 11.38 8.24
C LEU G 484 18.42 12.16 7.46
N PRO G 485 17.20 11.64 7.18
CA PRO G 485 16.30 12.38 6.29
C PRO G 485 15.75 13.65 6.89
N SER G 486 15.61 13.73 8.21
CA SER G 486 15.21 14.99 8.83
C SER G 486 16.27 16.06 8.65
N ILE G 487 17.55 15.70 8.78
CA ILE G 487 18.64 16.66 8.60
C ILE G 487 18.71 17.15 7.16
N ILE G 488 18.73 16.21 6.20
CA ILE G 488 18.85 16.65 4.81
C ILE G 488 17.57 17.31 4.31
N PHE G 489 16.41 16.96 4.87
CA PHE G 489 15.15 17.54 4.45
C PHE G 489 15.01 18.98 4.95
N THR G 490 15.36 19.21 6.22
CA THR G 490 15.36 20.57 6.76
C THR G 490 16.40 21.44 6.08
N CYS G 491 17.61 20.91 5.88
CA CYS G 491 18.67 21.69 5.25
C CYS G 491 18.35 22.03 3.80
N ILE G 492 17.57 21.21 3.13
CA ILE G 492 17.16 21.57 1.77
C ILE G 492 16.05 22.61 1.79
N VAL G 493 14.96 22.36 2.54
CA VAL G 493 13.75 23.16 2.33
C VAL G 493 13.71 24.43 3.17
N TYR G 494 14.53 24.56 4.22
CA TYR G 494 14.36 25.67 5.15
C TYR G 494 14.75 27.01 4.56
N PHE G 495 15.75 27.05 3.68
CA PHE G 495 16.17 28.30 3.08
C PHE G 495 15.62 28.52 1.68
N MET G 496 15.13 27.46 1.03
CA MET G 496 14.36 27.65 -0.20
C MET G 496 12.99 28.20 0.10
N LEU G 497 12.35 27.72 1.18
CA LEU G 497 11.04 28.23 1.55
C LEU G 497 11.12 29.66 2.08
N GLY G 498 12.11 29.94 2.91
CA GLY G 498 12.20 31.24 3.52
C GLY G 498 11.38 31.30 4.79
N LEU G 499 11.62 30.38 5.71
CA LEU G 499 10.93 30.35 6.99
C LEU G 499 11.63 31.31 7.95
N LYS G 500 11.29 31.22 9.24
CA LYS G 500 11.77 32.13 10.29
C LYS G 500 13.28 32.09 10.42
N PRO G 501 13.98 33.17 10.04
CA PRO G 501 15.44 33.13 9.89
C PRO G 501 16.20 33.32 11.20
N LYS G 502 16.11 32.32 12.07
CA LYS G 502 16.91 32.25 13.27
C LYS G 502 17.70 30.95 13.26
N ALA G 503 18.40 30.68 14.36
CA ALA G 503 19.11 29.42 14.51
C ALA G 503 18.32 28.41 15.33
N ASP G 504 17.69 28.89 16.42
CA ASP G 504 16.86 28.02 17.24
C ASP G 504 15.61 27.59 16.49
N ALA G 505 15.06 28.45 15.62
CA ALA G 505 13.93 28.04 14.80
C ALA G 505 14.30 26.99 13.76
N PHE G 506 15.58 26.91 13.39
CA PHE G 506 16.08 25.86 12.52
C PHE G 506 16.25 24.56 13.28
N PHE G 507 16.88 24.64 14.47
CA PHE G 507 17.21 23.42 15.20
C PHE G 507 16.00 22.79 15.89
N VAL G 508 15.02 23.61 16.32
CA VAL G 508 13.78 23.04 16.86
C VAL G 508 12.99 22.31 15.76
N MET G 509 13.04 22.81 14.53
CA MET G 509 12.38 22.13 13.43
C MET G 509 13.06 20.80 13.11
N MET G 510 14.40 20.79 13.11
CA MET G 510 15.12 19.54 12.87
C MET G 510 14.89 18.53 13.99
N PHE G 511 14.86 18.99 15.24
CA PHE G 511 14.62 18.11 16.37
C PHE G 511 13.20 17.56 16.37
N THR G 512 12.22 18.38 15.95
CA THR G 512 10.84 17.93 15.88
C THR G 512 10.66 16.86 14.80
N LEU G 513 11.31 17.05 13.66
CA LEU G 513 11.22 16.03 12.61
C LEU G 513 11.90 14.73 13.03
N MET G 514 13.02 14.83 13.77
CA MET G 514 13.67 13.64 14.32
C MET G 514 12.76 12.89 15.28
N MET G 515 12.11 13.63 16.20
CA MET G 515 11.24 12.98 17.18
C MET G 515 10.01 12.36 16.54
N VAL G 516 9.48 12.99 15.48
CA VAL G 516 8.33 12.42 14.79
C VAL G 516 8.70 11.13 14.06
N ALA G 517 9.87 11.13 13.41
CA ALA G 517 10.34 9.92 12.73
C ALA G 517 10.62 8.79 13.71
N TYR G 518 11.23 9.11 14.86
CA TYR G 518 11.50 8.09 15.87
C TYR G 518 10.22 7.53 16.49
N SER G 519 9.22 8.39 16.73
CA SER G 519 7.96 7.92 17.30
C SER G 519 7.20 7.03 16.31
N ALA G 520 7.24 7.36 15.02
CA ALA G 520 6.54 6.54 14.05
C ALA G 520 7.24 5.20 13.84
N SER G 521 8.59 5.18 13.87
CA SER G 521 9.29 3.90 13.77
C SER G 521 9.12 3.07 15.04
N SER G 522 8.98 3.71 16.20
CA SER G 522 8.71 2.97 17.43
C SER G 522 7.34 2.32 17.39
N MET G 523 6.33 3.03 16.88
CA MET G 523 5.02 2.41 16.71
C MET G 523 5.04 1.30 15.67
N ALA G 524 5.87 1.46 14.63
CA ALA G 524 6.05 0.40 13.63
C ALA G 524 6.64 -0.86 14.25
N LEU G 525 7.65 -0.71 15.10
CA LEU G 525 8.24 -1.87 15.77
C LEU G 525 7.28 -2.47 16.78
N ALA G 526 6.48 -1.65 17.45
CA ALA G 526 5.54 -2.18 18.42
C ALA G 526 4.41 -2.94 17.76
N ILE G 527 4.04 -2.59 16.54
CA ILE G 527 3.02 -3.35 15.84
C ILE G 527 3.61 -4.60 15.19
N ALA G 528 4.74 -4.46 14.51
CA ALA G 528 5.25 -5.50 13.62
C ALA G 528 6.17 -6.50 14.28
N ALA G 529 6.37 -6.45 15.59
CA ALA G 529 7.27 -7.40 16.24
C ALA G 529 6.60 -8.75 16.40
N GLY G 530 7.38 -9.81 16.27
CA GLY G 530 6.87 -11.15 16.45
C GLY G 530 5.93 -11.64 15.37
N GLN G 531 6.03 -11.08 14.17
CA GLN G 531 5.21 -11.49 13.05
C GLN G 531 6.04 -12.31 12.07
N SER G 532 5.36 -13.06 11.22
CA SER G 532 5.97 -13.79 10.12
C SER G 532 5.57 -13.24 8.77
N VAL G 533 4.31 -12.85 8.61
CA VAL G 533 3.80 -12.23 7.39
C VAL G 533 4.02 -10.73 7.47
N VAL G 534 4.45 -10.13 6.36
CA VAL G 534 4.85 -8.73 6.32
C VAL G 534 3.67 -7.81 6.07
N SER G 535 2.70 -8.23 5.26
CA SER G 535 1.64 -7.38 4.72
C SER G 535 0.65 -6.88 5.77
N VAL G 536 0.36 -7.71 6.78
CA VAL G 536 -0.72 -7.37 7.71
C VAL G 536 -0.31 -6.21 8.61
N ALA G 537 0.98 -6.09 8.91
CA ALA G 537 1.43 -4.99 9.76
C ALA G 537 1.48 -3.69 8.97
N THR G 538 1.84 -3.77 7.68
CA THR G 538 1.82 -2.57 6.84
C THR G 538 0.40 -2.07 6.63
N LEU G 539 -0.56 -2.97 6.46
CA LEU G 539 -1.94 -2.51 6.26
C LEU G 539 -2.55 -2.00 7.56
N LEU G 540 -2.17 -2.61 8.68
CA LEU G 540 -2.64 -2.15 9.99
C LEU G 540 -2.10 -0.76 10.31
N MET G 541 -0.81 -0.54 10.06
CA MET G 541 -0.25 0.80 10.24
C MET G 541 -0.81 1.80 9.25
N THR G 542 -1.19 1.36 8.05
CA THR G 542 -1.76 2.27 7.08
C THR G 542 -3.11 2.79 7.54
N ILE G 543 -3.99 1.90 8.02
CA ILE G 543 -5.28 2.40 8.50
C ILE G 543 -5.13 3.18 9.81
N CYS G 544 -4.12 2.83 10.63
CA CYS G 544 -3.89 3.58 11.86
C CYS G 544 -3.38 5.00 11.57
N PHE G 545 -2.49 5.15 10.59
CA PHE G 545 -1.98 6.48 10.24
C PHE G 545 -2.98 7.30 9.43
N VAL G 546 -3.90 6.66 8.71
CA VAL G 546 -5.00 7.43 8.13
C VAL G 546 -5.92 7.97 9.22
N PHE G 547 -6.16 7.16 10.26
CA PHE G 547 -6.96 7.67 11.37
C PHE G 547 -6.20 8.71 12.21
N MET G 548 -4.88 8.67 12.19
CA MET G 548 -4.10 9.61 13.01
C MET G 548 -3.98 10.99 12.39
N MET G 549 -3.95 11.08 11.06
CA MET G 549 -3.71 12.36 10.41
C MET G 549 -4.96 13.21 10.25
N ILE G 550 -6.13 12.69 10.60
CA ILE G 550 -7.31 13.55 10.66
C ILE G 550 -7.21 14.47 11.88
N PHE G 551 -6.64 13.97 12.98
CA PHE G 551 -6.50 14.73 14.21
C PHE G 551 -5.28 15.64 14.24
N SER G 552 -4.70 15.96 13.07
CA SER G 552 -3.48 16.76 13.04
C SER G 552 -3.75 18.22 13.33
N GLY G 553 -4.95 18.71 13.02
CA GLY G 553 -5.27 20.10 13.20
C GLY G 553 -5.47 20.88 11.93
N LEU G 554 -5.31 20.26 10.75
CA LEU G 554 -5.53 20.94 9.48
C LEU G 554 -6.89 20.61 8.88
N LEU G 555 -7.24 19.34 8.81
CA LEU G 555 -8.52 18.96 8.23
C LEU G 555 -9.68 19.24 9.16
N VAL G 556 -9.48 19.16 10.48
CA VAL G 556 -10.51 19.54 11.46
C VAL G 556 -9.93 20.59 12.38
N ASN G 557 -10.80 21.48 12.86
CA ASN G 557 -10.46 22.37 13.96
C ASN G 557 -10.64 21.58 15.25
N LEU G 558 -9.57 21.46 16.03
CA LEU G 558 -9.60 20.61 17.21
C LEU G 558 -10.41 21.18 18.36
N THR G 559 -10.87 22.43 18.27
CA THR G 559 -11.72 23.03 19.28
C THR G 559 -13.20 22.93 18.94
N THR G 560 -13.55 22.24 17.85
CA THR G 560 -14.95 22.10 17.46
C THR G 560 -15.46 20.67 17.59
N ILE G 561 -14.61 19.69 17.89
CA ILE G 561 -15.07 18.31 18.05
C ILE G 561 -15.84 18.20 19.37
N ALA G 562 -16.85 17.34 19.39
CA ALA G 562 -17.63 17.09 20.60
C ALA G 562 -16.75 16.45 21.67
N SER G 563 -17.06 16.78 22.93
CA SER G 563 -16.16 16.46 24.05
C SER G 563 -16.11 14.97 24.36
N TRP G 564 -17.07 14.18 23.89
CA TRP G 564 -16.98 12.74 24.04
C TRP G 564 -16.07 12.11 23.00
N LEU G 565 -15.57 12.89 22.04
CA LEU G 565 -14.71 12.38 20.98
C LEU G 565 -13.36 13.10 20.90
N SER G 566 -13.22 14.29 21.47
CA SER G 566 -12.01 15.06 21.30
C SER G 566 -10.82 14.52 22.10
N TRP G 567 -11.05 13.56 22.98
CA TRP G 567 -9.95 12.96 23.74
C TRP G 567 -9.10 12.03 22.88
N LEU G 568 -9.54 11.67 21.68
CA LEU G 568 -8.77 10.82 20.78
C LEU G 568 -7.58 11.53 20.18
N GLN G 569 -7.51 12.86 20.27
CA GLN G 569 -6.41 13.60 19.66
C GLN G 569 -5.09 13.43 20.39
N TYR G 570 -5.10 12.90 21.61
CA TYR G 570 -3.88 12.68 22.36
C TYR G 570 -3.15 11.41 21.94
N PHE G 571 -3.76 10.60 21.06
CA PHE G 571 -3.11 9.44 20.47
C PHE G 571 -2.65 9.72 19.05
N SER G 572 -2.15 10.92 18.79
CA SER G 572 -1.87 11.36 17.42
C SER G 572 -0.45 11.94 17.37
N ILE G 573 0.48 11.14 16.82
CA ILE G 573 1.85 11.62 16.60
C ILE G 573 1.94 12.83 15.66
N PRO G 574 1.26 12.87 14.49
CA PRO G 574 1.34 14.09 13.68
C PRO G 574 0.73 15.32 14.32
N ARG G 575 -0.17 15.15 15.31
CA ARG G 575 -0.68 16.32 16.01
C ARG G 575 0.40 17.01 16.83
N TYR G 576 1.22 16.22 17.53
CA TYR G 576 2.31 16.79 18.32
C TYR G 576 3.38 17.38 17.43
N GLY G 577 3.71 16.70 16.33
CA GLY G 577 4.68 17.25 15.39
C GLY G 577 4.22 18.53 14.71
N PHE G 578 2.97 18.54 14.25
CA PHE G 578 2.40 19.70 13.57
C PHE G 578 2.22 20.87 14.53
N THR G 579 1.83 20.60 15.77
CA THR G 579 1.67 21.67 16.75
C THR G 579 3.01 22.28 17.13
N ALA G 580 4.05 21.46 17.26
CA ALA G 580 5.37 22.01 17.56
C ALA G 580 5.92 22.83 16.40
N LEU G 581 5.72 22.36 15.16
CA LEU G 581 6.22 23.11 14.01
C LEU G 581 5.44 24.41 13.81
N GLN G 582 4.12 24.38 14.07
CA GLN G 582 3.31 25.58 13.92
C GLN G 582 3.62 26.60 15.01
N HIS G 583 3.87 26.15 16.23
CA HIS G 583 4.26 27.08 17.28
C HIS G 583 5.63 27.67 17.02
N ASN G 584 6.54 26.88 16.42
CA ASN G 584 7.85 27.41 16.10
C ASN G 584 7.80 28.41 14.95
N GLU G 585 6.90 28.20 14.00
CA GLU G 585 6.90 29.02 12.79
C GLU G 585 6.08 30.30 12.91
N PHE G 586 4.88 30.23 13.46
CA PHE G 586 3.90 31.31 13.33
C PHE G 586 4.04 32.41 14.37
N LEU G 587 4.93 32.29 15.35
CA LEU G 587 4.98 33.29 16.41
C LEU G 587 5.67 34.56 15.92
N GLY G 588 4.99 35.69 16.10
CA GLY G 588 5.56 36.98 15.76
C GLY G 588 5.48 37.35 14.30
N GLN G 589 4.47 36.86 13.60
CA GLN G 589 4.31 37.13 12.17
C GLN G 589 3.12 38.04 11.94
N ASN G 590 3.19 38.82 10.86
CA ASN G 590 2.11 39.68 10.43
C ASN G 590 1.70 39.25 9.03
N PHE G 591 0.39 39.04 8.83
CA PHE G 591 -0.09 38.52 7.57
C PHE G 591 -1.07 39.45 6.86
N CYS G 592 -1.40 40.58 7.46
CA CYS G 592 -2.20 41.59 6.77
C CYS G 592 -1.26 42.70 6.33
N PRO G 593 -0.96 42.81 5.05
CA PRO G 593 -0.02 43.86 4.61
C PRO G 593 -0.66 45.23 4.66
N GLY G 594 0.00 46.15 5.35
CA GLY G 594 -0.49 47.50 5.48
C GLY G 594 -1.23 47.77 6.77
N LEU G 595 -1.59 46.73 7.52
CA LEU G 595 -2.38 46.87 8.73
C LEU G 595 -1.61 46.35 9.93
N ASN G 596 -1.46 47.20 10.94
CA ASN G 596 -0.80 46.83 12.19
C ASN G 596 -1.87 46.41 13.18
N ALA G 597 -1.87 45.12 13.51
CA ALA G 597 -2.89 44.53 14.38
C ALA G 597 -2.32 43.94 15.65
N THR G 598 -1.17 44.43 16.11
CA THR G 598 -0.61 43.95 17.37
C THR G 598 -1.13 44.72 18.57
N GLY G 599 -1.29 46.04 18.45
CA GLY G 599 -1.86 46.81 19.55
C GLY G 599 -3.34 46.54 19.73
N ASN G 600 -4.09 46.61 18.64
CA ASN G 600 -5.48 46.17 18.61
C ASN G 600 -5.79 45.72 17.20
N ASN G 601 -6.83 44.88 17.07
CA ASN G 601 -7.28 44.46 15.76
C ASN G 601 -8.52 45.26 15.39
N PRO G 602 -8.42 46.23 14.48
CA PRO G 602 -9.63 46.87 13.98
C PRO G 602 -10.33 45.95 13.00
N CYS G 603 -11.65 45.86 13.15
CA CYS G 603 -12.52 45.07 12.28
C CYS G 603 -12.14 43.60 12.28
N ASN G 604 -12.50 42.88 13.35
CA ASN G 604 -12.15 41.48 13.54
C ASN G 604 -12.84 40.57 12.51
N TYR G 605 -12.64 39.26 12.71
CA TYR G 605 -12.63 38.24 11.66
C TYR G 605 -11.58 38.58 10.62
N ALA G 606 -10.37 38.87 11.09
CA ALA G 606 -9.30 39.35 10.23
C ALA G 606 -8.10 38.44 10.17
N THR G 607 -7.77 37.73 11.26
CA THR G 607 -6.68 36.73 11.36
C THR G 607 -5.31 37.28 10.91
N CYS G 608 -5.05 38.54 11.25
CA CYS G 608 -3.89 39.27 10.74
C CYS G 608 -2.57 38.80 11.33
N THR G 609 -2.55 38.40 12.60
CA THR G 609 -1.32 38.00 13.26
C THR G 609 -1.18 36.49 13.26
N GLY G 610 0.01 36.03 13.63
CA GLY G 610 0.23 34.61 13.78
C GLY G 610 -0.28 34.06 15.10
N GLU G 611 -0.33 34.90 16.13
CA GLU G 611 -0.87 34.48 17.42
C GLU G 611 -2.37 34.24 17.33
N GLU G 612 -3.08 35.01 16.51
CA GLU G 612 -4.50 34.77 16.31
C GLU G 612 -4.74 33.46 15.57
N TYR G 613 -3.86 33.13 14.62
CA TYR G 613 -3.97 31.84 13.95
C TYR G 613 -3.66 30.70 14.90
N LEU G 614 -2.71 30.89 15.82
CA LEU G 614 -2.37 29.82 16.74
C LEU G 614 -3.47 29.58 17.77
N VAL G 615 -4.06 30.66 18.29
CA VAL G 615 -5.12 30.51 19.29
C VAL G 615 -6.40 30.02 18.64
N LYS G 616 -6.64 30.36 17.36
CA LYS G 616 -7.81 29.84 16.66
C LYS G 616 -7.75 28.34 16.46
N GLN G 617 -6.53 27.76 16.41
CA GLN G 617 -6.35 26.33 16.27
C GLN G 617 -6.32 25.60 17.62
N GLY G 618 -6.24 26.33 18.72
CA GLY G 618 -6.17 25.71 20.03
C GLY G 618 -4.77 25.52 20.57
N ILE G 619 -3.78 26.23 20.04
CA ILE G 619 -2.39 26.05 20.45
C ILE G 619 -2.05 27.09 21.50
N ASP G 620 -1.41 26.64 22.58
CA ASP G 620 -0.96 27.54 23.63
C ASP G 620 0.17 28.43 23.12
N LEU G 621 0.23 29.65 23.66
CA LEU G 621 1.25 30.61 23.25
C LEU G 621 2.44 30.67 24.19
N SER G 622 2.35 30.02 25.34
CA SER G 622 3.45 29.97 26.28
C SER G 622 4.58 29.09 25.73
N PRO G 623 5.79 29.19 26.27
CA PRO G 623 6.85 28.27 25.85
C PRO G 623 6.72 26.85 26.40
N TRP G 624 5.59 26.48 26.99
CA TRP G 624 5.36 25.11 27.42
C TRP G 624 4.61 24.29 26.37
N GLY G 625 4.01 24.93 25.36
CA GLY G 625 3.31 24.17 24.33
C GLY G 625 4.24 23.36 23.45
N LEU G 626 5.33 23.99 23.01
CA LEU G 626 6.35 23.36 22.17
C LEU G 626 6.99 22.15 22.88
N TRP G 627 7.51 22.37 24.07
CA TRP G 627 8.18 21.28 24.76
C TRP G 627 7.20 20.30 25.39
N LYS G 628 5.94 20.69 25.54
CA LYS G 628 4.89 19.73 25.90
C LYS G 628 4.70 18.71 24.79
N ASN G 629 4.68 19.19 23.53
CA ASN G 629 4.62 18.27 22.41
C ASN G 629 5.85 17.37 22.34
N HIS G 630 7.01 17.93 22.65
CA HIS G 630 8.24 17.13 22.59
C HIS G 630 8.28 16.04 23.67
N VAL G 631 7.84 16.35 24.90
CA VAL G 631 7.87 15.31 25.93
C VAL G 631 6.77 14.29 25.70
N ALA G 632 5.66 14.67 25.04
CA ALA G 632 4.67 13.66 24.64
C ALA G 632 5.26 12.70 23.61
N LEU G 633 6.06 13.21 22.67
CA LEU G 633 6.70 12.34 21.70
C LEU G 633 7.74 11.42 22.35
N ALA G 634 8.48 11.93 23.34
CA ALA G 634 9.47 11.09 24.04
C ALA G 634 8.81 9.97 24.83
N CYS G 635 7.69 10.27 25.50
CA CYS G 635 6.96 9.23 26.22
C CYS G 635 6.38 8.19 25.28
N MET G 636 5.91 8.61 24.09
CA MET G 636 5.42 7.65 23.11
C MET G 636 6.54 6.75 22.60
N ILE G 637 7.75 7.30 22.41
CA ILE G 637 8.91 6.52 22.00
C ILE G 637 9.22 5.44 23.03
N VAL G 638 9.28 5.82 24.31
CA VAL G 638 9.66 4.88 25.37
C VAL G 638 8.61 3.78 25.53
N ILE G 639 7.32 4.16 25.48
CA ILE G 639 6.25 3.18 25.66
C ILE G 639 6.21 2.19 24.49
N PHE G 640 6.35 2.67 23.25
CA PHE G 640 6.29 1.77 22.11
C PHE G 640 7.51 0.87 22.01
N LEU G 641 8.70 1.35 22.40
CA LEU G 641 9.87 0.48 22.38
C LEU G 641 9.78 -0.58 23.48
N THR G 642 9.21 -0.23 24.64
CA THR G 642 9.03 -1.23 25.69
C THR G 642 8.01 -2.29 25.28
N ILE G 643 6.95 -1.89 24.57
CA ILE G 643 5.97 -2.85 24.09
C ILE G 643 6.59 -3.77 23.04
N ALA G 644 7.44 -3.23 22.17
CA ALA G 644 8.11 -4.07 21.17
C ALA G 644 9.09 -5.06 21.81
N TYR G 645 9.81 -4.62 22.85
CA TYR G 645 10.73 -5.52 23.54
C TYR G 645 9.98 -6.61 24.29
N LEU G 646 8.86 -6.28 24.92
CA LEU G 646 8.08 -7.31 25.60
C LEU G 646 7.38 -8.24 24.63
N LYS G 647 7.10 -7.77 23.40
CA LYS G 647 6.56 -8.68 22.39
C LYS G 647 7.62 -9.61 21.85
N LEU G 648 8.87 -9.16 21.78
CA LEU G 648 9.95 -10.07 21.37
C LEU G 648 10.29 -11.06 22.46
N LEU G 649 10.31 -10.61 23.72
CA LEU G 649 10.73 -11.48 24.82
C LEU G 649 9.69 -12.57 25.12
N PHE G 650 8.41 -12.27 24.90
CA PHE G 650 7.34 -13.23 25.15
C PHE G 650 6.96 -14.00 23.91
N LEU G 651 7.87 -14.15 22.95
CA LEU G 651 7.58 -14.82 21.70
C LEU G 651 7.57 -16.33 21.92
N LYS G 652 6.93 -17.04 21.01
CA LYS G 652 6.92 -18.50 21.08
C LYS G 652 8.21 -19.04 20.48
N LYS G 653 9.26 -19.13 21.28
CA LYS G 653 10.60 -19.41 20.76
C LYS G 653 10.92 -20.90 20.83
N TYR G 654 10.18 -21.68 20.03
CA TYR G 654 10.40 -23.11 19.95
C TYR G 654 10.05 -23.64 18.56
C1 NAG H . -27.28 42.50 3.44
C2 NAG H . -28.67 41.85 3.45
C3 NAG H . -29.35 41.97 2.07
C4 NAG H . -29.26 43.37 1.50
C5 NAG H . -27.83 43.89 1.58
C6 NAG H . -27.68 45.33 1.14
C7 NAG H . -29.57 39.70 4.28
C8 NAG H . -29.24 38.28 4.60
N2 NAG H . -28.56 40.45 3.83
O3 NAG H . -30.72 41.61 2.19
O4 NAG H . -29.64 43.33 0.13
O5 NAG H . -27.38 43.83 2.93
O6 NAG H . -26.62 45.98 1.82
O7 NAG H . -30.71 40.15 4.39
C1 NAG H . -30.89 44.02 -0.13
C2 NAG H . -31.21 43.85 -1.61
C3 NAG H . -32.53 44.53 -1.94
C4 NAG H . -33.64 44.04 -1.02
C5 NAG H . -33.22 44.18 0.44
C6 NAG H . -34.21 43.59 1.41
C7 NAG H . -29.16 43.62 -2.94
C8 NAG H . -28.13 44.33 -3.77
N2 NAG H . -30.13 44.38 -2.44
O3 NAG H . -32.87 44.26 -3.30
O4 NAG H . -34.82 44.79 -1.23
O5 NAG H . -31.97 43.50 0.66
O6 NAG H . -33.73 43.62 2.74
O7 NAG H . -29.10 42.41 -2.72
C1 NAG I . 1.90 48.48 15.96
C2 NAG I . 3.43 48.70 15.92
C3 NAG I . 4.02 48.64 17.34
C4 NAG I . 3.23 49.48 18.34
C5 NAG I . 1.74 49.17 18.24
C6 NAG I . 0.88 50.05 19.10
C7 NAG I . 5.28 47.81 14.55
C8 NAG I . 5.74 46.65 13.72
N2 NAG I . 4.06 47.70 15.07
O3 NAG I . 5.36 49.12 17.30
O4 NAG I . 3.67 49.16 19.65
O5 NAG I . 1.31 49.38 16.89
O6 NAG I . -0.41 50.23 18.54
O7 NAG I . 5.99 48.79 14.75
C1 NAG I . 4.37 50.24 20.29
C2 NAG I . 4.82 49.75 21.67
C3 NAG I . 5.59 50.85 22.39
C4 NAG I . 6.73 51.37 21.52
C5 NAG I . 6.20 51.79 20.15
C6 NAG I . 7.30 52.20 19.19
C7 NAG I . 3.31 48.02 22.53
C8 NAG I . 2.12 47.73 23.40
N2 NAG I . 3.70 49.30 22.47
O3 NAG I . 6.12 50.33 23.60
O4 NAG I . 7.34 52.50 22.15
O5 NAG I . 5.50 50.70 19.54
O6 NAG I . 6.78 52.45 17.89
O7 NAG I . 3.89 47.14 21.92
#